data_8OSH
#
_entry.id   8OSH
#
_cell.length_a   1.00
_cell.length_b   1.00
_cell.length_c   1.00
_cell.angle_alpha   90.00
_cell.angle_beta   90.00
_cell.angle_gamma   90.00
#
_symmetry.space_group_name_H-M   'P 1'
#
_entity_poly.entity_id   1
_entity_poly.type   'polypeptide(L)'
_entity_poly.pdbx_seq_one_letter_code
;MHHHHHHTPTAQTTASARRVVFPFTAIVGQEEMKLALLLNVIDPKIGGVMIMGDRGTGKSTTIRALADLLPEIPVVANDP
FNSDPSDPDLMSDEVRQKSGTGAEIPIEFKKVQMVDLPLGATEDRVCGTIDIEKALSEGVKAFEPGLLAKANRGILYVDE
VNLLDDHLVDVLLDSAASGWNTVEREGISIRHPARFVLVGSGNPEEGELRPQLLDRFGMHAEIHTVKEPALRVQIVEQRS
EFDQNPPTFLEKYNPEQTALQKKIVEAQKLLPEVKLDYDLRVKISEVCSELDVDGLRGDIVTNRAAKALTAYEGRTEVTV
DDIRRVITLCLRHRLRKDPLESIDSGYKVEKVFARIFGVELLEDDSSQKNGAGQIKTGVR
;
_entity_poly.pdbx_strand_id   A,B,C,D,E
#
# COMPACT_ATOMS: atom_id res chain seq x y z
N VAL A 20 -36.06 30.65 14.55
CA VAL A 20 -35.60 31.59 13.53
C VAL A 20 -34.14 31.95 13.78
N VAL A 21 -33.49 32.52 12.76
CA VAL A 21 -32.09 32.90 12.83
C VAL A 21 -31.94 34.33 12.34
N PHE A 22 -30.71 34.81 12.27
CA PHE A 22 -30.47 36.16 11.79
C PHE A 22 -30.90 36.27 10.33
N PRO A 23 -31.38 37.44 9.90
CA PRO A 23 -31.87 37.57 8.52
C PRO A 23 -30.72 37.49 7.52
N PHE A 24 -31.05 37.11 6.28
CA PHE A 24 -30.05 37.00 5.23
C PHE A 24 -29.41 38.36 4.94
N THR A 25 -30.22 39.39 4.72
CA THR A 25 -29.69 40.73 4.50
C THR A 25 -29.05 41.30 5.75
N ALA A 26 -29.36 40.78 6.93
CA ALA A 26 -28.76 41.28 8.16
C ALA A 26 -27.25 41.03 8.16
N ILE A 27 -26.79 40.01 7.44
CA ILE A 27 -25.36 39.74 7.36
C ILE A 27 -24.68 40.87 6.62
N VAL A 28 -23.60 41.38 7.20
CA VAL A 28 -22.85 42.50 6.63
C VAL A 28 -21.48 42.00 6.20
N GLY A 29 -21.09 42.33 4.97
CA GLY A 29 -19.82 41.91 4.42
C GLY A 29 -19.95 40.68 3.55
N GLN A 30 -18.79 40.27 3.01
CA GLN A 30 -18.70 39.12 2.13
C GLN A 30 -19.65 39.24 0.94
N GLU A 31 -19.69 40.42 0.33
CA GLU A 31 -20.58 40.64 -0.81
C GLU A 31 -20.23 39.72 -1.97
N GLU A 32 -18.94 39.48 -2.20
CA GLU A 32 -18.53 38.55 -3.26
C GLU A 32 -19.06 37.15 -2.97
N MET A 33 -18.92 36.69 -1.72
CA MET A 33 -19.44 35.38 -1.37
C MET A 33 -20.96 35.33 -1.50
N LYS A 34 -21.64 36.41 -1.11
CA LYS A 34 -23.09 36.46 -1.23
C LYS A 34 -23.52 36.38 -2.68
N LEU A 35 -22.84 37.08 -3.57
CA LEU A 35 -23.18 37.03 -4.99
C LEU A 35 -23.00 35.62 -5.55
N ALA A 36 -21.92 34.94 -5.17
CA ALA A 36 -21.66 33.61 -5.68
C ALA A 36 -22.66 32.59 -5.13
N LEU A 37 -22.95 32.66 -3.83
CA LEU A 37 -23.79 31.64 -3.20
C LEU A 37 -25.19 31.61 -3.79
N LEU A 38 -25.77 32.79 -4.04
CA LEU A 38 -27.10 32.87 -4.63
C LEU A 38 -27.16 32.27 -6.02
N LEU A 39 -26.07 32.34 -6.78
CA LEU A 39 -26.07 31.80 -8.14
C LEU A 39 -26.32 30.30 -8.14
N ASN A 40 -25.70 29.56 -7.20
CA ASN A 40 -25.88 28.11 -7.17
C ASN A 40 -27.33 27.74 -6.93
N VAL A 41 -28.00 28.43 -6.01
CA VAL A 41 -29.42 28.16 -5.78
C VAL A 41 -30.25 28.63 -6.96
N ILE A 42 -29.80 29.67 -7.66
CA ILE A 42 -30.57 30.22 -8.78
C ILE A 42 -30.71 29.18 -9.89
N ASP A 43 -29.63 28.47 -10.16
CA ASP A 43 -29.65 27.43 -11.23
C ASP A 43 -28.91 26.17 -10.70
N PRO A 44 -29.56 25.00 -10.66
CA PRO A 44 -28.86 23.78 -10.24
C PRO A 44 -27.68 23.49 -11.18
N LYS A 45 -27.75 24.01 -12.41
CA LYS A 45 -26.65 23.80 -13.40
C LYS A 45 -25.34 24.34 -12.81
N ILE A 46 -25.43 25.31 -11.90
CA ILE A 46 -24.20 25.90 -11.28
C ILE A 46 -23.32 24.76 -10.79
N GLY A 47 -22.03 24.78 -11.16
CA GLY A 47 -21.10 23.70 -10.78
C GLY A 47 -21.01 23.51 -9.27
N GLY A 48 -20.96 24.62 -8.52
CA GLY A 48 -20.80 24.52 -7.05
C GLY A 48 -19.84 25.54 -6.46
N VAL A 49 -20.11 25.96 -5.22
CA VAL A 49 -19.11 26.86 -4.66
C VAL A 49 -18.27 26.12 -3.62
N MET A 50 -17.06 26.63 -3.40
CA MET A 50 -16.18 26.14 -2.35
C MET A 50 -15.63 27.34 -1.59
N ILE A 51 -15.58 27.22 -0.26
CA ILE A 51 -15.20 28.33 0.60
C ILE A 51 -14.15 27.85 1.59
N MET A 52 -13.15 28.69 1.83
CA MET A 52 -12.14 28.47 2.86
C MET A 52 -12.12 29.67 3.79
N GLY A 53 -11.24 29.61 4.80
CA GLY A 53 -11.17 30.70 5.79
C GLY A 53 -11.38 30.18 7.20
N ASP A 54 -10.32 30.07 7.99
CA ASP A 54 -10.42 29.52 9.37
C ASP A 54 -11.19 30.51 10.26
N ARG A 55 -11.63 30.04 11.43
CA ARG A 55 -12.37 30.93 12.38
C ARG A 55 -13.59 31.52 11.67
N GLY A 56 -14.51 30.67 11.19
CA GLY A 56 -15.73 31.15 10.51
C GLY A 56 -16.52 32.07 11.41
N THR A 57 -16.55 31.80 12.72
CA THR A 57 -17.26 32.68 13.69
C THR A 57 -18.69 32.92 13.21
N GLY A 58 -19.43 31.85 12.91
CA GLY A 58 -20.83 31.98 12.44
C GLY A 58 -21.01 31.35 11.07
N LYS A 59 -20.04 30.55 10.63
CA LYS A 59 -20.13 29.90 9.33
C LYS A 59 -21.50 29.26 9.13
N SER A 60 -22.04 28.66 10.19
CA SER A 60 -23.35 28.02 10.09
C SER A 60 -24.42 29.03 9.71
N THR A 61 -24.43 30.19 10.36
CA THR A 61 -25.36 31.25 9.99
C THR A 61 -25.08 31.80 8.60
N THR A 62 -23.82 31.77 8.16
CA THR A 62 -23.49 32.30 6.84
C THR A 62 -24.14 31.47 5.73
N ILE A 63 -24.56 30.25 6.05
CA ILE A 63 -25.20 29.38 5.08
C ILE A 63 -26.68 29.25 5.42
N ARG A 64 -27.03 29.55 6.68
CA ARG A 64 -28.42 29.49 7.10
C ARG A 64 -29.27 30.52 6.38
N ALA A 65 -28.65 31.54 5.77
CA ALA A 65 -29.41 32.56 5.06
C ALA A 65 -30.20 31.98 3.89
N LEU A 66 -29.60 31.08 3.11
CA LEU A 66 -30.29 30.52 1.96
C LEU A 66 -31.45 29.63 2.38
N ALA A 67 -31.46 29.16 3.63
CA ALA A 67 -32.52 28.29 4.10
C ALA A 67 -33.88 28.98 4.06
N ASP A 68 -33.95 30.23 4.50
CA ASP A 68 -35.23 30.92 4.53
C ASP A 68 -35.66 31.35 3.14
N LEU A 69 -34.72 31.76 2.31
CA LEU A 69 -35.02 32.29 0.98
C LEU A 69 -35.36 31.15 0.04
N LEU A 70 -36.57 30.62 0.14
CA LEU A 70 -37.03 29.57 -0.75
C LEU A 70 -38.55 29.48 -0.74
N PRO A 71 -39.21 29.55 -1.89
CA PRO A 71 -40.66 29.36 -1.91
C PRO A 71 -41.04 27.94 -1.54
N GLU A 72 -42.18 27.80 -0.87
CA GLU A 72 -42.68 26.50 -0.47
C GLU A 72 -43.02 25.66 -1.69
N ILE A 73 -42.62 24.39 -1.66
CA ILE A 73 -42.87 23.47 -2.77
C ILE A 73 -43.40 22.17 -2.24
N PRO A 74 -44.32 21.50 -2.96
CA PRO A 74 -44.78 20.17 -2.52
C PRO A 74 -43.60 19.19 -2.53
N VAL A 75 -43.06 18.89 -1.34
CA VAL A 75 -41.90 17.94 -1.24
C VAL A 75 -42.16 16.95 -0.10
N VAL A 76 -41.40 15.86 -0.05
CA VAL A 76 -41.54 14.85 1.04
C VAL A 76 -43.02 14.45 1.16
N ALA A 77 -43.63 14.03 0.06
CA ALA A 77 -45.07 13.66 0.07
C ALA A 77 -45.23 12.20 0.50
N ASN A 78 -45.50 11.97 1.80
CA ASN A 78 -45.72 10.62 2.29
C ASN A 78 -44.60 9.67 1.87
N ASP A 79 -43.47 10.21 1.44
CA ASP A 79 -42.33 9.41 1.03
C ASP A 79 -41.19 9.67 2.01
N PRO A 80 -40.68 8.66 2.71
CA PRO A 80 -39.59 8.90 3.66
C PRO A 80 -38.25 9.04 2.96
N PHE A 81 -38.20 9.82 1.88
CA PHE A 81 -36.96 10.06 1.16
C PHE A 81 -36.72 11.52 0.80
N ASN A 82 -37.73 12.37 0.93
CA ASN A 82 -37.60 13.80 0.62
C ASN A 82 -37.10 14.04 -0.80
N ILE A 105 -51.87 10.60 -2.72
CA ILE A 105 -52.28 11.29 -1.51
C ILE A 105 -52.01 12.78 -1.63
N PRO A 106 -52.43 13.55 -0.63
CA PRO A 106 -52.18 15.00 -0.66
C PRO A 106 -50.70 15.31 -0.58
N ILE A 107 -50.31 16.44 -1.19
CA ILE A 107 -48.93 16.88 -1.23
C ILE A 107 -48.81 18.15 -0.39
N GLU A 108 -47.91 18.12 0.60
CA GLU A 108 -47.70 19.29 1.44
C GLU A 108 -46.61 20.18 0.84
N PHE A 109 -46.94 21.46 0.69
CA PHE A 109 -46.03 22.45 0.11
C PHE A 109 -44.96 22.76 1.15
N LYS A 110 -43.96 21.88 1.24
CA LYS A 110 -42.88 22.05 2.20
C LYS A 110 -42.13 23.34 1.90
N LYS A 111 -41.85 24.12 2.94
CA LYS A 111 -41.18 25.40 2.76
C LYS A 111 -39.72 25.21 2.37
N VAL A 112 -38.93 24.60 3.24
CA VAL A 112 -37.51 24.40 2.99
C VAL A 112 -36.95 23.36 3.96
N GLN A 113 -35.83 22.75 3.58
CA GLN A 113 -35.15 21.79 4.44
C GLN A 113 -33.72 21.63 3.93
N MET A 114 -32.77 21.64 4.86
CA MET A 114 -31.37 21.51 4.50
C MET A 114 -30.55 21.19 5.74
N VAL A 115 -29.52 20.36 5.58
CA VAL A 115 -28.58 20.05 6.66
C VAL A 115 -27.23 20.65 6.27
N ASP A 116 -26.27 20.49 7.16
CA ASP A 116 -24.93 21.06 6.96
C ASP A 116 -23.88 20.00 6.70
N LEU A 117 -23.65 19.10 7.65
CA LEU A 117 -22.60 18.09 7.52
C LEU A 117 -22.62 17.12 8.69
N PRO A 118 -21.91 16.00 8.60
CA PRO A 118 -21.80 15.10 9.76
C PRO A 118 -20.60 15.44 10.62
N LEU A 119 -20.43 14.72 11.71
CA LEU A 119 -19.30 14.95 12.61
C LEU A 119 -17.97 14.59 11.94
N THR A 122 -20.61 6.57 9.80
CA THR A 122 -20.07 5.43 9.09
C THR A 122 -20.44 5.49 7.61
N GLU A 123 -19.65 4.82 6.77
CA GLU A 123 -19.94 4.80 5.34
C GLU A 123 -21.28 4.17 5.03
N ASP A 124 -21.61 3.05 5.69
CA ASP A 124 -22.96 2.50 5.57
C ASP A 124 -23.99 3.49 6.09
N ARG A 125 -23.69 4.12 7.23
CA ARG A 125 -24.53 5.21 7.71
C ARG A 125 -24.53 6.39 6.76
N VAL A 126 -23.43 6.62 6.06
CA VAL A 126 -23.36 7.73 5.10
C VAL A 126 -24.28 7.47 3.92
N CYS A 127 -24.40 6.21 3.50
CA CYS A 127 -25.15 5.86 2.30
C CYS A 127 -26.46 5.15 2.61
N GLY A 128 -26.39 4.04 3.34
CA GLY A 128 -27.57 3.26 3.66
C GLY A 128 -27.20 1.83 4.02
N THR A 129 -28.23 1.01 4.15
CA THR A 129 -28.06 -0.38 4.53
C THR A 129 -29.12 -1.23 3.82
N ILE A 130 -28.83 -2.51 3.68
CA ILE A 130 -29.73 -3.45 3.03
C ILE A 130 -30.00 -4.64 3.94
N PHE A 143 -34.10 -2.46 3.28
CA PHE A 143 -33.51 -1.27 2.68
C PHE A 143 -33.55 -0.10 3.64
N GLU A 144 -32.46 0.07 4.40
CA GLU A 144 -32.37 1.15 5.37
C GLU A 144 -31.64 2.34 4.75
N PRO A 145 -32.30 3.49 4.62
CA PRO A 145 -31.60 4.66 4.09
C PRO A 145 -30.59 5.19 5.09
N GLY A 146 -29.56 5.88 4.58
CA GLY A 146 -28.54 6.48 5.46
C GLY A 146 -28.63 7.99 5.45
N LEU A 147 -27.53 8.67 5.80
CA LEU A 147 -27.52 10.16 5.82
C LEU A 147 -27.72 10.69 4.40
N LEU A 148 -27.32 9.93 3.39
CA LEU A 148 -27.48 10.37 1.98
C LEU A 148 -28.91 10.07 1.51
N ALA A 149 -29.90 10.29 2.38
CA ALA A 149 -31.31 10.00 2.02
C ALA A 149 -32.21 11.19 2.38
N LYS A 150 -31.61 12.32 2.76
CA LYS A 150 -32.41 13.49 3.21
C LYS A 150 -31.98 14.73 2.40
N ALA A 151 -30.75 14.73 1.88
CA ALA A 151 -30.26 15.85 1.05
C ALA A 151 -31.11 15.94 -0.21
N ASN A 152 -31.94 14.91 -0.47
CA ASN A 152 -32.82 14.90 -1.66
C ASN A 152 -33.48 16.28 -1.82
N ARG A 153 -33.42 16.85 -3.03
CA ARG A 153 -34.02 18.15 -3.30
C ARG A 153 -33.57 19.17 -2.26
N GLY A 154 -32.29 19.12 -1.87
CA GLY A 154 -31.74 20.00 -0.88
C GLY A 154 -30.27 20.29 -1.15
N ILE A 155 -29.57 20.67 -0.09
CA ILE A 155 -28.15 21.03 -0.17
C ILE A 155 -27.52 20.82 1.20
N LEU A 156 -26.23 20.51 1.21
CA LEU A 156 -25.48 20.32 2.45
C LEU A 156 -24.10 20.95 2.31
N TYR A 157 -23.56 21.39 3.44
CA TYR A 157 -22.26 22.05 3.48
C TYR A 157 -21.15 21.01 3.46
N VAL A 158 -19.91 21.49 3.39
CA VAL A 158 -18.74 20.63 3.34
C VAL A 158 -17.83 20.94 4.51
N ASP A 159 -18.42 21.28 5.65
CA ASP A 159 -17.67 21.65 6.83
C ASP A 159 -16.68 20.55 7.22
N GLU A 160 -15.48 20.97 7.60
CA GLU A 160 -14.36 20.12 7.99
C GLU A 160 -13.87 19.22 6.87
N VAL A 161 -14.00 19.63 5.60
CA VAL A 161 -13.53 18.82 4.49
C VAL A 161 -12.01 18.86 4.34
N ASN A 162 -11.33 19.79 5.01
CA ASN A 162 -9.88 19.86 4.92
C ASN A 162 -9.24 18.56 5.42
N LEU A 163 -9.74 18.04 6.54
CA LEU A 163 -9.36 16.71 7.00
C LEU A 163 -10.19 15.63 6.31
N LEU A 164 -11.51 15.65 6.53
CA LEU A 164 -12.45 14.72 5.93
C LEU A 164 -11.94 13.28 5.92
N ASP A 165 -12.13 12.58 4.80
CA ASP A 165 -11.63 11.21 4.66
C ASP A 165 -11.58 10.85 3.20
N ASP A 166 -10.36 10.60 2.72
CA ASP A 166 -10.17 10.13 1.35
C ASP A 166 -10.76 8.75 1.17
N HIS A 167 -11.24 8.48 -0.05
CA HIS A 167 -11.93 7.25 -0.42
C HIS A 167 -13.25 7.09 0.32
N LEU A 168 -13.61 8.02 1.18
CA LEU A 168 -14.89 8.09 1.85
C LEU A 168 -15.73 9.26 1.38
N VAL A 169 -15.14 10.45 1.30
CA VAL A 169 -15.81 11.59 0.68
C VAL A 169 -15.43 11.55 -0.80
N ASP A 170 -16.13 10.69 -1.54
CA ASP A 170 -15.97 10.60 -2.99
C ASP A 170 -17.34 10.43 -3.61
N VAL A 171 -18.28 9.90 -2.83
CA VAL A 171 -19.65 9.75 -3.30
C VAL A 171 -20.26 11.12 -3.57
N LEU A 172 -19.82 12.15 -2.86
CA LEU A 172 -20.25 13.51 -3.14
C LEU A 172 -19.89 13.96 -4.54
N LEU A 173 -18.65 13.75 -4.97
CA LEU A 173 -18.30 14.01 -6.36
C LEU A 173 -19.09 13.11 -7.29
N ASP A 174 -19.21 11.82 -6.93
CA ASP A 174 -20.01 10.89 -7.72
C ASP A 174 -21.48 10.97 -7.31
N SER A 175 -22.02 12.20 -7.25
CA SER A 175 -23.43 12.39 -6.92
C SER A 175 -24.15 13.33 -7.86
N ALA A 176 -23.45 14.21 -8.58
CA ALA A 176 -24.10 15.10 -9.53
C ALA A 176 -24.78 14.29 -10.61
N ALA A 177 -26.02 14.64 -10.93
CA ALA A 177 -26.84 13.96 -11.93
C ALA A 177 -26.97 12.46 -11.67
N SER A 178 -27.04 12.06 -10.39
CA SER A 178 -27.18 10.65 -10.08
C SER A 178 -28.52 10.10 -10.56
N GLY A 179 -29.61 10.79 -10.21
CA GLY A 179 -30.94 10.39 -10.64
C GLY A 179 -31.47 9.17 -9.92
N TRP A 180 -30.59 8.42 -9.27
CA TRP A 180 -30.95 7.22 -8.53
C TRP A 180 -29.77 6.83 -7.65
N ASN A 181 -29.87 5.65 -7.05
CA ASN A 181 -28.79 5.10 -6.25
C ASN A 181 -28.54 3.66 -6.67
N THR A 182 -27.58 3.03 -6.01
CA THR A 182 -27.22 1.64 -6.33
C THR A 182 -26.58 0.96 -5.12
N ILE A 190 -31.81 -0.99 -5.03
CA ILE A 190 -31.93 0.23 -4.23
C ILE A 190 -31.50 1.44 -5.04
N ARG A 191 -32.47 2.16 -5.59
CA ARG A 191 -32.22 3.34 -6.42
C ARG A 191 -32.98 4.53 -5.84
N HIS A 192 -32.31 5.30 -4.98
CA HIS A 192 -32.87 6.49 -4.39
C HIS A 192 -32.42 7.72 -5.17
N PRO A 193 -33.34 8.48 -5.77
CA PRO A 193 -32.93 9.65 -6.55
C PRO A 193 -32.17 10.65 -5.70
N ALA A 194 -31.16 11.27 -6.30
CA ALA A 194 -30.29 12.22 -5.60
C ALA A 194 -30.02 13.40 -6.53
N ARG A 195 -30.37 14.61 -6.06
CA ARG A 195 -30.12 15.83 -6.81
C ARG A 195 -29.65 16.95 -5.87
N PHE A 196 -28.94 16.61 -4.81
CA PHE A 196 -28.55 17.57 -3.81
C PHE A 196 -27.49 18.52 -4.34
N VAL A 197 -27.41 19.70 -3.72
CA VAL A 197 -26.36 20.67 -3.98
C VAL A 197 -25.34 20.56 -2.87
N LEU A 198 -24.15 21.13 -3.11
CA LEU A 198 -23.06 21.08 -2.16
C LEU A 198 -22.32 22.41 -2.14
N VAL A 199 -21.97 22.86 -0.94
CA VAL A 199 -21.23 24.10 -0.74
C VAL A 199 -19.91 23.72 -0.08
N GLY A 200 -18.79 23.98 -0.75
CA GLY A 200 -17.50 23.64 -0.19
C GLY A 200 -17.13 24.52 0.99
N SER A 201 -16.69 23.85 2.06
CA SER A 201 -16.28 24.54 3.28
C SER A 201 -14.90 24.03 3.70
N GLY A 202 -13.87 24.66 3.14
CA GLY A 202 -12.51 24.29 3.47
C GLY A 202 -11.99 25.13 4.61
N ASN A 203 -10.75 24.82 5.01
CA ASN A 203 -10.11 25.50 6.13
C ASN A 203 -8.73 25.95 5.71
N PRO A 204 -8.42 27.25 5.80
CA PRO A 204 -7.06 27.71 5.47
C PRO A 204 -6.02 27.15 6.41
N GLU A 205 -4.79 26.97 5.91
CA GLU A 205 -3.66 26.49 6.70
C GLU A 205 -3.88 25.07 7.21
N GLU A 206 -4.95 24.43 6.77
CA GLU A 206 -5.23 23.05 7.13
C GLU A 206 -4.89 22.06 6.02
N GLY A 207 -4.13 22.52 5.03
CA GLY A 207 -3.70 21.63 3.93
C GLY A 207 -4.69 21.61 2.78
N GLU A 208 -4.21 21.40 1.55
CA GLU A 208 -5.09 21.35 0.36
C GLU A 208 -4.58 20.27 -0.60
N LEU A 209 -4.74 19.00 -0.22
CA LEU A 209 -4.26 17.88 -1.08
C LEU A 209 -5.32 17.57 -2.14
N ARG A 210 -5.51 18.48 -3.10
CA ARG A 210 -6.48 18.27 -4.19
C ARG A 210 -5.83 18.62 -5.53
N PRO A 211 -4.86 17.83 -6.04
CA PRO A 211 -4.31 18.11 -7.37
C PRO A 211 -5.48 18.34 -8.32
N GLN A 212 -6.38 17.37 -8.44
CA GLN A 212 -7.59 17.53 -9.29
C GLN A 212 -8.81 17.01 -8.52
N LEU A 213 -8.58 16.51 -7.30
CA LEU A 213 -9.70 15.94 -6.49
C LEU A 213 -10.76 17.02 -6.24
N LEU A 214 -10.33 18.19 -5.76
CA LEU A 214 -11.29 19.30 -5.49
C LEU A 214 -11.40 20.19 -6.73
N ASP A 215 -10.61 19.92 -7.77
CA ASP A 215 -10.71 20.70 -9.03
C ASP A 215 -12.20 20.80 -9.40
N ARG A 216 -13.00 19.80 -9.00
CA ARG A 216 -14.45 19.83 -9.27
C ARG A 216 -15.04 21.17 -8.79
N PHE A 217 -14.35 21.85 -7.88
CA PHE A 217 -14.83 23.14 -7.32
C PHE A 217 -15.12 24.11 -8.47
N GLY A 218 -16.18 24.92 -8.33
CA GLY A 218 -16.54 25.90 -9.38
C GLY A 218 -16.36 27.32 -8.91
N MET A 219 -17.22 27.80 -8.02
CA MET A 219 -17.14 29.19 -7.50
C MET A 219 -16.17 29.20 -6.30
N HIS A 220 -14.87 29.06 -6.56
CA HIS A 220 -13.86 29.02 -5.48
C HIS A 220 -13.64 30.44 -4.93
N ALA A 221 -13.95 30.66 -3.65
CA ALA A 221 -13.73 31.98 -3.02
C ALA A 221 -13.56 31.81 -1.50
N GLU A 222 -13.20 32.89 -0.80
CA GLU A 222 -13.02 32.81 0.64
C GLU A 222 -13.05 34.23 1.20
N ILE A 223 -13.39 34.34 2.49
CA ILE A 223 -13.50 35.62 3.18
C ILE A 223 -12.11 36.15 3.46
N HIS A 224 -11.89 37.43 3.19
CA HIS A 224 -10.58 38.06 3.37
C HIS A 224 -10.72 39.42 4.04
N THR A 225 -11.55 39.51 5.07
CA THR A 225 -11.65 40.74 5.85
C THR A 225 -10.35 40.98 6.60
N VAL A 226 -9.97 42.25 6.73
CA VAL A 226 -8.68 42.59 7.33
C VAL A 226 -8.84 43.32 8.65
N LYS A 227 -9.35 44.56 8.59
CA LYS A 227 -9.51 45.36 9.80
C LYS A 227 -10.97 45.70 10.09
N GLU A 228 -11.65 46.37 9.16
CA GLU A 228 -13.04 46.80 9.26
C GLU A 228 -13.40 47.27 10.67
N PRO A 229 -12.57 48.10 11.29
CA PRO A 229 -12.79 48.41 12.73
C PRO A 229 -14.15 49.00 13.03
N ALA A 230 -14.51 50.12 12.40
CA ALA A 230 -15.84 50.68 12.59
C ALA A 230 -16.90 49.71 12.09
N LEU A 231 -16.64 49.07 10.95
CA LEU A 231 -17.57 48.07 10.44
C LEU A 231 -17.71 46.89 11.40
N ARG A 232 -16.60 46.43 11.99
CA ARG A 232 -16.68 45.34 12.94
C ARG A 232 -17.47 45.75 14.17
N VAL A 233 -17.27 46.97 14.65
CA VAL A 233 -18.02 47.44 15.81
C VAL A 233 -19.51 47.49 15.49
N GLN A 234 -19.86 48.02 14.32
CA GLN A 234 -21.26 48.08 13.91
C GLN A 234 -21.86 46.69 13.79
N ILE A 235 -21.09 45.75 13.23
CA ILE A 235 -21.56 44.38 13.08
C ILE A 235 -21.80 43.76 14.44
N VAL A 236 -20.88 43.97 15.39
CA VAL A 236 -21.04 43.40 16.72
C VAL A 236 -22.27 43.98 17.40
N GLU A 237 -22.46 45.29 17.28
CA GLU A 237 -23.63 45.92 17.89
C GLU A 237 -24.92 45.39 17.28
N GLN A 238 -24.98 45.25 15.95
CA GLN A 238 -26.16 44.73 15.31
C GLN A 238 -26.43 43.30 15.73
N ARG A 239 -25.38 42.49 15.83
CA ARG A 239 -25.54 41.11 16.27
C ARG A 239 -26.07 41.05 17.69
N SER A 240 -25.53 41.88 18.58
CA SER A 240 -26.01 41.91 19.96
C SER A 240 -27.47 42.32 20.01
N GLU A 241 -27.84 43.34 19.23
CA GLU A 241 -29.22 43.78 19.20
C GLU A 241 -30.15 42.69 18.70
N PHE A 242 -29.75 42.00 17.64
CA PHE A 242 -30.58 40.93 17.07
C PHE A 242 -30.74 39.78 18.06
N ASP A 243 -29.64 39.38 18.70
CA ASP A 243 -29.69 38.30 19.67
C ASP A 243 -30.43 38.65 20.94
N GLN A 244 -30.51 39.94 21.28
CA GLN A 244 -31.23 40.34 22.48
C GLN A 244 -32.70 39.98 22.40
N ASN A 245 -33.33 40.26 21.25
CA ASN A 245 -34.75 39.97 21.09
C ASN A 245 -35.09 39.84 19.61
N PRO A 246 -35.24 38.63 19.08
CA PRO A 246 -35.68 38.47 17.69
C PRO A 246 -37.04 39.08 17.48
N PRO A 247 -37.85 39.18 18.54
CA PRO A 247 -39.13 39.87 18.44
C PRO A 247 -38.92 41.32 17.99
N THR A 248 -39.56 41.66 16.87
CA THR A 248 -39.48 42.96 16.20
C THR A 248 -38.13 43.14 15.55
N PHE A 249 -37.16 42.27 15.88
CA PHE A 249 -35.95 42.23 15.08
C PHE A 249 -36.24 41.63 13.72
N LEU A 250 -37.21 40.71 13.67
CA LEU A 250 -37.72 40.24 12.39
C LEU A 250 -38.34 41.38 11.59
N GLU A 251 -39.14 42.23 12.24
CA GLU A 251 -39.79 43.33 11.53
C GLU A 251 -38.82 44.42 11.16
N LYS A 252 -37.67 44.50 11.85
CA LYS A 252 -36.68 45.52 11.53
C LYS A 252 -36.20 45.42 10.09
N TYR A 253 -36.26 44.22 9.51
CA TYR A 253 -35.86 44.01 8.12
C TYR A 253 -36.80 43.10 7.37
N ASN A 254 -38.03 42.91 7.85
CA ASN A 254 -38.98 42.04 7.16
C ASN A 254 -39.29 42.50 5.75
N PRO A 255 -39.51 43.79 5.48
CA PRO A 255 -39.90 44.18 4.11
C PRO A 255 -38.85 43.83 3.05
N GLU A 256 -37.57 43.90 3.39
CA GLU A 256 -36.51 43.64 2.42
C GLU A 256 -36.50 42.19 1.93
N GLN A 257 -36.75 41.22 2.81
CA GLN A 257 -36.65 39.82 2.43
C GLN A 257 -37.70 39.45 1.39
N THR A 258 -38.92 39.99 1.52
CA THR A 258 -39.99 39.63 0.59
C THR A 258 -39.67 40.07 -0.84
N ALA A 259 -39.11 41.27 -1.00
CA ALA A 259 -38.76 41.74 -2.33
C ALA A 259 -37.69 40.86 -2.96
N LEU A 260 -36.68 40.49 -2.17
CA LEU A 260 -35.64 39.59 -2.66
C LEU A 260 -36.21 38.24 -3.05
N GLN A 261 -37.11 37.68 -2.23
CA GLN A 261 -37.73 36.42 -2.56
C GLN A 261 -38.54 36.50 -3.85
N LYS A 262 -39.31 37.56 -4.03
CA LYS A 262 -40.05 37.78 -5.28
C LYS A 262 -39.13 37.92 -6.49
N LYS A 263 -38.04 38.67 -6.36
CA LYS A 263 -37.12 38.83 -7.47
C LYS A 263 -36.47 37.50 -7.85
N ILE A 264 -36.07 36.72 -6.83
CA ILE A 264 -35.47 35.42 -7.11
C ILE A 264 -36.45 34.51 -7.81
N VAL A 265 -37.70 34.49 -7.35
CA VAL A 265 -38.71 33.65 -7.98
C VAL A 265 -38.95 34.07 -9.42
N GLU A 266 -39.02 35.39 -9.66
CA GLU A 266 -39.22 35.86 -11.03
C GLU A 266 -38.05 35.47 -11.92
N ALA A 267 -36.82 35.61 -11.41
CA ALA A 267 -35.65 35.23 -12.19
C ALA A 267 -35.66 33.73 -12.51
N GLN A 268 -36.03 32.91 -11.54
CA GLN A 268 -36.12 31.47 -11.78
C GLN A 268 -37.19 31.17 -12.81
N LYS A 269 -38.34 31.84 -12.74
CA LYS A 269 -39.41 31.61 -13.70
C LYS A 269 -38.98 31.98 -15.11
N LEU A 270 -38.29 33.11 -15.26
CA LEU A 270 -37.86 33.56 -16.57
C LEU A 270 -36.53 32.95 -17.00
N LEU A 271 -35.95 32.07 -16.19
CA LEU A 271 -34.65 31.50 -16.52
C LEU A 271 -34.65 30.74 -17.83
N PRO A 272 -35.66 29.93 -18.15
CA PRO A 272 -35.59 29.14 -19.40
C PRO A 272 -35.52 29.98 -20.65
N GLU A 273 -35.98 31.23 -20.60
CA GLU A 273 -35.97 32.06 -21.80
C GLU A 273 -34.66 32.83 -21.96
N VAL A 274 -33.58 32.31 -21.38
CA VAL A 274 -32.29 32.99 -21.44
C VAL A 274 -31.80 33.05 -22.88
N LYS A 275 -30.93 34.02 -23.17
CA LYS A 275 -30.38 34.20 -24.51
C LYS A 275 -28.86 34.36 -24.38
N LEU A 276 -28.15 33.91 -25.41
CA LEU A 276 -26.69 33.98 -25.43
C LEU A 276 -26.24 33.92 -26.88
N ASP A 277 -24.93 33.82 -27.09
CA ASP A 277 -24.35 33.76 -28.43
C ASP A 277 -22.99 33.07 -28.38
N TYR A 278 -22.95 31.84 -28.90
CA TYR A 278 -21.69 31.11 -28.97
C TYR A 278 -20.70 31.79 -29.91
N ASP A 279 -21.19 32.36 -31.01
CA ASP A 279 -20.32 33.13 -31.89
C ASP A 279 -19.69 34.30 -31.15
N LEU A 280 -20.47 35.01 -30.34
CA LEU A 280 -19.89 36.01 -29.45
C LEU A 280 -19.00 35.35 -28.40
N ARG A 281 -19.39 34.17 -27.92
CA ARG A 281 -18.60 33.45 -26.92
C ARG A 281 -17.30 32.90 -27.49
N VAL A 282 -17.04 33.09 -28.79
CA VAL A 282 -15.77 32.69 -29.35
C VAL A 282 -14.63 33.43 -28.67
N LYS A 283 -14.87 34.68 -28.27
CA LYS A 283 -13.86 35.42 -27.52
C LYS A 283 -13.57 34.75 -26.19
N ILE A 284 -14.61 34.29 -25.50
CA ILE A 284 -14.41 33.57 -24.24
C ILE A 284 -13.66 32.28 -24.48
N SER A 285 -13.96 31.61 -25.59
CA SER A 285 -13.25 30.38 -25.93
C SER A 285 -11.76 30.66 -26.15
N GLU A 286 -11.45 31.74 -26.87
CA GLU A 286 -10.06 32.11 -27.09
C GLU A 286 -9.37 32.45 -25.78
N VAL A 287 -10.07 33.16 -24.90
CA VAL A 287 -9.50 33.51 -23.60
C VAL A 287 -9.19 32.25 -22.80
N CYS A 288 -10.10 31.28 -22.81
CA CYS A 288 -9.85 30.02 -22.13
C CYS A 288 -8.65 29.30 -22.76
N SER A 289 -8.55 29.34 -24.09
CA SER A 289 -7.42 28.73 -24.77
C SER A 289 -6.11 29.38 -24.36
N GLU A 290 -6.13 30.68 -24.10
CA GLU A 290 -4.93 31.38 -23.63
C GLU A 290 -4.42 30.79 -22.32
N LEU A 291 -5.31 30.34 -21.44
CA LEU A 291 -4.89 29.70 -20.21
C LEU A 291 -4.54 28.24 -20.47
N ASP A 292 -4.32 27.49 -19.40
CA ASP A 292 -3.98 26.07 -19.48
C ASP A 292 -5.04 25.28 -18.74
N VAL A 293 -5.58 24.26 -19.40
CA VAL A 293 -6.60 23.39 -18.83
C VAL A 293 -6.24 21.93 -19.13
N ASP A 294 -6.79 21.04 -18.33
CA ASP A 294 -6.55 19.60 -18.50
C ASP A 294 -7.83 18.79 -18.57
N GLY A 295 -8.86 19.15 -17.80
CA GLY A 295 -10.10 18.41 -17.81
C GLY A 295 -11.26 19.22 -18.33
N LEU A 296 -10.95 20.36 -18.96
CA LEU A 296 -11.95 21.24 -19.55
C LEU A 296 -13.00 21.67 -18.53
N ARG A 297 -14.26 21.69 -18.94
CA ARG A 297 -15.41 22.10 -18.13
C ARG A 297 -15.39 23.61 -17.90
N GLY A 298 -14.31 24.26 -18.34
CA GLY A 298 -14.24 25.71 -18.19
C GLY A 298 -15.27 26.43 -19.03
N ASP A 299 -15.48 25.96 -20.27
CA ASP A 299 -16.50 26.56 -21.11
C ASP A 299 -17.89 26.36 -20.51
N ILE A 300 -18.16 25.17 -19.96
CA ILE A 300 -19.44 24.90 -19.33
C ILE A 300 -19.65 25.83 -18.15
N VAL A 301 -18.63 26.00 -17.33
CA VAL A 301 -18.72 26.91 -16.19
C VAL A 301 -18.98 28.33 -16.67
N THR A 302 -18.26 28.77 -17.71
CA THR A 302 -18.44 30.11 -18.24
C THR A 302 -19.84 30.28 -18.80
N ASN A 303 -20.33 29.27 -19.53
CA ASN A 303 -21.67 29.37 -20.10
C ASN A 303 -22.73 29.46 -19.01
N ARG A 304 -22.61 28.64 -17.96
CA ARG A 304 -23.57 28.69 -16.87
C ARG A 304 -23.51 30.04 -16.15
N ALA A 305 -22.30 30.55 -15.92
CA ALA A 305 -22.17 31.84 -15.26
C ALA A 305 -22.80 32.95 -16.11
N ALA A 306 -22.60 32.90 -17.43
CA ALA A 306 -23.21 33.89 -18.31
C ALA A 306 -24.72 33.79 -18.27
N LYS A 307 -25.25 32.58 -18.25
CA LYS A 307 -26.70 32.40 -18.16
C LYS A 307 -27.23 32.99 -16.85
N ALA A 308 -26.53 32.74 -15.75
CA ALA A 308 -26.95 33.30 -14.47
C ALA A 308 -26.89 34.82 -14.48
N LEU A 309 -25.83 35.39 -15.05
CA LEU A 309 -25.73 36.84 -15.12
C LEU A 309 -26.84 37.44 -15.97
N THR A 310 -27.17 36.79 -17.09
CA THR A 310 -28.30 37.24 -17.89
C THR A 310 -29.59 37.20 -17.09
N ALA A 311 -29.85 36.08 -16.42
CA ALA A 311 -31.00 35.98 -15.54
C ALA A 311 -30.63 36.35 -14.11
N TYR A 312 -29.94 37.47 -13.97
CA TYR A 312 -29.62 38.06 -12.68
C TYR A 312 -30.03 39.53 -12.60
N GLU A 313 -30.03 40.23 -13.73
CA GLU A 313 -30.49 41.61 -13.79
C GLU A 313 -31.73 41.78 -14.66
N GLY A 314 -32.18 40.72 -15.32
CA GLY A 314 -33.35 40.77 -16.17
C GLY A 314 -33.10 41.12 -17.61
N ARG A 315 -31.86 41.44 -17.98
CA ARG A 315 -31.54 41.76 -19.36
C ARG A 315 -31.57 40.51 -20.22
N THR A 316 -32.62 40.40 -21.04
CA THR A 316 -32.85 39.22 -21.90
C THR A 316 -31.96 39.34 -23.13
N GLU A 317 -30.65 39.28 -22.91
CA GLU A 317 -29.68 39.38 -24.00
C GLU A 317 -28.31 38.91 -23.52
N VAL A 318 -27.30 39.06 -24.38
CA VAL A 318 -25.93 38.68 -24.04
C VAL A 318 -25.01 39.88 -24.25
N THR A 319 -24.29 40.27 -23.20
CA THR A 319 -23.37 41.39 -23.27
C THR A 319 -22.09 41.02 -22.53
N VAL A 320 -21.02 41.77 -22.78
CA VAL A 320 -19.74 41.45 -22.18
C VAL A 320 -19.68 42.12 -20.81
N ASP A 321 -20.36 41.53 -19.85
CA ASP A 321 -20.19 41.87 -18.44
C ASP A 321 -20.10 40.64 -17.54
N ASP A 322 -20.63 39.49 -17.96
CA ASP A 322 -20.55 38.29 -17.14
C ASP A 322 -19.11 37.84 -16.96
N ILE A 323 -18.26 38.09 -17.96
CA ILE A 323 -16.85 37.77 -17.82
C ILE A 323 -16.25 38.57 -16.66
N ARG A 324 -16.47 39.89 -16.66
CA ARG A 324 -15.97 40.71 -15.58
C ARG A 324 -16.61 40.34 -14.25
N ARG A 325 -17.84 39.86 -14.28
CA ARG A 325 -18.54 39.48 -13.05
C ARG A 325 -18.06 38.17 -12.46
N VAL A 326 -17.69 37.19 -13.27
CA VAL A 326 -17.45 35.84 -12.76
C VAL A 326 -16.12 35.24 -13.18
N ILE A 327 -15.18 36.03 -13.71
CA ILE A 327 -13.88 35.45 -14.03
C ILE A 327 -13.18 34.92 -12.78
N THR A 328 -13.17 35.70 -11.71
CA THR A 328 -12.56 35.23 -10.47
C THR A 328 -13.29 34.02 -9.92
N LEU A 329 -14.63 34.04 -9.96
CA LEU A 329 -15.44 32.95 -9.45
C LEU A 329 -15.24 31.65 -10.23
N CYS A 330 -14.96 31.73 -11.52
CA CYS A 330 -14.84 30.50 -12.32
C CYS A 330 -13.39 30.04 -12.42
N LEU A 331 -12.50 30.92 -12.91
CA LEU A 331 -11.13 30.51 -13.22
C LEU A 331 -10.35 30.08 -11.98
N ARG A 332 -10.52 30.76 -10.85
CA ARG A 332 -9.72 30.48 -9.67
C ARG A 332 -9.92 29.07 -9.14
N HIS A 333 -11.08 28.46 -9.41
CA HIS A 333 -11.32 27.10 -8.91
C HIS A 333 -10.34 26.10 -9.49
N ARG A 334 -10.07 26.19 -10.80
CA ARG A 334 -9.13 25.30 -11.46
C ARG A 334 -7.89 26.05 -11.94
N LEU A 335 -7.60 27.19 -11.32
CA LEU A 335 -6.45 27.99 -11.72
C LEU A 335 -5.15 27.21 -11.52
N ARG A 336 -4.22 27.39 -12.43
CA ARG A 336 -2.94 26.69 -12.35
C ARG A 336 -2.16 27.15 -11.12
N LYS A 337 -1.46 26.21 -10.49
CA LYS A 337 -0.69 26.51 -9.30
C LYS A 337 0.74 26.92 -9.64
N SER A 345 -1.77 35.44 -10.05
CA SER A 345 -3.02 34.87 -9.54
C SER A 345 -4.23 35.61 -10.10
N GLY A 346 -5.01 36.21 -9.22
CA GLY A 346 -6.17 36.95 -9.66
C GLY A 346 -5.83 38.14 -10.53
N TYR A 347 -4.80 38.90 -10.16
CA TYR A 347 -4.39 40.05 -10.96
C TYR A 347 -3.93 39.62 -12.34
N LYS A 348 -3.12 38.55 -12.41
CA LYS A 348 -2.67 38.05 -13.70
C LYS A 348 -3.84 37.55 -14.54
N VAL A 349 -4.78 36.84 -13.93
CA VAL A 349 -5.95 36.34 -14.66
C VAL A 349 -6.75 37.51 -15.22
N GLU A 350 -6.96 38.54 -14.39
CA GLU A 350 -7.68 39.72 -14.85
C GLU A 350 -6.96 40.43 -15.98
N LYS A 351 -5.63 40.55 -15.89
CA LYS A 351 -4.88 41.19 -16.96
C LYS A 351 -4.98 40.40 -18.25
N VAL A 352 -4.91 39.06 -18.15
CA VAL A 352 -5.04 38.22 -19.34
C VAL A 352 -6.42 38.38 -19.95
N PHE A 353 -7.46 38.39 -19.10
CA PHE A 353 -8.83 38.53 -19.60
C PHE A 353 -9.02 39.88 -20.28
N ALA A 354 -8.47 40.94 -19.70
CA ALA A 354 -8.56 42.26 -20.32
C ALA A 354 -7.83 42.30 -21.64
N ARG A 355 -6.64 41.69 -21.71
CA ARG A 355 -5.88 41.67 -22.95
C ARG A 355 -6.61 40.90 -24.04
N ILE A 356 -7.21 39.77 -23.70
CA ILE A 356 -7.95 38.97 -24.66
C ILE A 356 -9.16 39.76 -25.13
N PHE A 357 -9.89 40.36 -24.19
CA PHE A 357 -11.07 41.14 -24.55
C PHE A 357 -10.68 42.48 -25.16
N GLY A 358 -9.43 42.92 -24.92
CA GLY A 358 -8.99 44.20 -25.43
C GLY A 358 -9.33 45.34 -24.50
N VAL A 359 -9.99 45.04 -23.39
CA VAL A 359 -10.40 46.05 -22.43
C VAL A 359 -9.43 46.07 -21.25
N VAL B 20 -30.40 6.15 -19.83
CA VAL B 20 -30.02 7.07 -20.89
C VAL B 20 -28.64 7.65 -20.61
N VAL B 21 -27.85 7.82 -21.67
CA VAL B 21 -26.49 8.35 -21.55
C VAL B 21 -26.22 9.21 -22.76
N PHE B 22 -25.03 9.81 -22.79
CA PHE B 22 -24.66 10.66 -23.92
C PHE B 22 -24.52 9.81 -25.18
N PRO B 23 -24.64 10.40 -26.36
CA PRO B 23 -24.63 9.60 -27.60
C PRO B 23 -23.32 8.87 -27.79
N PHE B 24 -23.39 7.67 -28.39
CA PHE B 24 -22.16 6.88 -28.65
C PHE B 24 -21.36 7.56 -29.76
N THR B 25 -21.98 8.53 -30.45
CA THR B 25 -21.26 9.28 -31.53
C THR B 25 -20.94 10.69 -31.03
N ALA B 26 -20.93 10.88 -29.70
CA ALA B 26 -20.66 12.22 -29.12
C ALA B 26 -19.14 12.39 -28.90
N ILE B 27 -18.35 11.38 -29.27
CA ILE B 27 -16.88 11.44 -29.06
C ILE B 27 -16.34 12.67 -29.80
N VAL B 28 -16.73 12.85 -31.07
CA VAL B 28 -16.30 14.04 -31.85
C VAL B 28 -14.81 14.28 -31.65
N GLY B 29 -13.98 13.24 -31.83
CA GLY B 29 -12.53 13.37 -31.68
C GLY B 29 -11.87 12.08 -31.24
N GLN B 30 -10.57 12.11 -30.97
CA GLN B 30 -9.84 10.88 -30.53
C GLN B 30 -10.22 9.72 -31.46
N GLU B 31 -10.51 10.03 -32.73
CA GLU B 31 -10.88 8.97 -33.71
C GLU B 31 -9.91 7.79 -33.56
N GLU B 32 -8.62 8.07 -33.42
CA GLU B 32 -7.63 7.00 -33.29
C GLU B 32 -7.88 6.20 -32.02
N MET B 33 -8.09 6.90 -30.91
CA MET B 33 -8.47 6.21 -29.67
C MET B 33 -9.79 5.48 -29.83
N LYS B 34 -10.76 6.11 -30.47
CA LYS B 34 -12.04 5.45 -30.73
C LYS B 34 -11.84 4.22 -31.62
N LEU B 35 -11.01 4.33 -32.66
CA LEU B 35 -10.72 3.17 -33.50
C LEU B 35 -10.03 2.08 -32.71
N ALA B 36 -9.10 2.45 -31.82
CA ALA B 36 -8.38 1.46 -31.04
C ALA B 36 -9.31 0.68 -30.13
N LEU B 37 -10.23 1.36 -29.44
CA LEU B 37 -11.16 0.69 -28.54
C LEU B 37 -12.10 -0.27 -29.27
N LEU B 38 -12.61 0.11 -30.44
CA LEU B 38 -13.51 -0.73 -31.22
C LEU B 38 -12.88 -2.04 -31.64
N LEU B 39 -11.62 -2.01 -32.09
CA LEU B 39 -10.96 -3.24 -32.51
C LEU B 39 -10.84 -4.22 -31.36
N ASN B 40 -10.48 -3.73 -30.17
CA ASN B 40 -10.41 -4.59 -29.00
C ASN B 40 -11.76 -5.21 -28.68
N VAL B 41 -12.84 -4.48 -28.93
CA VAL B 41 -14.17 -5.04 -28.71
C VAL B 41 -14.41 -6.22 -29.62
N ILE B 42 -13.97 -6.12 -30.88
CA ILE B 42 -14.22 -7.18 -31.85
C ILE B 42 -13.52 -8.47 -31.45
N ASP B 43 -12.25 -8.42 -31.05
CA ASP B 43 -11.50 -9.63 -30.71
C ASP B 43 -11.35 -9.70 -29.20
N PRO B 44 -12.03 -10.65 -28.56
CA PRO B 44 -11.91 -10.78 -27.10
C PRO B 44 -10.49 -11.06 -26.64
N LYS B 45 -9.69 -11.81 -27.40
CA LYS B 45 -8.32 -12.09 -27.00
C LYS B 45 -7.34 -11.06 -27.51
N ILE B 46 -7.78 -9.82 -27.75
CA ILE B 46 -6.89 -8.80 -28.31
C ILE B 46 -5.72 -8.52 -27.38
N GLY B 47 -5.98 -8.33 -26.10
CA GLY B 47 -4.91 -8.05 -25.16
C GLY B 47 -5.21 -6.88 -24.23
N GLY B 48 -4.18 -6.11 -23.90
CA GLY B 48 -4.33 -5.02 -22.96
C GLY B 48 -4.64 -3.72 -23.65
N VAL B 49 -5.53 -2.95 -23.03
CA VAL B 49 -5.94 -1.65 -23.53
C VAL B 49 -5.81 -0.62 -22.42
N MET B 50 -5.15 0.49 -22.73
CA MET B 50 -4.95 1.54 -21.76
C MET B 50 -4.84 2.88 -22.48
N ILE B 51 -5.12 3.96 -21.75
CA ILE B 51 -5.05 5.32 -22.29
C ILE B 51 -4.35 6.20 -21.27
N MET B 52 -3.43 7.03 -21.74
CA MET B 52 -2.66 7.95 -20.89
C MET B 52 -3.12 9.36 -21.21
N GLY B 53 -2.78 10.31 -20.34
CA GLY B 53 -3.18 11.72 -20.55
C GLY B 53 -3.21 12.50 -19.25
N ASP B 54 -3.96 13.60 -19.21
CA ASP B 54 -4.11 14.41 -17.97
C ASP B 54 -5.60 14.72 -17.77
N ARG B 55 -6.48 13.97 -18.44
CA ARG B 55 -7.94 14.20 -18.33
C ARG B 55 -8.65 12.89 -18.02
N GLY B 56 -8.68 12.48 -16.75
CA GLY B 56 -9.36 11.24 -16.36
C GLY B 56 -10.83 11.27 -16.75
N THR B 57 -11.45 12.45 -16.67
CA THR B 57 -12.88 12.60 -17.05
C THR B 57 -13.06 12.14 -18.50
N GLY B 58 -12.10 12.45 -19.37
CA GLY B 58 -12.17 12.00 -20.76
C GLY B 58 -12.22 10.48 -20.86
N LYS B 59 -11.39 9.81 -20.06
CA LYS B 59 -11.40 8.31 -20.04
C LYS B 59 -12.77 7.85 -19.56
N SER B 60 -13.31 8.48 -18.51
CA SER B 60 -14.67 8.13 -18.01
C SER B 60 -15.69 8.34 -19.12
N THR B 61 -15.56 9.44 -19.87
CA THR B 61 -16.47 9.70 -21.02
C THR B 61 -16.40 8.52 -21.98
N THR B 62 -15.20 8.23 -22.49
CA THR B 62 -15.03 7.07 -23.42
C THR B 62 -15.59 5.80 -22.75
N ILE B 63 -15.35 5.65 -21.45
CA ILE B 63 -15.86 4.46 -20.70
C ILE B 63 -17.35 4.32 -20.98
N ARG B 64 -18.11 5.39 -20.73
CA ARG B 64 -19.59 5.36 -20.96
C ARG B 64 -19.86 5.06 -22.44
N ALA B 65 -19.14 5.74 -23.34
CA ALA B 65 -19.33 5.52 -24.79
C ALA B 65 -19.04 4.05 -25.12
N LEU B 66 -17.93 3.51 -24.60
CA LEU B 66 -17.57 2.09 -24.86
C LEU B 66 -18.66 1.19 -24.29
N ALA B 67 -19.14 1.49 -23.08
CA ALA B 67 -20.22 0.69 -22.45
C ALA B 67 -21.44 0.68 -23.36
N ASP B 68 -21.82 1.85 -23.88
CA ASP B 68 -23.00 1.96 -24.78
C ASP B 68 -22.56 1.70 -26.22
N LEU B 69 -21.61 0.78 -26.42
CA LEU B 69 -21.14 0.45 -27.79
C LEU B 69 -21.03 -1.08 -27.94
N LEU B 70 -22.16 -1.78 -27.79
CA LEU B 70 -22.17 -3.26 -27.97
C LEU B 70 -23.62 -3.76 -28.10
N PRO B 71 -23.86 -4.91 -28.75
CA PRO B 71 -25.24 -5.44 -28.82
C PRO B 71 -25.59 -6.14 -27.50
N GLU B 72 -26.76 -6.79 -27.43
CA GLU B 72 -27.16 -7.44 -26.21
C GLU B 72 -26.45 -8.78 -26.04
N ILE B 73 -26.36 -9.23 -24.79
CA ILE B 73 -25.70 -10.48 -24.45
C ILE B 73 -26.68 -11.33 -23.65
N PRO B 74 -26.66 -12.65 -23.80
CA PRO B 74 -27.65 -13.47 -23.09
C PRO B 74 -27.13 -14.03 -21.77
N VAL B 75 -28.02 -14.02 -20.78
CA VAL B 75 -27.85 -14.75 -19.54
C VAL B 75 -28.95 -15.80 -19.47
N VAL B 76 -28.94 -16.61 -18.42
CA VAL B 76 -29.96 -17.65 -18.35
C VAL B 76 -30.99 -17.37 -17.28
N ALA B 77 -30.62 -17.51 -16.01
CA ALA B 77 -31.61 -17.20 -14.97
C ALA B 77 -31.15 -16.18 -13.93
N ASN B 78 -30.14 -16.54 -13.13
CA ASN B 78 -29.79 -15.71 -11.99
C ASN B 78 -28.31 -15.69 -11.63
N ASP B 79 -27.43 -16.34 -12.39
CA ASP B 79 -26.07 -16.57 -11.93
C ASP B 79 -25.34 -15.27 -11.63
N PRO B 80 -24.73 -15.12 -10.45
CA PRO B 80 -24.08 -13.85 -10.12
C PRO B 80 -22.86 -13.54 -10.99
N PHE B 81 -21.95 -14.49 -11.12
CA PHE B 81 -20.77 -14.28 -11.95
C PHE B 81 -21.17 -14.09 -13.42
N ASN B 82 -21.77 -15.13 -14.02
CA ASN B 82 -22.22 -15.08 -15.40
C ASN B 82 -23.19 -16.22 -15.67
N SER B 83 -24.19 -15.97 -16.51
CA SER B 83 -25.23 -16.97 -16.75
C SER B 83 -25.38 -17.23 -18.25
N ASP B 84 -24.25 -17.26 -18.96
CA ASP B 84 -24.22 -17.51 -20.39
C ASP B 84 -25.08 -18.73 -20.73
N PRO B 85 -26.11 -18.57 -21.55
CA PRO B 85 -27.11 -19.64 -21.72
C PRO B 85 -26.53 -20.77 -22.56
N SER B 86 -25.78 -21.66 -21.91
CA SER B 86 -25.24 -22.89 -22.47
C SER B 86 -24.44 -22.68 -23.74
N ASP B 87 -23.77 -21.54 -23.90
CA ASP B 87 -22.94 -21.31 -25.07
C ASP B 87 -21.73 -22.24 -25.03
N PRO B 88 -20.80 -22.01 -24.10
CA PRO B 88 -19.67 -22.94 -23.96
C PRO B 88 -19.93 -23.99 -22.90
N ASP B 89 -19.02 -24.95 -22.78
CA ASP B 89 -19.07 -25.96 -21.73
C ASP B 89 -18.44 -25.48 -20.43
N LEU B 90 -18.12 -24.18 -20.37
CA LEU B 90 -17.51 -23.60 -19.14
C LEU B 90 -18.63 -23.30 -18.14
N MET B 91 -19.59 -24.21 -18.00
CA MET B 91 -20.69 -24.03 -17.01
C MET B 91 -20.59 -25.19 -16.00
N SER B 92 -19.37 -25.69 -15.76
CA SER B 92 -19.17 -26.85 -14.86
C SER B 92 -19.60 -26.52 -13.43
N ASP B 93 -19.96 -25.26 -13.17
CA ASP B 93 -20.30 -24.85 -11.78
C ASP B 93 -21.82 -24.76 -11.59
N GLU B 94 -22.44 -25.80 -10.99
CA GLU B 94 -23.86 -25.73 -10.68
C GLU B 94 -24.71 -25.82 -11.94
N VAL B 95 -24.33 -25.07 -12.98
CA VAL B 95 -25.03 -25.19 -14.26
C VAL B 95 -24.76 -26.55 -14.88
N ARG B 96 -23.51 -27.03 -14.77
CA ARG B 96 -23.20 -28.37 -15.25
C ARG B 96 -24.00 -29.43 -14.51
N GLN B 97 -24.15 -29.27 -13.19
CA GLN B 97 -25.01 -30.17 -12.43
C GLN B 97 -26.46 -30.05 -12.90
N LYS B 98 -26.91 -28.82 -13.15
CA LYS B 98 -28.25 -28.59 -13.65
C LYS B 98 -28.41 -28.95 -15.13
N SER B 99 -27.30 -29.18 -15.84
CA SER B 99 -27.36 -29.53 -17.25
C SER B 99 -27.92 -30.93 -17.45
N GLU B 104 -35.94 -24.47 -18.20
CA GLU B 104 -34.74 -24.36 -17.38
C GLU B 104 -34.46 -22.91 -17.00
N ILE B 105 -35.49 -22.07 -17.08
CA ILE B 105 -35.41 -20.66 -16.76
C ILE B 105 -34.31 -20.00 -17.59
N PRO B 106 -34.22 -20.30 -18.90
CA PRO B 106 -33.07 -19.78 -19.68
C PRO B 106 -33.45 -18.81 -20.82
N ILE B 107 -34.72 -18.40 -20.88
CA ILE B 107 -35.14 -17.41 -21.91
C ILE B 107 -34.75 -16.01 -21.43
N GLU B 108 -33.45 -15.68 -21.50
CA GLU B 108 -32.99 -14.37 -20.97
C GLU B 108 -31.85 -13.80 -21.83
N PHE B 109 -31.80 -12.47 -21.96
CA PHE B 109 -30.71 -11.81 -22.73
C PHE B 109 -30.58 -10.36 -22.23
N LYS B 110 -29.50 -10.05 -21.52
CA LYS B 110 -29.34 -8.69 -20.92
C LYS B 110 -28.50 -7.80 -21.82
N LYS B 111 -28.10 -6.63 -21.33
CA LYS B 111 -27.29 -5.70 -22.10
C LYS B 111 -25.91 -5.55 -21.47
N VAL B 112 -25.13 -4.61 -22.02
CA VAL B 112 -23.79 -4.38 -21.51
C VAL B 112 -23.86 -3.76 -20.11
N GLN B 113 -22.75 -3.84 -19.39
CA GLN B 113 -22.67 -3.28 -18.05
C GLN B 113 -21.20 -3.07 -17.72
N MET B 114 -20.82 -1.83 -17.46
CA MET B 114 -19.43 -1.52 -17.15
C MET B 114 -19.11 -1.85 -15.70
N VAL B 115 -17.83 -1.75 -15.35
CA VAL B 115 -17.36 -2.01 -14.00
C VAL B 115 -16.07 -1.24 -13.78
N ASP B 116 -15.95 -0.59 -12.64
CA ASP B 116 -14.77 0.15 -12.25
C ASP B 116 -14.59 0.08 -10.75
N LEU B 117 -13.53 -0.60 -10.32
CA LEU B 117 -13.28 -0.77 -8.89
C LEU B 117 -12.92 0.55 -8.24
N PRO B 118 -13.40 0.83 -7.04
CA PRO B 118 -13.01 2.08 -6.37
C PRO B 118 -11.53 2.11 -6.01
N LEU B 119 -10.95 3.30 -5.98
CA LEU B 119 -9.54 3.46 -5.65
C LEU B 119 -9.28 3.01 -4.21
N GLY B 120 -8.19 2.28 -4.03
CA GLY B 120 -7.83 1.77 -2.72
C GLY B 120 -8.86 0.80 -2.17
N ALA B 121 -9.32 -0.11 -3.03
CA ALA B 121 -10.33 -1.08 -2.62
C ALA B 121 -9.73 -2.13 -1.70
N THR B 122 -10.57 -3.08 -1.29
CA THR B 122 -10.17 -4.15 -0.37
C THR B 122 -9.83 -5.41 -1.14
N GLU B 123 -8.67 -5.99 -0.83
CA GLU B 123 -8.26 -7.22 -1.50
C GLU B 123 -9.24 -8.35 -1.23
N ASP B 124 -9.69 -8.48 0.02
CA ASP B 124 -10.69 -9.49 0.34
C ASP B 124 -11.98 -9.24 -0.43
N ARG B 125 -12.42 -8.00 -0.50
CA ARG B 125 -13.55 -7.64 -1.34
C ARG B 125 -13.25 -7.89 -2.81
N VAL B 126 -12.01 -7.62 -3.23
CA VAL B 126 -11.61 -7.91 -4.61
C VAL B 126 -11.63 -9.40 -4.86
N CYS B 127 -11.29 -10.19 -3.84
CA CYS B 127 -11.18 -11.64 -3.97
C CYS B 127 -12.45 -12.36 -3.53
N GLY B 128 -12.90 -12.12 -2.31
CA GLY B 128 -14.02 -12.85 -1.78
C GLY B 128 -13.57 -13.96 -0.84
N THR B 129 -14.54 -14.74 -0.37
CA THR B 129 -14.25 -15.83 0.56
C THR B 129 -15.30 -16.91 0.36
N ILE B 130 -15.18 -17.97 1.16
CA ILE B 130 -16.11 -19.09 1.09
C ILE B 130 -16.43 -19.57 2.51
N PHE B 143 -20.29 -19.70 -0.97
CA PHE B 143 -19.07 -18.91 -1.11
C PHE B 143 -19.39 -17.45 -1.43
N GLU B 144 -18.81 -16.55 -0.65
CA GLU B 144 -19.03 -15.12 -0.89
C GLU B 144 -18.36 -14.70 -2.19
N PRO B 145 -19.09 -14.03 -3.09
CA PRO B 145 -18.45 -13.61 -4.35
C PRO B 145 -17.73 -12.28 -4.17
N GLY B 146 -16.47 -12.24 -4.61
CA GLY B 146 -15.68 -11.04 -4.50
C GLY B 146 -15.98 -10.06 -5.61
N LEU B 147 -15.21 -8.96 -5.62
CA LEU B 147 -15.39 -7.93 -6.63
C LEU B 147 -15.09 -8.42 -8.03
N LEU B 148 -14.33 -9.51 -8.18
CA LEU B 148 -14.05 -10.06 -9.50
C LEU B 148 -15.21 -10.93 -9.97
N ALA B 149 -16.42 -10.36 -9.94
CA ALA B 149 -17.62 -11.08 -10.43
C ALA B 149 -18.42 -10.16 -11.36
N LYS B 150 -17.74 -9.44 -12.25
CA LYS B 150 -18.42 -8.46 -13.14
C LYS B 150 -18.80 -9.14 -14.47
N ALA B 151 -19.05 -8.35 -15.51
CA ALA B 151 -19.45 -8.90 -16.83
C ALA B 151 -18.53 -10.05 -17.22
N ASN B 152 -19.09 -11.09 -17.87
CA ASN B 152 -18.29 -12.27 -18.26
C ASN B 152 -17.06 -11.81 -19.06
N ARG B 153 -17.22 -10.80 -19.91
CA ARG B 153 -16.09 -10.25 -20.69
C ARG B 153 -16.11 -8.71 -20.61
N GLY B 154 -14.95 -8.07 -20.75
CA GLY B 154 -14.88 -6.60 -20.72
C GLY B 154 -15.39 -6.03 -19.41
N ILE B 155 -16.02 -4.84 -19.45
CA ILE B 155 -16.58 -4.19 -18.23
C ILE B 155 -15.43 -3.68 -17.35
N LEU B 156 -14.49 -4.56 -16.98
CA LEU B 156 -13.38 -4.17 -16.07
C LEU B 156 -12.71 -2.90 -16.60
N TYR B 157 -12.61 -1.87 -15.75
CA TYR B 157 -11.94 -0.60 -16.14
C TYR B 157 -11.22 -0.03 -14.92
N VAL B 158 -10.16 0.78 -15.14
CA VAL B 158 -9.36 1.30 -13.99
C VAL B 158 -8.89 2.72 -14.29
N ASP B 159 -9.50 3.73 -13.65
CA ASP B 159 -9.04 5.10 -13.83
C ASP B 159 -7.98 5.41 -12.79
N GLU B 160 -7.02 6.25 -13.18
CA GLU B 160 -5.90 6.66 -12.32
C GLU B 160 -5.12 5.43 -11.84
N VAL B 161 -5.06 4.43 -12.73
CA VAL B 161 -4.36 3.19 -12.43
C VAL B 161 -2.86 3.36 -12.35
N ASN B 162 -2.34 4.55 -12.66
CA ASN B 162 -0.91 4.79 -12.53
C ASN B 162 -0.44 4.62 -11.10
N LEU B 163 -1.27 5.08 -10.15
CA LEU B 163 -0.94 4.86 -8.72
C LEU B 163 -1.46 3.47 -8.34
N LEU B 164 -2.79 3.31 -8.24
CA LEU B 164 -3.38 1.98 -7.96
C LEU B 164 -2.62 1.31 -6.81
N ASP B 165 -2.20 0.06 -7.01
CA ASP B 165 -1.46 -0.68 -5.95
C ASP B 165 -0.59 -1.77 -6.60
N ASP B 166 0.41 -2.26 -5.86
CA ASP B 166 1.29 -3.30 -6.38
C ASP B 166 0.65 -4.69 -6.24
N HIS B 167 0.07 -4.95 -5.08
CA HIS B 167 -0.64 -6.20 -4.85
C HIS B 167 -1.92 -6.21 -5.68
N LEU B 168 -2.34 -7.40 -6.12
CA LEU B 168 -3.55 -7.65 -6.89
C LEU B 168 -3.51 -7.06 -8.29
N VAL B 169 -2.46 -6.33 -8.65
CA VAL B 169 -2.31 -5.78 -9.99
C VAL B 169 -1.76 -6.80 -10.97
N ASP B 170 -0.64 -7.45 -10.64
CA ASP B 170 -0.12 -8.53 -11.47
C ASP B 170 -1.09 -9.70 -11.56
N VAL B 171 -1.75 -10.03 -10.44
CA VAL B 171 -2.77 -11.06 -10.46
C VAL B 171 -3.88 -10.68 -11.43
N LEU B 172 -4.32 -9.42 -11.40
CA LEU B 172 -5.25 -8.91 -12.40
C LEU B 172 -4.67 -8.95 -13.80
N LEU B 173 -3.40 -8.58 -13.97
CA LEU B 173 -2.76 -8.71 -15.28
C LEU B 173 -2.74 -10.17 -15.72
N ASP B 174 -2.39 -11.07 -14.80
CA ASP B 174 -2.48 -12.50 -15.06
C ASP B 174 -3.93 -12.95 -15.22
N SER B 175 -4.88 -12.24 -14.59
CA SER B 175 -6.28 -12.62 -14.73
C SER B 175 -6.77 -12.46 -16.16
N ALA B 176 -6.04 -11.70 -16.97
CA ALA B 176 -6.42 -11.55 -18.38
C ALA B 176 -6.42 -12.88 -19.10
N ALA B 177 -5.43 -13.73 -18.81
CA ALA B 177 -5.36 -15.06 -19.39
C ALA B 177 -5.76 -16.14 -18.41
N SER B 178 -6.33 -15.79 -17.25
CA SER B 178 -6.70 -16.79 -16.26
C SER B 178 -7.83 -17.68 -16.76
N GLY B 179 -8.91 -17.08 -17.27
CA GLY B 179 -10.06 -17.84 -17.69
C GLY B 179 -10.83 -18.51 -16.58
N TRP B 180 -10.34 -18.44 -15.35
CA TRP B 180 -11.01 -19.06 -14.21
C TRP B 180 -10.39 -18.50 -12.94
N ASN B 181 -11.21 -18.34 -11.92
CA ASN B 181 -10.77 -17.83 -10.63
C ASN B 181 -9.95 -18.89 -9.90
N THR B 182 -9.34 -18.47 -8.79
CA THR B 182 -8.52 -19.35 -7.97
C THR B 182 -8.83 -19.12 -6.50
N VAL B 183 -9.78 -19.90 -5.99
CA VAL B 183 -10.19 -19.77 -4.58
C VAL B 183 -9.70 -20.98 -3.80
N GLU B 184 -8.81 -20.74 -2.84
CA GLU B 184 -8.26 -21.80 -2.01
C GLU B 184 -8.07 -21.36 -0.56
N ARG B 185 -8.91 -20.47 -0.06
CA ARG B 185 -8.78 -19.99 1.31
C ARG B 185 -9.22 -21.08 2.29
N GLU B 186 -8.34 -21.38 3.25
CA GLU B 186 -8.61 -22.41 4.26
C GLU B 186 -8.96 -23.75 3.62
N GLY B 187 -8.23 -24.12 2.56
CA GLY B 187 -8.48 -25.35 1.85
C GLY B 187 -9.67 -25.32 0.92
N ILE B 188 -10.00 -24.17 0.34
CA ILE B 188 -11.14 -24.06 -0.57
C ILE B 188 -10.73 -24.54 -1.95
N SER B 189 -11.70 -24.74 -2.83
CA SER B 189 -11.46 -25.18 -4.20
C SER B 189 -12.61 -24.70 -5.07
N ILE B 190 -12.38 -23.63 -5.82
CA ILE B 190 -13.39 -23.04 -6.71
C ILE B 190 -12.67 -22.27 -7.80
N ARG B 191 -13.25 -22.28 -9.00
CA ARG B 191 -12.68 -21.60 -10.17
C ARG B 191 -13.81 -20.97 -10.96
N HIS B 192 -14.08 -19.70 -10.69
CA HIS B 192 -15.11 -18.98 -11.44
C HIS B 192 -14.63 -18.72 -12.86
N PRO B 193 -15.21 -19.38 -13.86
CA PRO B 193 -14.71 -19.22 -15.24
C PRO B 193 -15.10 -17.88 -15.85
N ALA B 194 -14.32 -16.84 -15.58
CA ALA B 194 -14.57 -15.51 -16.11
C ALA B 194 -13.37 -15.07 -16.93
N ARG B 195 -13.65 -14.39 -18.05
CA ARG B 195 -12.59 -13.89 -18.92
C ARG B 195 -13.01 -12.53 -19.45
N PHE B 196 -12.61 -11.46 -18.76
CA PHE B 196 -13.05 -10.12 -19.09
C PHE B 196 -11.87 -9.23 -19.44
N VAL B 197 -12.08 -8.39 -20.44
CA VAL B 197 -11.05 -7.45 -20.87
C VAL B 197 -10.88 -6.35 -19.83
N LEU B 198 -9.81 -5.58 -19.97
CA LEU B 198 -9.48 -4.50 -19.06
C LEU B 198 -9.16 -3.23 -19.84
N VAL B 199 -9.44 -2.08 -19.21
CA VAL B 199 -9.15 -0.78 -19.78
C VAL B 199 -8.34 0.01 -18.75
N GLY B 200 -7.27 0.66 -19.20
CA GLY B 200 -6.37 1.35 -18.31
C GLY B 200 -6.39 2.86 -18.49
N SER B 201 -6.23 3.56 -17.36
CA SER B 201 -6.18 5.01 -17.37
C SER B 201 -5.43 5.48 -16.14
N GLY B 202 -4.62 6.51 -16.33
CA GLY B 202 -3.82 7.07 -15.26
C GLY B 202 -3.08 8.31 -15.71
N ASN B 203 -3.06 9.31 -14.83
CA ASN B 203 -2.40 10.57 -15.14
C ASN B 203 -0.88 10.36 -15.23
N PRO B 204 -0.22 11.03 -16.17
CA PRO B 204 1.25 10.89 -16.26
C PRO B 204 1.99 11.43 -15.06
N GLU B 205 1.35 12.28 -14.25
CA GLU B 205 2.03 12.87 -13.10
C GLU B 205 2.40 11.81 -12.07
N GLU B 206 1.67 10.69 -12.05
CA GLU B 206 1.96 9.61 -11.12
C GLU B 206 3.08 8.70 -11.59
N GLY B 207 3.56 8.88 -12.82
CA GLY B 207 4.69 8.10 -13.32
C GLY B 207 4.26 6.74 -13.85
N GLU B 208 5.20 6.13 -14.59
CA GLU B 208 4.96 4.83 -15.17
C GLU B 208 5.00 3.74 -14.09
N LEU B 209 4.38 2.60 -14.41
CA LEU B 209 4.32 1.48 -13.48
C LEU B 209 5.66 0.75 -13.48
N ARG B 210 5.75 -0.30 -12.67
CA ARG B 210 6.99 -1.08 -12.61
C ARG B 210 7.21 -1.75 -13.97
N PRO B 211 8.45 -1.77 -14.47
CA PRO B 211 8.70 -2.40 -15.78
C PRO B 211 8.29 -3.86 -15.85
N GLN B 212 8.47 -4.62 -14.77
CA GLN B 212 8.00 -5.99 -14.75
C GLN B 212 6.48 -6.04 -14.90
N LEU B 213 5.78 -5.15 -14.20
CA LEU B 213 4.32 -5.04 -14.34
C LEU B 213 3.91 -4.25 -15.57
N LEU B 214 4.85 -3.55 -16.20
CA LEU B 214 4.51 -2.75 -17.38
C LEU B 214 4.20 -3.62 -18.58
N ASP B 215 4.48 -4.92 -18.49
CA ASP B 215 4.25 -5.83 -19.60
C ASP B 215 2.76 -6.10 -19.76
N ARG B 216 2.42 -7.05 -20.63
CA ARG B 216 1.02 -7.38 -20.94
C ARG B 216 0.25 -6.16 -21.39
N PHE B 217 0.87 -5.31 -22.20
CA PHE B 217 0.26 -4.08 -22.68
C PHE B 217 -0.03 -4.24 -24.17
N GLY B 218 -1.24 -4.70 -24.50
CA GLY B 218 -1.60 -4.86 -25.89
C GLY B 218 -1.69 -3.54 -26.63
N MET B 219 -2.22 -2.52 -25.96
CA MET B 219 -2.38 -1.21 -26.57
C MET B 219 -2.42 -0.14 -25.48
N HIS B 220 -1.64 0.92 -25.68
CA HIS B 220 -1.59 2.03 -24.75
C HIS B 220 -1.15 3.29 -25.49
N ALA B 221 -2.02 4.29 -25.48
CA ALA B 221 -1.75 5.54 -26.17
C ALA B 221 -2.27 6.68 -25.31
N GLU B 222 -2.33 7.87 -25.90
CA GLU B 222 -2.77 9.07 -25.20
C GLU B 222 -3.65 9.92 -26.10
N ILE B 223 -4.38 10.84 -25.49
CA ILE B 223 -5.29 11.74 -26.19
C ILE B 223 -4.79 13.16 -25.96
N HIS B 224 -4.67 13.93 -27.04
CA HIS B 224 -4.20 15.29 -26.94
C HIS B 224 -5.32 16.27 -27.32
N THR B 225 -5.37 17.40 -26.61
CA THR B 225 -6.41 18.40 -26.82
C THR B 225 -6.07 19.24 -28.06
N VAL B 226 -6.87 20.28 -28.28
CA VAL B 226 -6.62 21.20 -29.43
C VAL B 226 -6.70 22.63 -28.90
N LYS B 227 -6.07 23.59 -29.59
CA LYS B 227 -6.06 25.01 -29.13
C LYS B 227 -7.20 25.77 -29.81
N GLU B 228 -8.34 25.11 -30.02
CA GLU B 228 -9.50 25.77 -30.66
C GLU B 228 -10.74 25.59 -29.77
N PRO B 229 -10.80 26.20 -28.58
CA PRO B 229 -12.01 26.11 -27.77
C PRO B 229 -13.23 26.36 -28.67
N ALA B 230 -13.13 27.33 -29.59
CA ALA B 230 -14.23 27.56 -30.55
C ALA B 230 -14.77 26.22 -31.05
N LEU B 231 -13.88 25.33 -31.51
CA LEU B 231 -14.32 24.02 -32.06
C LEU B 231 -14.95 23.21 -30.91
N ARG B 232 -14.31 23.22 -29.74
CA ARG B 232 -14.85 22.50 -28.56
C ARG B 232 -16.19 23.14 -28.16
N VAL B 233 -16.34 24.44 -28.42
CA VAL B 233 -17.59 25.17 -28.05
C VAL B 233 -18.77 24.47 -28.73
N GLN B 234 -18.59 24.02 -29.97
CA GLN B 234 -19.67 23.27 -30.67
C GLN B 234 -20.05 22.06 -29.80
N ILE B 235 -19.07 21.25 -29.41
CA ILE B 235 -19.32 20.11 -28.55
C ILE B 235 -19.88 20.58 -27.21
N VAL B 236 -19.36 21.69 -26.69
CA VAL B 236 -19.93 22.28 -25.48
C VAL B 236 -21.38 22.66 -25.72
N GLU B 237 -21.66 23.28 -26.88
CA GLU B 237 -23.04 23.50 -27.27
C GLU B 237 -23.78 22.19 -27.43
N GLN B 238 -23.12 21.19 -28.02
CA GLN B 238 -23.71 19.86 -28.10
C GLN B 238 -23.92 19.28 -26.70
N ARG B 239 -22.98 19.54 -25.79
CA ARG B 239 -23.17 19.10 -24.41
C ARG B 239 -24.39 19.76 -23.78
N SER B 240 -24.58 21.05 -24.05
CA SER B 240 -25.81 21.71 -23.63
C SER B 240 -27.02 21.08 -24.30
N GLU B 241 -26.90 20.78 -25.60
CA GLU B 241 -27.96 20.03 -26.29
C GLU B 241 -28.13 18.65 -25.67
N PHE B 242 -27.01 18.00 -25.33
CA PHE B 242 -27.11 16.77 -24.56
C PHE B 242 -27.78 17.01 -23.22
N ASP B 243 -27.47 18.15 -22.59
CA ASP B 243 -28.10 18.48 -21.32
C ASP B 243 -29.46 19.15 -21.52
N GLN B 244 -29.85 19.38 -22.77
CA GLN B 244 -31.11 20.08 -23.04
C GLN B 244 -32.31 19.21 -22.63
N ASN B 245 -32.46 18.05 -23.26
CA ASN B 245 -33.59 17.17 -22.98
C ASN B 245 -33.31 15.79 -23.59
N PRO B 246 -33.72 14.73 -22.91
CA PRO B 246 -33.57 13.39 -23.48
C PRO B 246 -34.37 13.24 -24.76
N PRO B 247 -35.43 14.03 -24.91
CA PRO B 247 -36.20 13.97 -26.16
C PRO B 247 -35.35 14.37 -27.35
N THR B 248 -35.59 13.69 -28.47
CA THR B 248 -34.95 13.96 -29.76
C THR B 248 -33.46 13.66 -29.74
N PHE B 249 -32.94 13.27 -28.58
CA PHE B 249 -31.54 12.90 -28.48
C PHE B 249 -31.22 11.60 -29.22
N LEU B 250 -32.01 10.56 -29.01
CA LEU B 250 -31.81 9.32 -29.76
C LEU B 250 -32.11 9.53 -31.24
N GLU B 251 -33.19 10.24 -31.56
CA GLU B 251 -33.54 10.47 -32.95
C GLU B 251 -32.55 11.41 -33.63
N LYS B 252 -31.69 12.07 -32.86
CA LYS B 252 -30.71 12.98 -33.44
C LYS B 252 -29.73 12.24 -34.34
N TYR B 253 -29.29 11.05 -33.93
CA TYR B 253 -28.35 10.26 -34.71
C TYR B 253 -28.67 8.77 -34.72
N ASN B 254 -29.93 8.39 -34.51
CA ASN B 254 -30.29 6.98 -34.53
C ASN B 254 -29.92 6.30 -35.85
N PRO B 255 -30.28 6.85 -37.01
CA PRO B 255 -29.83 6.24 -38.27
C PRO B 255 -28.32 6.17 -38.38
N GLU B 256 -27.61 7.21 -37.95
CA GLU B 256 -26.16 7.17 -37.96
C GLU B 256 -25.64 6.12 -36.99
N GLN B 257 -26.24 6.03 -35.81
CA GLN B 257 -25.82 5.03 -34.83
C GLN B 257 -26.10 3.62 -35.32
N THR B 258 -27.23 3.42 -36.01
CA THR B 258 -27.59 2.08 -36.45
C THR B 258 -26.59 1.53 -37.45
N ALA B 259 -25.90 2.40 -38.16
CA ALA B 259 -24.91 1.95 -39.14
C ALA B 259 -23.76 1.21 -38.46
N LEU B 260 -23.26 1.76 -37.35
CA LEU B 260 -22.13 1.13 -36.66
C LEU B 260 -22.48 -0.25 -36.14
N GLN B 261 -23.68 -0.41 -35.57
CA GLN B 261 -24.06 -1.73 -35.03
C GLN B 261 -24.09 -2.78 -36.12
N LYS B 262 -24.66 -2.45 -37.28
CA LYS B 262 -24.69 -3.37 -38.40
C LYS B 262 -23.30 -3.71 -38.93
N LYS B 263 -22.41 -2.72 -39.08
CA LYS B 263 -21.07 -2.97 -39.57
C LYS B 263 -20.26 -3.85 -38.63
N ILE B 264 -20.30 -3.58 -37.33
CA ILE B 264 -19.58 -4.37 -36.35
C ILE B 264 -20.09 -5.81 -36.30
N VAL B 265 -21.41 -5.98 -36.29
CA VAL B 265 -21.98 -7.33 -36.25
C VAL B 265 -21.62 -8.10 -37.51
N GLU B 266 -21.55 -7.40 -38.64
CA GLU B 266 -21.21 -8.05 -39.90
C GLU B 266 -19.81 -8.66 -39.84
N ALA B 267 -18.85 -7.92 -39.29
CA ALA B 267 -17.50 -8.46 -39.19
C ALA B 267 -17.41 -9.58 -38.16
N GLN B 268 -18.35 -9.62 -37.22
CA GLN B 268 -18.31 -10.67 -36.20
C GLN B 268 -18.46 -12.05 -36.81
N LYS B 269 -19.44 -12.22 -37.70
CA LYS B 269 -19.62 -13.51 -38.37
C LYS B 269 -18.49 -13.82 -39.34
N LEU B 270 -17.94 -12.81 -40.01
CA LEU B 270 -16.88 -13.05 -40.99
C LEU B 270 -15.50 -12.98 -40.36
N LEU B 271 -15.43 -12.82 -39.05
CA LEU B 271 -14.13 -12.75 -38.37
C LEU B 271 -13.27 -13.99 -38.62
N PRO B 272 -13.80 -15.21 -38.61
CA PRO B 272 -12.95 -16.38 -38.86
C PRO B 272 -12.28 -16.36 -40.23
N GLU B 273 -12.91 -15.77 -41.23
CA GLU B 273 -12.35 -15.72 -42.59
C GLU B 273 -11.24 -14.69 -42.69
N VAL B 274 -10.10 -14.98 -42.04
CA VAL B 274 -8.96 -14.10 -42.03
C VAL B 274 -7.86 -14.72 -42.87
N LYS B 275 -7.28 -13.94 -43.78
CA LYS B 275 -6.21 -14.43 -44.64
C LYS B 275 -4.97 -13.58 -44.41
N LEU B 276 -3.89 -14.23 -44.01
CA LEU B 276 -2.61 -13.56 -43.77
C LEU B 276 -1.51 -14.21 -44.60
N ASP B 277 -0.68 -13.37 -45.21
CA ASP B 277 0.39 -13.86 -46.08
C ASP B 277 1.65 -14.14 -45.27
N TYR B 278 2.14 -15.38 -45.37
CA TYR B 278 3.35 -15.77 -44.65
C TYR B 278 4.56 -14.96 -45.10
N ASP B 279 4.72 -14.74 -46.41
CA ASP B 279 5.82 -13.91 -46.90
C ASP B 279 5.70 -12.50 -46.35
N LEU B 280 4.50 -11.93 -46.38
CA LEU B 280 4.28 -10.66 -45.69
C LEU B 280 4.48 -10.78 -44.19
N ARG B 281 3.99 -11.88 -43.60
CA ARG B 281 4.20 -12.12 -42.18
C ARG B 281 5.68 -12.23 -41.85
N VAL B 282 6.48 -12.78 -42.76
CA VAL B 282 7.91 -12.87 -42.54
C VAL B 282 8.51 -11.48 -42.41
N LYS B 283 8.00 -10.52 -43.17
CA LYS B 283 8.52 -9.16 -43.10
C LYS B 283 8.22 -8.53 -41.74
N ILE B 284 7.14 -8.97 -41.08
CA ILE B 284 6.74 -8.37 -39.82
C ILE B 284 7.83 -8.54 -38.76
N SER B 285 8.34 -9.77 -38.61
CA SER B 285 9.48 -9.97 -37.73
C SER B 285 10.72 -9.25 -38.26
N GLU B 286 10.94 -9.30 -39.57
CA GLU B 286 12.03 -8.54 -40.16
C GLU B 286 11.87 -7.05 -39.92
N VAL B 287 10.62 -6.58 -39.87
CA VAL B 287 10.33 -5.18 -39.59
C VAL B 287 10.82 -4.87 -38.18
N CYS B 288 10.55 -5.76 -37.24
CA CYS B 288 10.97 -5.55 -35.83
C CYS B 288 12.38 -6.12 -35.62
N SER B 289 13.13 -6.32 -36.70
CA SER B 289 14.52 -6.85 -36.59
C SER B 289 15.36 -5.86 -35.76
N GLU B 290 15.20 -4.56 -36.00
CA GLU B 290 15.96 -3.53 -35.22
C GLU B 290 15.02 -2.91 -34.20
N LEU B 291 14.25 -3.73 -33.47
CA LEU B 291 13.31 -3.21 -32.49
C LEU B 291 13.80 -3.37 -31.06
N ASP B 292 14.65 -4.36 -30.80
CA ASP B 292 15.17 -4.64 -29.46
C ASP B 292 14.01 -4.84 -28.48
N VAL B 293 13.10 -5.73 -28.85
CA VAL B 293 11.88 -5.97 -28.09
C VAL B 293 12.13 -6.54 -26.70
N ASP B 294 13.32 -7.10 -26.46
CA ASP B 294 13.62 -7.77 -25.21
C ASP B 294 12.57 -8.83 -24.91
N GLY B 295 12.25 -9.63 -25.92
CA GLY B 295 11.16 -10.59 -25.81
C GLY B 295 10.13 -10.38 -26.91
N LEU B 296 9.92 -11.40 -27.73
CA LEU B 296 9.01 -11.28 -28.87
C LEU B 296 7.54 -11.45 -28.48
N ARG B 297 7.22 -11.37 -27.19
CA ARG B 297 5.82 -11.54 -26.77
C ARG B 297 4.92 -10.49 -27.39
N GLY B 298 5.36 -9.22 -27.39
CA GLY B 298 4.58 -8.18 -28.02
C GLY B 298 4.46 -8.35 -29.52
N ASP B 299 5.55 -8.77 -30.17
CA ASP B 299 5.51 -8.96 -31.61
C ASP B 299 4.57 -10.09 -32.01
N ILE B 300 4.29 -11.02 -31.10
CA ILE B 300 3.45 -12.16 -31.43
C ILE B 300 2.02 -11.70 -31.71
N VAL B 301 1.40 -11.05 -30.74
CA VAL B 301 0.05 -10.55 -30.92
C VAL B 301 0.00 -9.39 -31.91
N THR B 302 1.15 -8.75 -32.15
CA THR B 302 1.18 -7.63 -33.09
C THR B 302 0.74 -8.08 -34.48
N ASN B 303 1.07 -9.32 -34.86
CA ASN B 303 0.60 -9.84 -36.13
C ASN B 303 -0.92 -9.94 -36.16
N ARG B 304 -1.52 -10.34 -35.03
CA ARG B 304 -2.98 -10.48 -34.99
C ARG B 304 -3.69 -9.14 -35.03
N ALA B 305 -2.94 -8.04 -34.84
CA ALA B 305 -3.58 -6.72 -34.81
C ALA B 305 -4.19 -6.37 -36.16
N ALA B 306 -3.51 -6.72 -37.26
CA ALA B 306 -3.99 -6.34 -38.58
C ALA B 306 -5.30 -7.05 -38.94
N LYS B 307 -5.62 -8.13 -38.23
CA LYS B 307 -6.84 -8.86 -38.51
C LYS B 307 -8.07 -7.98 -38.30
N ALA B 308 -8.08 -7.21 -37.20
CA ALA B 308 -9.21 -6.32 -36.94
C ALA B 308 -9.34 -5.26 -38.02
N LEU B 309 -8.22 -4.67 -38.44
CA LEU B 309 -8.27 -3.68 -39.52
C LEU B 309 -8.80 -4.30 -40.80
N THR B 310 -8.34 -5.50 -41.13
CA THR B 310 -8.88 -6.20 -42.30
C THR B 310 -10.36 -6.49 -42.13
N ALA B 311 -10.77 -6.93 -40.94
CA ALA B 311 -12.18 -7.17 -40.69
C ALA B 311 -12.99 -5.89 -40.83
N TYR B 312 -12.48 -4.79 -40.28
CA TYR B 312 -13.14 -3.51 -40.46
C TYR B 312 -13.16 -3.09 -41.92
N GLU B 313 -12.04 -3.27 -42.63
CA GLU B 313 -12.00 -2.93 -44.05
C GLU B 313 -12.92 -3.81 -44.87
N GLY B 314 -13.02 -5.09 -44.53
CA GLY B 314 -13.86 -6.01 -45.27
C GLY B 314 -13.06 -6.87 -46.24
N ARG B 315 -11.84 -6.46 -46.55
CA ARG B 315 -10.98 -7.27 -47.40
C ARG B 315 -10.53 -8.52 -46.65
N THR B 316 -10.46 -9.63 -47.38
CA THR B 316 -10.08 -10.91 -46.79
C THR B 316 -8.57 -11.09 -46.74
N GLU B 317 -7.89 -10.82 -47.85
CA GLU B 317 -6.45 -10.94 -47.91
C GLU B 317 -5.79 -9.85 -47.08
N VAL B 318 -4.62 -10.18 -46.51
CA VAL B 318 -3.87 -9.22 -45.72
C VAL B 318 -3.33 -8.11 -46.62
N THR B 319 -3.44 -6.87 -46.14
CA THR B 319 -2.83 -5.73 -46.88
C THR B 319 -1.52 -5.39 -46.16
N VAL B 320 -0.37 -5.66 -46.80
CA VAL B 320 0.95 -5.49 -46.12
C VAL B 320 1.05 -4.11 -45.46
N ASP B 321 0.79 -3.02 -46.20
CA ASP B 321 0.98 -1.66 -45.63
C ASP B 321 0.13 -1.52 -44.36
N ASP B 322 -1.17 -1.81 -44.45
CA ASP B 322 -2.08 -1.64 -43.28
C ASP B 322 -1.54 -2.47 -42.12
N ILE B 323 -1.19 -3.73 -42.37
CA ILE B 323 -0.71 -4.62 -41.28
C ILE B 323 0.49 -3.96 -40.59
N ARG B 324 1.51 -3.57 -41.37
CA ARG B 324 2.74 -2.97 -40.79
C ARG B 324 2.35 -1.75 -39.95
N ARG B 325 1.53 -0.86 -40.52
CA ARG B 325 1.16 0.38 -39.80
C ARG B 325 0.53 0.01 -38.44
N VAL B 326 -0.46 -0.88 -38.45
CA VAL B 326 -1.17 -1.25 -37.19
C VAL B 326 -0.14 -1.80 -36.20
N ILE B 327 0.72 -2.72 -36.65
CA ILE B 327 1.70 -3.35 -35.73
C ILE B 327 2.57 -2.25 -35.09
N THR B 328 3.10 -1.35 -35.92
CA THR B 328 4.00 -0.28 -35.39
C THR B 328 3.24 0.57 -34.38
N LEU B 329 2.01 0.98 -34.71
CA LEU B 329 1.21 1.85 -33.80
C LEU B 329 1.02 1.14 -32.46
N CYS B 330 0.72 -0.16 -32.50
CA CYS B 330 0.44 -0.93 -31.24
C CYS B 330 1.72 -1.14 -30.43
N LEU B 331 2.87 -1.28 -31.10
CA LEU B 331 4.13 -1.61 -30.36
C LEU B 331 4.76 -0.38 -29.70
N ARG B 332 4.19 0.81 -29.88
CA ARG B 332 4.87 1.99 -29.34
C ARG B 332 5.00 1.94 -27.83
N HIS B 333 3.95 1.51 -27.14
CA HIS B 333 3.99 1.47 -25.68
C HIS B 333 5.03 0.48 -25.17
N ARG B 334 5.13 -0.69 -25.78
CA ARG B 334 6.09 -1.69 -25.34
C ARG B 334 7.52 -1.34 -25.73
N LEU B 335 7.73 -0.32 -26.56
CA LEU B 335 9.06 0.04 -27.04
C LEU B 335 9.81 0.74 -25.91
N ARG B 336 10.49 -0.06 -25.10
CA ARG B 336 11.28 0.49 -24.00
C ARG B 336 12.54 1.15 -24.53
N LYS B 337 13.11 2.05 -23.75
CA LYS B 337 14.32 2.76 -24.15
C LYS B 337 15.17 3.12 -22.92
N SER B 345 11.12 9.14 -31.18
CA SER B 345 9.71 8.90 -30.91
C SER B 345 9.11 7.92 -31.92
N GLY B 346 7.80 8.03 -32.14
CA GLY B 346 7.15 7.16 -33.12
C GLY B 346 7.66 7.39 -34.52
N TYR B 347 8.14 8.61 -34.80
CA TYR B 347 8.73 8.89 -36.10
C TYR B 347 9.97 8.04 -36.34
N LYS B 348 10.79 7.84 -35.31
CA LYS B 348 11.93 6.95 -35.43
C LYS B 348 11.47 5.52 -35.75
N VAL B 349 10.41 5.07 -35.08
CA VAL B 349 9.82 3.78 -35.43
C VAL B 349 9.29 3.82 -36.85
N GLU B 350 8.61 4.91 -37.22
CA GLU B 350 8.17 5.06 -38.60
C GLU B 350 9.36 5.10 -39.56
N LYS B 351 10.42 5.81 -39.18
CA LYS B 351 11.64 5.78 -39.98
C LYS B 351 12.21 4.37 -40.02
N VAL B 352 12.18 3.66 -38.89
CA VAL B 352 12.52 2.24 -38.89
C VAL B 352 11.55 1.44 -39.74
N PHE B 353 10.25 1.71 -39.65
CA PHE B 353 9.29 1.04 -40.50
C PHE B 353 9.58 1.28 -41.98
N ALA B 354 10.10 2.45 -42.32
CA ALA B 354 10.54 2.73 -43.67
C ALA B 354 11.70 1.80 -44.02
N ARG B 355 11.71 1.31 -45.27
CA ARG B 355 12.73 0.41 -45.79
C ARG B 355 12.68 -0.96 -45.10
N ILE B 356 11.78 -1.12 -44.13
CA ILE B 356 11.58 -2.42 -43.52
C ILE B 356 10.38 -3.12 -44.15
N PHE B 357 9.22 -2.49 -44.08
CA PHE B 357 8.05 -2.96 -44.80
C PHE B 357 8.16 -2.64 -46.29
N GLY B 358 9.16 -1.85 -46.65
CA GLY B 358 9.38 -1.45 -48.04
C GLY B 358 9.12 0.01 -48.27
N VAL B 359 10.19 0.81 -48.30
CA VAL B 359 10.08 2.25 -48.48
C VAL B 359 11.45 2.83 -48.84
N VAL C 20 -4.71 -29.24 -20.82
CA VAL C 20 -5.10 -27.83 -20.79
C VAL C 20 -3.86 -26.95 -20.68
N VAL C 21 -2.78 -27.36 -21.35
CA VAL C 21 -1.52 -26.65 -21.32
C VAL C 21 -0.84 -26.78 -22.68
N PHE C 22 0.34 -26.18 -22.78
CA PHE C 22 1.10 -26.23 -24.02
C PHE C 22 1.67 -27.62 -24.23
N PRO C 23 2.10 -27.97 -25.44
CA PRO C 23 2.60 -29.33 -25.69
C PRO C 23 3.93 -29.60 -25.00
N PHE C 24 4.42 -30.82 -25.20
CA PHE C 24 5.66 -31.23 -24.55
C PHE C 24 6.84 -30.41 -25.04
N THR C 25 7.12 -30.46 -26.35
CA THR C 25 8.20 -29.66 -26.90
C THR C 25 7.68 -28.31 -27.36
N ALA C 26 6.97 -27.62 -26.47
CA ALA C 26 6.42 -26.28 -26.79
C ALA C 26 7.52 -25.23 -26.63
N ILE C 27 7.39 -24.09 -27.32
CA ILE C 27 8.40 -22.99 -27.21
C ILE C 27 9.79 -23.58 -27.47
N VAL C 28 9.93 -24.37 -28.54
CA VAL C 28 11.25 -24.99 -28.88
C VAL C 28 12.33 -23.92 -28.87
N GLY C 29 13.55 -24.26 -28.47
CA GLY C 29 14.66 -23.30 -28.47
C GLY C 29 15.47 -23.41 -27.19
N GLN C 30 14.78 -23.57 -26.05
CA GLN C 30 15.48 -23.77 -24.76
C GLN C 30 15.83 -25.26 -24.64
N GLU C 31 16.43 -25.84 -25.68
CA GLU C 31 16.81 -27.27 -25.66
C GLU C 31 17.79 -27.50 -24.51
N GLU C 32 18.82 -26.65 -24.41
CA GLU C 32 19.78 -26.75 -23.28
C GLU C 32 19.00 -26.53 -21.98
N MET C 33 18.04 -25.59 -22.00
CA MET C 33 17.20 -25.36 -20.80
C MET C 33 16.38 -26.62 -20.53
N LYS C 34 15.75 -27.20 -21.57
CA LYS C 34 15.04 -28.45 -21.33
C LYS C 34 15.96 -29.47 -20.66
N LEU C 35 17.21 -29.55 -21.12
CA LEU C 35 18.18 -30.43 -20.48
C LEU C 35 18.43 -30.03 -19.03
N ALA C 36 18.53 -28.72 -18.78
CA ALA C 36 18.73 -28.26 -17.40
C ALA C 36 17.57 -28.67 -16.52
N LEU C 37 16.34 -28.55 -17.02
CA LEU C 37 15.18 -29.02 -16.28
C LEU C 37 15.26 -30.53 -16.07
N LEU C 38 15.67 -31.27 -17.10
CA LEU C 38 15.83 -32.72 -16.97
C LEU C 38 16.91 -33.06 -15.96
N LEU C 39 17.99 -32.27 -15.91
CA LEU C 39 19.06 -32.54 -14.96
C LEU C 39 18.53 -32.47 -13.53
N ASN C 40 17.73 -31.46 -13.22
CA ASN C 40 17.13 -31.37 -11.88
C ASN C 40 16.18 -32.53 -11.65
N VAL C 41 15.58 -33.06 -12.71
CA VAL C 41 14.66 -34.18 -12.56
C VAL C 41 15.44 -35.43 -12.18
N ILE C 42 14.70 -36.45 -11.77
CA ILE C 42 15.22 -37.77 -11.41
C ILE C 42 16.09 -37.69 -10.17
N ASP C 43 17.16 -36.89 -10.22
CA ASP C 43 18.08 -36.76 -9.09
C ASP C 43 17.77 -35.49 -8.32
N PRO C 44 17.32 -35.60 -7.07
CA PRO C 44 17.02 -34.39 -6.28
C PRO C 44 18.21 -33.79 -5.56
N LYS C 45 19.39 -34.42 -5.65
CA LYS C 45 20.55 -33.91 -4.93
C LYS C 45 21.27 -32.80 -5.70
N ILE C 46 20.80 -32.44 -6.89
CA ILE C 46 21.48 -31.43 -7.69
C ILE C 46 21.51 -30.10 -6.95
N GLY C 47 20.36 -29.68 -6.41
CA GLY C 47 20.30 -28.45 -5.64
C GLY C 47 19.32 -27.43 -6.16
N GLY C 48 19.26 -27.25 -7.48
CA GLY C 48 18.31 -26.35 -8.10
C GLY C 48 18.89 -25.67 -9.32
N VAL C 49 18.16 -24.66 -9.78
CA VAL C 49 18.53 -23.89 -10.96
C VAL C 49 18.09 -22.44 -10.77
N MET C 50 18.75 -21.52 -11.49
CA MET C 50 18.41 -20.08 -11.36
C MET C 50 18.17 -19.51 -12.76
N ILE C 51 16.90 -19.39 -13.16
CA ILE C 51 16.55 -18.83 -14.50
C ILE C 51 16.96 -17.35 -14.54
N MET C 52 17.81 -16.97 -15.49
CA MET C 52 18.26 -15.56 -15.61
C MET C 52 18.23 -15.17 -17.09
N GLY C 53 17.20 -14.44 -17.52
CA GLY C 53 17.07 -14.08 -18.91
C GLY C 53 16.76 -12.61 -19.09
N ASP C 54 16.40 -12.24 -20.32
CA ASP C 54 16.13 -10.84 -20.63
C ASP C 54 14.80 -10.36 -20.05
N ARG C 55 13.75 -11.18 -20.17
CA ARG C 55 12.44 -10.79 -19.69
C ARG C 55 11.60 -12.03 -19.45
N GLY C 56 10.33 -11.82 -19.08
CA GLY C 56 9.42 -12.90 -18.79
C GLY C 56 9.22 -13.83 -19.98
N THR C 57 8.99 -13.25 -21.15
CA THR C 57 8.91 -14.00 -22.41
C THR C 57 7.89 -15.13 -22.33
N GLY C 58 6.95 -15.03 -21.39
CA GLY C 58 6.04 -16.13 -21.16
C GLY C 58 6.74 -17.39 -20.70
N LYS C 59 7.81 -17.23 -19.93
CA LYS C 59 8.55 -18.39 -19.42
C LYS C 59 7.76 -19.20 -18.44
N SER C 60 6.63 -18.67 -17.96
CA SER C 60 5.77 -19.45 -17.07
C SER C 60 5.33 -20.75 -17.72
N THR C 61 5.02 -20.72 -19.01
CA THR C 61 4.74 -21.96 -19.72
C THR C 61 5.94 -22.89 -19.68
N THR C 62 7.14 -22.35 -19.92
CA THR C 62 8.34 -23.17 -19.81
C THR C 62 8.52 -23.67 -18.38
N ILE C 63 8.20 -22.83 -17.40
CA ILE C 63 8.21 -23.30 -16.01
C ILE C 63 7.14 -24.36 -15.81
N ARG C 64 5.94 -24.14 -16.34
CA ARG C 64 4.89 -25.13 -16.23
C ARG C 64 5.03 -26.25 -17.26
N ALA C 65 6.09 -26.24 -18.05
CA ALA C 65 6.25 -27.24 -19.10
C ALA C 65 6.35 -28.64 -18.53
N LEU C 66 6.67 -28.75 -17.23
CA LEU C 66 6.75 -30.07 -16.57
C LEU C 66 5.48 -30.30 -15.74
N ALA C 67 4.30 -30.07 -16.34
CA ALA C 67 3.02 -30.19 -15.60
C ALA C 67 2.58 -31.67 -15.55
N ASP C 68 2.39 -32.28 -16.73
CA ASP C 68 2.00 -33.71 -16.79
C ASP C 68 3.27 -34.57 -16.82
N LEU C 69 4.44 -33.92 -16.98
CA LEU C 69 5.72 -34.65 -17.02
C LEU C 69 5.86 -35.46 -15.73
N LEU C 70 5.51 -34.87 -14.58
CA LEU C 70 5.55 -35.60 -13.30
C LEU C 70 4.50 -36.72 -13.33
N PRO C 71 4.84 -37.98 -13.01
CA PRO C 71 3.82 -39.03 -12.95
C PRO C 71 2.84 -38.80 -11.79
N GLU C 72 1.76 -39.57 -11.74
CA GLU C 72 0.77 -39.43 -10.65
C GLU C 72 1.32 -40.14 -9.40
N ILE C 73 2.37 -39.59 -8.79
CA ILE C 73 3.00 -40.22 -7.60
C ILE C 73 1.90 -40.67 -6.64
N PRO C 74 2.00 -41.87 -6.03
CA PRO C 74 0.92 -42.35 -5.16
C PRO C 74 0.60 -41.34 -4.05
N VAL C 75 -0.65 -41.30 -3.59
CA VAL C 75 -1.07 -40.32 -2.55
C VAL C 75 -1.46 -41.07 -1.28
N VAL C 76 -1.63 -40.34 -0.17
CA VAL C 76 -2.04 -40.96 1.13
C VAL C 76 -3.05 -40.02 1.80
N ALA C 77 -4.27 -40.50 2.05
CA ALA C 77 -5.32 -39.66 2.68
C ALA C 77 -5.52 -38.38 1.86
N ASN C 78 -5.61 -37.22 2.53
CA ASN C 78 -5.84 -35.94 1.82
C ASN C 78 -5.22 -34.80 2.64
N ASP C 79 -4.07 -35.04 3.27
CA ASP C 79 -3.39 -34.00 4.10
C ASP C 79 -2.96 -32.85 3.19
N PRO C 80 -2.78 -31.61 3.70
CA PRO C 80 -2.29 -30.52 2.87
C PRO C 80 -0.95 -30.91 2.22
N PHE C 81 -0.04 -31.48 3.02
CA PHE C 81 1.28 -31.93 2.48
C PHE C 81 1.04 -33.11 1.52
N ASN C 82 1.65 -33.05 0.33
CA ASN C 82 1.52 -34.15 -0.65
C ASN C 82 2.38 -35.33 -0.19
N SER C 83 1.75 -36.35 0.39
CA SER C 83 2.51 -37.52 0.92
C SER C 83 2.07 -38.88 0.38
N ASP C 84 3.01 -39.68 -0.12
CA ASP C 84 2.78 -41.06 -0.51
C ASP C 84 2.39 -41.90 0.71
N PRO C 85 1.66 -43.00 0.48
CA PRO C 85 1.28 -43.85 1.62
C PRO C 85 2.47 -44.63 2.13
N SER C 86 2.33 -45.17 3.34
CA SER C 86 3.37 -45.94 4.03
C SER C 86 4.57 -45.01 4.19
N ASP C 87 5.80 -45.47 3.91
CA ASP C 87 7.01 -44.67 4.00
C ASP C 87 7.12 -44.01 5.37
N PRO C 88 7.47 -44.76 6.42
CA PRO C 88 7.57 -44.14 7.75
C PRO C 88 8.54 -42.99 7.79
N ASP C 89 9.60 -43.03 6.99
CA ASP C 89 10.49 -41.88 6.84
C ASP C 89 9.78 -40.67 6.25
N LEU C 90 8.71 -40.87 5.49
CA LEU C 90 7.96 -39.79 4.88
C LEU C 90 6.67 -39.51 5.65
N MET C 91 6.38 -40.33 6.66
CA MET C 91 5.24 -40.08 7.52
C MET C 91 5.62 -39.14 8.65
N SER C 92 5.00 -37.95 8.67
CA SER C 92 5.46 -36.88 9.55
C SER C 92 4.91 -37.01 10.97
N ASP C 93 3.60 -36.91 11.14
CA ASP C 93 3.03 -36.89 12.48
C ASP C 93 2.04 -38.01 12.73
N GLU C 94 1.01 -38.10 11.89
CA GLU C 94 -0.10 -39.02 12.12
C GLU C 94 0.07 -40.35 11.41
N VAL C 95 0.49 -40.35 10.14
CA VAL C 95 0.63 -41.59 9.40
C VAL C 95 1.67 -42.49 10.04
N ARG C 96 2.67 -41.89 10.69
CA ARG C 96 3.69 -42.68 11.37
C ARG C 96 3.13 -43.44 12.57
N GLN C 97 1.96 -43.02 13.07
CA GLN C 97 1.38 -43.70 14.22
C GLN C 97 -0.08 -44.07 13.97
N LYS C 98 -0.57 -43.82 12.75
CA LYS C 98 -1.96 -44.14 12.43
C LYS C 98 -2.22 -45.64 12.51
N SER C 99 -1.30 -46.44 12.00
CA SER C 99 -1.44 -47.89 12.02
C SER C 99 -1.09 -48.47 13.38
N GLU C 108 -3.46 -42.42 -3.68
CA GLU C 108 -4.54 -42.29 -4.65
C GLU C 108 -4.00 -41.89 -6.01
N PHE C 109 -2.66 -41.83 -6.12
CA PHE C 109 -1.98 -41.46 -7.36
C PHE C 109 -2.43 -40.09 -7.86
N LYS C 110 -2.18 -39.09 -7.02
CA LYS C 110 -2.55 -37.72 -7.33
C LYS C 110 -1.53 -37.09 -8.27
N LYS C 111 -2.00 -36.16 -9.10
CA LYS C 111 -1.16 -35.46 -10.05
C LYS C 111 -0.27 -34.47 -9.30
N VAL C 112 0.79 -34.00 -9.97
CA VAL C 112 1.71 -33.03 -9.39
C VAL C 112 0.98 -31.72 -9.18
N GLN C 113 1.44 -30.93 -8.21
CA GLN C 113 0.80 -29.66 -7.86
C GLN C 113 1.86 -28.56 -7.71
N MET C 114 2.75 -28.46 -8.69
CA MET C 114 3.77 -27.42 -8.68
C MET C 114 3.13 -26.05 -8.70
N VAL C 115 3.61 -25.15 -7.82
CA VAL C 115 3.04 -23.82 -7.66
C VAL C 115 4.16 -22.80 -7.64
N ASP C 116 3.77 -21.54 -7.80
CA ASP C 116 4.70 -20.42 -7.82
C ASP C 116 4.70 -19.72 -6.46
N LEU C 117 5.52 -18.69 -6.34
CA LEU C 117 5.65 -17.94 -5.10
C LEU C 117 5.23 -16.49 -5.32
N PRO C 118 4.21 -16.02 -4.61
CA PRO C 118 3.77 -14.64 -4.77
C PRO C 118 4.87 -13.65 -4.41
N LEU C 119 4.90 -12.54 -5.16
CA LEU C 119 5.88 -11.49 -4.91
C LEU C 119 5.70 -10.89 -3.53
N GLY C 120 4.54 -10.27 -3.29
CA GLY C 120 4.23 -9.78 -1.97
C GLY C 120 3.90 -10.92 -1.04
N ALA C 121 4.79 -11.18 -0.08
CA ALA C 121 4.63 -12.31 0.83
C ALA C 121 5.35 -12.04 2.14
N THR C 122 5.03 -12.84 3.14
CA THR C 122 5.62 -12.73 4.46
C THR C 122 6.02 -14.11 4.97
N GLU C 123 6.86 -14.13 6.00
CA GLU C 123 7.28 -15.38 6.60
C GLU C 123 6.11 -16.17 7.18
N ASP C 124 5.15 -15.49 7.82
CA ASP C 124 3.96 -16.16 8.31
C ASP C 124 3.15 -16.75 7.15
N ARG C 125 3.16 -16.08 6.00
CA ARG C 125 2.48 -16.62 4.83
C ARG C 125 3.14 -17.91 4.35
N VAL C 126 4.46 -18.05 4.54
CA VAL C 126 5.15 -19.27 4.16
C VAL C 126 5.08 -20.32 5.24
N CYS C 127 4.26 -20.10 6.26
CA CYS C 127 4.16 -21.02 7.40
C CYS C 127 2.72 -20.97 7.91
N GLY C 128 2.51 -21.48 9.13
CA GLY C 128 1.20 -21.45 9.73
C GLY C 128 1.30 -21.54 11.24
N THR C 129 0.64 -20.61 11.92
CA THR C 129 0.68 -20.54 13.38
C THR C 129 -0.24 -21.60 13.95
N ILE C 130 0.34 -22.75 14.29
CA ILE C 130 -0.43 -23.87 14.84
C ILE C 130 -0.96 -23.51 16.22
N PHE C 143 -3.59 -27.75 13.86
CA PHE C 143 -2.31 -27.16 13.53
C PHE C 143 -2.38 -26.44 12.18
N GLU C 144 -2.11 -25.14 12.20
CA GLU C 144 -2.16 -24.35 10.97
C GLU C 144 -0.97 -24.70 10.09
N PRO C 145 -1.19 -25.16 8.85
CA PRO C 145 -0.06 -25.48 7.99
C PRO C 145 0.42 -24.30 7.17
N GLY C 146 1.42 -24.51 6.32
CA GLY C 146 1.93 -23.47 5.47
C GLY C 146 1.96 -23.91 4.02
N LEU C 147 2.22 -22.93 3.14
CA LEU C 147 2.26 -23.22 1.71
C LEU C 147 3.37 -24.20 1.38
N LEU C 148 4.56 -24.02 1.97
CA LEU C 148 5.66 -24.94 1.71
C LEU C 148 5.33 -26.34 2.21
N ALA C 149 4.74 -26.44 3.41
CA ALA C 149 4.37 -27.74 3.94
C ALA C 149 3.33 -28.42 3.07
N LYS C 150 2.34 -27.66 2.60
CA LYS C 150 1.31 -28.22 1.72
C LYS C 150 1.86 -28.61 0.36
N ALA C 151 3.06 -28.15 0.02
CA ALA C 151 3.67 -28.43 -1.27
C ALA C 151 4.87 -29.36 -1.16
N ASN C 152 4.78 -30.38 -0.31
CA ASN C 152 5.88 -31.33 -0.16
C ASN C 152 6.08 -32.11 -1.45
N ARG C 153 7.34 -32.31 -1.82
CA ARG C 153 7.72 -33.04 -3.04
C ARG C 153 7.12 -32.40 -4.29
N GLY C 154 7.50 -31.16 -4.59
CA GLY C 154 6.98 -30.46 -5.74
C GLY C 154 7.91 -29.41 -6.30
N ILE C 155 7.51 -28.78 -7.40
CA ILE C 155 8.33 -27.74 -8.00
C ILE C 155 7.79 -26.37 -7.61
N LEU C 156 8.33 -25.82 -6.52
CA LEU C 156 7.93 -24.51 -6.03
C LEU C 156 8.53 -23.43 -6.91
N TYR C 157 7.74 -22.97 -7.89
CA TYR C 157 8.20 -21.98 -8.85
C TYR C 157 8.45 -20.65 -8.16
N VAL C 158 9.38 -19.88 -8.73
CA VAL C 158 9.74 -18.56 -8.23
C VAL C 158 10.37 -17.79 -9.39
N ASP C 159 10.15 -16.47 -9.40
CA ASP C 159 10.70 -15.58 -10.41
C ASP C 159 11.00 -14.25 -9.73
N GLU C 160 11.94 -13.51 -10.32
CA GLU C 160 12.37 -12.21 -9.78
C GLU C 160 12.77 -12.33 -8.32
N VAL C 161 13.57 -13.35 -8.00
CA VAL C 161 13.97 -13.59 -6.62
C VAL C 161 14.82 -12.46 -6.05
N ASN C 162 15.37 -11.59 -6.90
CA ASN C 162 16.16 -10.47 -6.41
C ASN C 162 15.31 -9.51 -5.59
N LEU C 163 14.00 -9.52 -5.81
CA LEU C 163 13.10 -8.67 -5.05
C LEU C 163 13.05 -9.04 -3.57
N LEU C 164 12.95 -10.32 -3.24
CA LEU C 164 12.95 -10.74 -1.85
C LEU C 164 14.33 -10.55 -1.24
N ASP C 165 14.36 -9.85 -0.10
CA ASP C 165 15.64 -9.45 0.49
C ASP C 165 16.24 -10.55 1.36
N ASP C 166 15.58 -10.90 2.46
CA ASP C 166 16.20 -11.76 3.46
C ASP C 166 15.25 -12.83 4.00
N HIS C 167 13.95 -12.65 3.77
CA HIS C 167 12.95 -13.48 4.45
C HIS C 167 13.19 -14.96 4.23
N LEU C 168 13.43 -15.36 2.98
CA LEU C 168 13.67 -16.78 2.70
C LEU C 168 14.97 -16.97 1.94
N VAL C 169 15.87 -15.98 2.00
CA VAL C 169 17.13 -16.09 1.27
C VAL C 169 17.95 -17.26 1.78
N ASP C 170 18.06 -17.41 3.10
CA ASP C 170 18.78 -18.55 3.64
C ASP C 170 17.84 -19.55 4.29
N VAL C 171 16.67 -19.09 4.74
CA VAL C 171 15.70 -19.97 5.36
C VAL C 171 15.22 -21.03 4.40
N LEU C 172 14.85 -20.65 3.17
CA LEU C 172 14.44 -21.59 2.14
C LEU C 172 15.62 -22.39 1.59
N LEU C 173 16.79 -21.75 1.43
CA LEU C 173 17.94 -22.45 0.89
C LEU C 173 18.36 -23.61 1.79
N ASP C 174 18.39 -23.38 3.09
CA ASP C 174 18.75 -24.41 4.06
C ASP C 174 17.63 -25.39 4.32
N SER C 175 16.39 -25.04 3.97
CA SER C 175 15.27 -25.93 4.24
C SER C 175 15.38 -27.23 3.44
N ALA C 176 15.84 -27.13 2.18
CA ALA C 176 15.95 -28.31 1.35
C ALA C 176 16.95 -29.31 1.93
N ALA C 177 18.09 -28.81 2.43
CA ALA C 177 19.09 -29.70 3.01
C ALA C 177 18.54 -30.42 4.23
N SER C 178 17.80 -29.71 5.08
CA SER C 178 17.21 -30.35 6.25
C SER C 178 16.20 -31.42 5.85
N GLY C 179 15.41 -31.14 4.82
CA GLY C 179 14.37 -32.06 4.40
C GLY C 179 13.13 -32.05 5.25
N TRP C 180 13.01 -31.11 6.19
CA TRP C 180 11.85 -31.04 7.07
C TRP C 180 11.55 -29.58 7.38
N ASN C 181 10.33 -29.33 7.83
CA ASN C 181 9.87 -27.99 8.18
C ASN C 181 9.74 -27.90 9.69
N THR C 182 10.77 -27.40 10.35
CA THR C 182 10.78 -27.27 11.80
C THR C 182 9.91 -26.08 12.23
N VAL C 183 9.35 -26.18 13.43
CA VAL C 183 8.48 -25.08 13.96
C VAL C 183 9.16 -24.47 15.20
N GLU C 184 8.97 -23.17 15.42
CA GLU C 184 9.56 -22.49 16.60
C GLU C 184 8.45 -21.88 17.44
N ARG C 185 7.25 -22.47 17.41
CA ARG C 185 6.10 -21.92 18.16
C ARG C 185 6.23 -22.33 19.64
N GLU C 186 7.16 -21.72 20.36
CA GLU C 186 7.38 -22.05 21.80
C GLU C 186 7.52 -23.57 21.95
N GLY C 187 6.70 -24.18 22.80
CA GLY C 187 6.76 -25.65 22.98
C GLY C 187 6.53 -26.37 21.66
N ILE C 188 5.59 -25.87 20.85
CA ILE C 188 5.32 -26.49 19.51
C ILE C 188 6.59 -26.38 18.67
N SER C 189 7.04 -27.50 18.09
CA SER C 189 8.28 -27.51 17.26
C SER C 189 8.15 -28.57 16.16
N ILE C 190 6.94 -28.74 15.61
CA ILE C 190 6.71 -29.78 14.56
C ILE C 190 7.75 -29.59 13.45
N ARG C 191 8.45 -30.67 13.07
CA ARG C 191 9.46 -30.60 11.99
C ARG C 191 8.99 -31.47 10.81
N HIS C 192 7.70 -31.38 10.45
CA HIS C 192 7.16 -32.19 9.37
C HIS C 192 8.11 -32.19 8.17
N PRO C 193 8.28 -33.33 7.50
CA PRO C 193 9.20 -33.38 6.37
C PRO C 193 8.80 -32.42 5.26
N ALA C 194 9.80 -31.85 4.61
CA ALA C 194 9.61 -30.87 3.54
C ALA C 194 10.47 -31.31 2.35
N ARG C 195 9.83 -31.47 1.20
CA ARG C 195 10.51 -31.84 -0.04
C ARG C 195 10.04 -30.94 -1.16
N PHE C 196 10.96 -30.54 -2.03
CA PHE C 196 10.63 -29.66 -3.14
C PHE C 196 11.74 -29.72 -4.17
N VAL C 197 11.63 -28.88 -5.20
CA VAL C 197 12.65 -28.76 -6.22
C VAL C 197 13.49 -27.51 -6.04
N LEU C 198 12.90 -26.39 -5.62
CA LEU C 198 13.62 -25.16 -5.32
C LEU C 198 14.42 -24.64 -6.51
N VAL C 199 13.73 -24.30 -7.60
CA VAL C 199 14.34 -23.65 -8.75
C VAL C 199 13.61 -22.36 -9.02
N GLY C 200 14.30 -21.23 -8.83
CA GLY C 200 13.71 -19.92 -8.99
C GLY C 200 14.04 -19.28 -10.33
N SER C 201 13.83 -17.97 -10.38
CA SER C 201 14.11 -17.18 -11.57
C SER C 201 14.29 -15.72 -11.17
N GLY C 202 14.84 -14.94 -12.08
CA GLY C 202 15.08 -13.53 -11.82
C GLY C 202 15.47 -12.82 -13.09
N ASN C 203 15.63 -11.50 -12.98
CA ASN C 203 15.96 -10.66 -14.12
C ASN C 203 17.30 -9.97 -13.88
N PRO C 204 18.18 -9.91 -14.88
CA PRO C 204 19.47 -9.25 -14.66
C PRO C 204 19.35 -7.77 -14.37
N GLU C 205 18.23 -7.14 -14.74
CA GLU C 205 18.06 -5.71 -14.50
C GLU C 205 18.08 -5.36 -13.02
N GLU C 206 17.42 -6.16 -12.17
CA GLU C 206 17.40 -5.91 -10.74
C GLU C 206 18.55 -6.61 -10.01
N GLY C 207 19.62 -6.92 -10.71
CA GLY C 207 20.73 -7.66 -10.13
C GLY C 207 20.37 -9.13 -9.94
N GLU C 208 21.35 -9.88 -9.42
CA GLU C 208 21.14 -11.29 -9.15
C GLU C 208 21.17 -11.60 -7.65
N LEU C 209 22.30 -11.32 -6.99
CA LEU C 209 22.43 -11.56 -5.55
C LEU C 209 23.77 -11.06 -5.03
N ARG C 210 23.79 -10.61 -3.78
CA ARG C 210 25.06 -10.49 -3.07
C ARG C 210 25.49 -11.92 -2.74
N PRO C 211 26.70 -12.34 -3.10
CA PRO C 211 27.00 -13.77 -3.05
C PRO C 211 27.09 -14.29 -1.63
N GLN C 212 26.03 -14.95 -1.19
CA GLN C 212 25.98 -15.64 0.09
C GLN C 212 25.65 -17.11 -0.05
N LEU C 213 24.62 -17.45 -0.82
CA LEU C 213 24.24 -18.84 -0.99
C LEU C 213 24.16 -19.22 -2.47
N LEU C 214 24.65 -18.36 -3.36
CA LEU C 214 24.66 -18.68 -4.78
C LEU C 214 25.48 -19.94 -5.05
N ASP C 215 26.64 -20.05 -4.42
CA ASP C 215 27.39 -21.31 -4.48
C ASP C 215 26.61 -22.43 -3.79
N ARG C 216 25.95 -22.12 -2.68
CA ARG C 216 25.11 -23.07 -1.96
C ARG C 216 23.87 -23.46 -2.75
N PHE C 217 23.56 -22.71 -3.81
CA PHE C 217 22.42 -23.00 -4.67
C PHE C 217 22.84 -24.03 -5.73
N GLY C 218 21.87 -24.43 -6.54
CA GLY C 218 22.11 -25.42 -7.58
C GLY C 218 22.89 -24.88 -8.77
N MET C 219 22.78 -25.54 -9.91
CA MET C 219 23.49 -25.10 -11.10
C MET C 219 22.92 -23.78 -11.61
N HIS C 220 23.77 -23.01 -12.28
CA HIS C 220 23.40 -21.70 -12.79
C HIS C 220 23.35 -21.75 -14.31
N ALA C 221 22.38 -21.04 -14.88
CA ALA C 221 22.20 -21.01 -16.33
C ALA C 221 21.47 -19.72 -16.71
N GLU C 222 21.51 -19.41 -18.00
CA GLU C 222 20.87 -18.20 -18.52
C GLU C 222 20.20 -18.48 -19.85
N ILE C 223 19.78 -17.42 -20.55
CA ILE C 223 19.15 -17.55 -21.85
C ILE C 223 19.81 -16.57 -22.81
N HIS C 224 19.70 -16.86 -24.10
CA HIS C 224 20.27 -16.04 -25.15
C HIS C 224 19.15 -15.24 -25.82
N THR C 225 19.50 -14.52 -26.87
CA THR C 225 18.56 -13.70 -27.63
C THR C 225 18.21 -14.40 -28.94
N VAL C 226 16.91 -14.57 -29.18
CA VAL C 226 16.44 -15.23 -30.40
C VAL C 226 16.59 -14.27 -31.57
N LYS C 227 17.44 -14.64 -32.54
CA LYS C 227 17.65 -13.78 -33.70
C LYS C 227 17.08 -14.35 -34.97
N GLU C 228 16.65 -15.61 -34.96
CA GLU C 228 16.12 -16.23 -36.16
C GLU C 228 14.64 -15.88 -36.31
N PRO C 229 14.29 -14.89 -37.14
CA PRO C 229 12.86 -14.57 -37.32
C PRO C 229 12.05 -15.72 -37.85
N ALA C 230 12.62 -16.54 -38.75
CA ALA C 230 11.90 -17.69 -39.27
C ALA C 230 11.57 -18.67 -38.16
N LEU C 231 12.53 -18.95 -37.28
CA LEU C 231 12.26 -19.82 -36.13
C LEU C 231 11.17 -19.20 -35.25
N ARG C 232 11.28 -17.90 -34.98
CA ARG C 232 10.24 -17.20 -34.23
C ARG C 232 8.90 -17.21 -34.96
N VAL C 233 8.91 -17.20 -36.29
CA VAL C 233 7.66 -17.25 -37.04
C VAL C 233 6.92 -18.56 -36.75
N GLN C 234 7.65 -19.67 -36.76
CA GLN C 234 7.04 -20.95 -36.41
C GLN C 234 6.48 -20.96 -35.00
N ILE C 235 7.13 -20.23 -34.08
CA ILE C 235 6.60 -20.12 -32.72
C ILE C 235 5.24 -19.44 -32.73
N VAL C 236 5.12 -18.34 -33.49
CA VAL C 236 3.82 -17.72 -33.66
C VAL C 236 2.85 -18.69 -34.30
N GLU C 237 3.31 -19.42 -35.32
CA GLU C 237 2.50 -20.49 -35.88
C GLU C 237 2.21 -21.56 -34.83
N GLN C 238 3.21 -21.89 -34.02
CA GLN C 238 2.98 -22.82 -32.91
C GLN C 238 1.96 -22.24 -31.93
N ARG C 239 2.05 -20.95 -31.64
CA ARG C 239 1.05 -20.31 -30.80
C ARG C 239 -0.33 -20.37 -31.46
N SER C 240 -0.38 -20.11 -32.76
CA SER C 240 -1.63 -20.31 -33.50
C SER C 240 -2.03 -21.77 -33.48
N GLU C 241 -1.07 -22.68 -33.63
CA GLU C 241 -1.35 -24.09 -33.47
C GLU C 241 -1.88 -24.39 -32.06
N PHE C 242 -1.30 -23.74 -31.06
CA PHE C 242 -1.81 -23.90 -29.67
C PHE C 242 -3.19 -23.25 -29.58
N ASP C 243 -3.43 -22.17 -30.34
CA ASP C 243 -4.72 -21.44 -30.25
C ASP C 243 -5.74 -22.05 -31.21
N GLN C 244 -5.30 -22.75 -32.26
CA GLN C 244 -6.24 -23.31 -33.26
C GLN C 244 -7.21 -24.27 -32.58
N ASN C 245 -6.70 -25.17 -31.75
CA ASN C 245 -7.55 -26.16 -31.03
C ASN C 245 -6.69 -26.86 -29.98
N PRO C 246 -6.73 -26.44 -28.70
CA PRO C 246 -5.82 -27.03 -27.71
C PRO C 246 -5.85 -28.57 -27.83
N PRO C 247 -7.03 -29.21 -27.83
CA PRO C 247 -7.10 -30.67 -27.87
C PRO C 247 -6.56 -31.24 -29.19
N THR C 248 -7.00 -30.70 -30.32
CA THR C 248 -6.51 -31.17 -31.64
C THR C 248 -4.98 -31.07 -31.65
N PHE C 249 -4.43 -29.87 -31.43
CA PHE C 249 -2.99 -29.71 -31.36
C PHE C 249 -2.37 -30.77 -30.47
N LEU C 250 -3.02 -31.09 -29.35
CA LEU C 250 -2.51 -32.14 -28.46
C LEU C 250 -2.48 -33.49 -29.15
N GLU C 251 -3.54 -33.81 -29.90
CA GLU C 251 -3.58 -35.09 -30.61
C GLU C 251 -2.54 -35.13 -31.72
N LYS C 252 -2.11 -33.96 -32.20
CA LYS C 252 -1.12 -33.92 -33.27
C LYS C 252 0.21 -34.52 -32.81
N TYR C 253 0.61 -34.24 -31.58
CA TYR C 253 1.87 -34.73 -31.05
C TYR C 253 1.71 -35.56 -29.78
N ASN C 254 0.52 -36.12 -29.54
CA ASN C 254 0.33 -36.93 -28.34
C ASN C 254 1.27 -38.11 -28.27
N PRO C 255 1.45 -38.91 -29.33
CA PRO C 255 2.42 -40.02 -29.25
C PRO C 255 3.83 -39.56 -28.97
N GLU C 256 4.24 -38.41 -29.50
CA GLU C 256 5.58 -37.91 -29.22
C GLU C 256 5.76 -37.58 -27.74
N GLN C 257 4.67 -37.16 -27.08
CA GLN C 257 4.74 -36.87 -25.65
C GLN C 257 5.05 -38.12 -24.84
N THR C 258 4.47 -39.26 -25.23
CA THR C 258 4.68 -40.50 -24.49
C THR C 258 6.14 -40.94 -24.56
N ALA C 259 6.78 -40.76 -25.71
CA ALA C 259 8.15 -41.24 -25.89
C ALA C 259 9.12 -40.52 -24.95
N LEU C 260 8.95 -39.20 -24.79
CA LEU C 260 9.87 -38.45 -23.93
C LEU C 260 9.79 -38.93 -22.49
N GLN C 261 8.58 -39.17 -21.99
CA GLN C 261 8.41 -39.67 -20.62
C GLN C 261 8.99 -41.07 -20.44
N LYS C 262 9.08 -41.86 -21.51
CA LYS C 262 9.58 -43.22 -21.42
C LYS C 262 11.02 -43.32 -20.94
N LYS C 263 11.91 -42.46 -21.44
CA LYS C 263 13.30 -42.51 -21.01
C LYS C 263 13.44 -42.19 -19.53
N ILE C 264 12.68 -41.21 -19.04
CA ILE C 264 12.79 -40.80 -17.65
C ILE C 264 12.35 -41.92 -16.71
N VAL C 265 11.27 -42.61 -17.04
CA VAL C 265 10.78 -43.69 -16.18
C VAL C 265 11.82 -44.81 -16.09
N GLU C 266 12.41 -45.18 -17.22
CA GLU C 266 13.45 -46.20 -17.21
C GLU C 266 14.72 -45.69 -16.52
N ALA C 267 14.93 -44.38 -16.53
CA ALA C 267 16.13 -43.83 -15.90
C ALA C 267 16.07 -43.96 -14.38
N GLN C 268 14.90 -44.31 -13.84
CA GLN C 268 14.79 -44.52 -12.40
C GLN C 268 15.70 -45.65 -11.92
N LYS C 269 15.72 -46.77 -12.64
CA LYS C 269 16.61 -47.86 -12.30
C LYS C 269 18.06 -47.53 -12.60
N LEU C 270 18.30 -46.57 -13.51
CA LEU C 270 19.66 -46.19 -13.88
C LEU C 270 20.45 -45.61 -12.72
N LEU C 271 19.78 -45.10 -11.69
CA LEU C 271 20.50 -44.62 -10.51
C LEU C 271 21.38 -45.69 -9.89
N PRO C 272 20.96 -46.96 -9.81
CA PRO C 272 21.84 -48.00 -9.27
C PRO C 272 23.08 -48.21 -10.13
N GLU C 273 24.15 -48.70 -9.52
CA GLU C 273 25.42 -48.96 -10.19
C GLU C 273 26.00 -47.69 -10.78
N VAL C 274 26.44 -47.76 -12.05
CA VAL C 274 27.10 -46.65 -12.72
C VAL C 274 28.28 -46.19 -11.89
N LYS C 275 29.06 -47.14 -11.37
CA LYS C 275 30.15 -46.81 -10.48
C LYS C 275 31.42 -46.53 -11.27
N LEU C 276 31.74 -45.25 -11.43
CA LEU C 276 32.98 -44.85 -12.09
C LEU C 276 34.17 -45.24 -11.25
N ASP C 277 35.30 -45.49 -11.92
CA ASP C 277 36.54 -45.83 -11.22
C ASP C 277 37.09 -44.67 -10.40
N TYR C 278 36.55 -43.45 -10.59
CA TYR C 278 36.95 -42.25 -9.87
C TYR C 278 38.36 -41.82 -10.27
N ASP C 279 39.02 -42.61 -11.12
CA ASP C 279 40.31 -42.22 -11.69
C ASP C 279 40.23 -40.96 -12.53
N LEU C 280 39.21 -40.86 -13.39
CA LEU C 280 38.92 -39.59 -14.05
C LEU C 280 38.41 -38.56 -13.05
N ARG C 281 37.62 -39.00 -12.06
CA ARG C 281 37.13 -38.09 -11.04
C ARG C 281 38.28 -37.56 -10.18
N VAL C 282 39.40 -38.28 -10.15
CA VAL C 282 40.57 -37.79 -9.42
C VAL C 282 41.07 -36.49 -10.02
N LYS C 283 41.14 -36.42 -11.35
CA LYS C 283 41.55 -35.20 -12.03
C LYS C 283 40.43 -34.16 -12.08
N ILE C 284 39.19 -34.54 -11.76
CA ILE C 284 38.09 -33.58 -11.78
C ILE C 284 38.35 -32.46 -10.79
N SER C 285 38.78 -32.82 -9.57
CA SER C 285 39.22 -31.81 -8.62
C SER C 285 40.46 -31.09 -9.12
N GLU C 286 41.43 -31.82 -9.70
CA GLU C 286 42.61 -31.18 -10.27
C GLU C 286 42.24 -30.29 -11.45
N VAL C 287 41.13 -30.57 -12.12
CA VAL C 287 40.68 -29.74 -13.23
C VAL C 287 40.37 -28.33 -12.76
N CYS C 288 39.70 -28.21 -11.61
CA CYS C 288 39.39 -26.87 -11.04
C CYS C 288 40.70 -26.16 -10.71
N SER C 289 41.42 -26.65 -9.68
CA SER C 289 42.73 -26.06 -9.33
C SER C 289 42.59 -24.54 -9.18
N GLU C 290 43.22 -23.77 -10.07
CA GLU C 290 43.10 -22.29 -10.03
C GLU C 290 41.63 -21.91 -9.90
N LEU C 291 40.73 -22.72 -10.48
CA LEU C 291 39.31 -22.41 -10.43
C LEU C 291 38.61 -23.05 -9.24
N ASP C 292 39.36 -23.74 -8.39
CA ASP C 292 38.78 -24.32 -7.15
C ASP C 292 39.27 -23.50 -5.96
N VAL C 293 39.43 -22.19 -6.14
CA VAL C 293 39.96 -21.31 -5.04
C VAL C 293 39.09 -21.48 -3.81
N ASP C 294 37.76 -21.51 -3.99
CA ASP C 294 36.83 -21.66 -2.84
C ASP C 294 35.57 -22.41 -3.31
N GLY C 295 34.81 -22.98 -2.36
CA GLY C 295 33.58 -23.70 -2.70
C GLY C 295 33.79 -25.20 -2.81
N LEU C 296 34.54 -25.78 -1.86
CA LEU C 296 34.74 -27.25 -1.84
C LEU C 296 33.41 -27.94 -2.13
N ARG C 297 32.37 -27.64 -1.34
CA ARG C 297 31.06 -28.22 -1.56
C ARG C 297 30.69 -28.31 -3.04
N GLY C 298 30.99 -27.28 -3.84
CA GLY C 298 30.60 -27.29 -5.23
C GLY C 298 31.26 -28.40 -6.04
N ASP C 299 32.55 -28.63 -5.79
CA ASP C 299 33.27 -29.65 -6.55
C ASP C 299 32.69 -31.04 -6.33
N ILE C 300 32.31 -31.36 -5.10
CA ILE C 300 31.73 -32.67 -4.81
C ILE C 300 30.43 -32.86 -5.57
N VAL C 301 29.59 -31.83 -5.60
CA VAL C 301 28.28 -31.95 -6.25
C VAL C 301 28.39 -32.23 -7.74
N THR C 302 29.29 -31.55 -8.44
CA THR C 302 29.37 -31.71 -9.89
C THR C 302 29.73 -33.15 -10.28
N ASN C 303 30.38 -33.87 -9.36
CA ASN C 303 30.75 -35.25 -9.66
C ASN C 303 29.52 -36.11 -9.88
N ARG C 304 28.48 -35.96 -9.07
CA ARG C 304 27.27 -36.75 -9.24
C ARG C 304 26.56 -36.45 -10.56
N ALA C 305 26.78 -35.26 -11.12
CA ALA C 305 26.14 -34.87 -12.37
C ALA C 305 26.55 -35.75 -13.55
N ALA C 306 27.79 -36.25 -13.54
CA ALA C 306 28.25 -37.09 -14.65
C ALA C 306 27.43 -38.36 -14.76
N LYS C 307 27.06 -38.95 -13.61
CA LYS C 307 26.22 -40.15 -13.63
C LYS C 307 24.89 -39.86 -14.32
N ALA C 308 24.26 -38.74 -13.97
CA ALA C 308 23.07 -38.32 -14.69
C ALA C 308 23.40 -37.94 -16.13
N LEU C 309 24.56 -37.31 -16.33
CA LEU C 309 24.97 -36.95 -17.69
C LEU C 309 25.11 -38.19 -18.56
N THR C 310 25.73 -39.24 -18.03
CA THR C 310 25.76 -40.53 -18.71
C THR C 310 24.60 -41.41 -18.28
N ALA C 311 23.40 -40.82 -18.31
CA ALA C 311 22.17 -41.58 -18.06
C ALA C 311 21.11 -41.41 -19.13
N TYR C 312 20.93 -40.20 -19.68
CA TYR C 312 20.06 -40.05 -20.84
C TYR C 312 20.65 -40.74 -22.06
N GLU C 313 21.96 -40.70 -22.21
CA GLU C 313 22.66 -41.42 -23.27
C GLU C 313 22.56 -42.93 -23.10
N GLY C 314 22.27 -43.41 -21.89
CA GLY C 314 22.09 -44.82 -21.63
C GLY C 314 23.36 -45.59 -21.33
N ARG C 315 24.52 -44.94 -21.34
CA ARG C 315 25.76 -45.63 -21.05
C ARG C 315 25.81 -46.05 -19.58
N THR C 316 26.07 -47.34 -19.36
CA THR C 316 26.15 -47.89 -18.02
C THR C 316 27.45 -47.54 -17.34
N GLU C 317 28.47 -47.15 -18.10
CA GLU C 317 29.77 -46.79 -17.57
C GLU C 317 29.93 -45.27 -17.65
N VAL C 318 31.04 -44.76 -17.11
CA VAL C 318 31.28 -43.33 -17.16
C VAL C 318 31.64 -42.92 -18.59
N THR C 319 30.94 -41.91 -19.10
CA THR C 319 31.18 -41.43 -20.45
C THR C 319 32.14 -40.24 -20.38
N VAL C 320 33.29 -40.39 -21.03
CA VAL C 320 34.26 -39.31 -21.07
C VAL C 320 33.70 -38.13 -21.86
N ASP C 321 34.26 -36.95 -21.59
CA ASP C 321 33.93 -35.65 -22.18
C ASP C 321 32.57 -35.15 -21.71
N ASP C 322 31.81 -35.93 -20.95
CA ASP C 322 30.54 -35.46 -20.39
C ASP C 322 30.77 -34.37 -19.36
N ILE C 323 31.87 -34.45 -18.61
CA ILE C 323 32.21 -33.40 -17.67
C ILE C 323 32.42 -32.09 -18.41
N ARG C 324 33.12 -32.14 -19.54
CA ARG C 324 33.28 -30.94 -20.36
C ARG C 324 31.93 -30.42 -20.84
N ARG C 325 31.01 -31.31 -21.19
CA ARG C 325 29.67 -30.93 -21.59
C ARG C 325 28.85 -30.37 -20.45
N VAL C 326 29.32 -30.50 -19.21
CA VAL C 326 28.62 -29.99 -18.03
C VAL C 326 29.49 -29.06 -17.21
N ILE C 327 30.75 -28.86 -17.62
CA ILE C 327 31.67 -27.99 -16.90
C ILE C 327 31.17 -26.55 -16.86
N THR C 328 30.70 -26.03 -18.00
CA THR C 328 30.16 -24.67 -18.02
C THR C 328 28.93 -24.56 -17.13
N LEU C 329 28.07 -25.57 -17.16
CA LEU C 329 26.87 -25.59 -16.35
C LEU C 329 27.13 -26.03 -14.91
N CYS C 330 28.39 -26.13 -14.51
CA CYS C 330 28.73 -26.60 -13.17
C CYS C 330 28.86 -25.47 -12.15
N LEU C 331 29.85 -24.60 -12.29
CA LEU C 331 30.08 -23.54 -11.32
C LEU C 331 30.47 -22.21 -11.98
N ARG C 332 29.95 -21.93 -13.17
CA ARG C 332 30.24 -20.70 -13.89
C ARG C 332 29.91 -19.45 -13.09
N HIS C 333 28.70 -19.36 -12.54
CA HIS C 333 28.39 -18.23 -11.66
C HIS C 333 29.21 -18.30 -10.37
N ARG C 334 29.34 -19.51 -9.81
CA ARG C 334 30.13 -19.69 -8.60
C ARG C 334 31.60 -19.32 -8.79
N LEU C 335 32.12 -19.42 -10.01
CA LEU C 335 33.50 -19.03 -10.27
C LEU C 335 33.64 -17.52 -10.14
N ARG C 336 34.30 -17.08 -9.07
CA ARG C 336 34.48 -15.65 -8.83
C ARG C 336 35.46 -15.07 -9.85
N LYS C 337 35.34 -13.77 -10.09
CA LYS C 337 36.21 -13.08 -11.04
C LYS C 337 36.24 -11.60 -10.69
N ASP C 338 36.78 -10.81 -11.61
CA ASP C 338 36.87 -9.36 -11.43
C ASP C 338 35.49 -8.72 -11.50
N ASP C 344 37.70 -15.27 -19.72
CA ASP C 344 36.86 -15.57 -20.92
C ASP C 344 35.71 -16.49 -20.51
N SER C 345 35.46 -16.62 -19.20
CA SER C 345 34.33 -17.45 -18.70
C SER C 345 34.39 -18.83 -19.37
N GLY C 346 33.27 -19.27 -19.96
CA GLY C 346 33.24 -20.57 -20.66
C GLY C 346 34.48 -20.77 -21.51
N TYR C 347 34.83 -19.77 -22.31
CA TYR C 347 36.01 -19.87 -23.17
C TYR C 347 37.26 -20.05 -22.33
N LYS C 348 37.38 -19.31 -21.23
CA LYS C 348 38.49 -19.51 -20.30
C LYS C 348 38.43 -20.91 -19.69
N VAL C 349 37.24 -21.37 -19.32
CA VAL C 349 37.09 -22.74 -18.82
C VAL C 349 37.49 -23.75 -19.89
N GLU C 350 37.04 -23.52 -21.12
CA GLU C 350 37.42 -24.39 -22.22
C GLU C 350 38.92 -24.39 -22.46
N LYS C 351 39.54 -23.21 -22.40
CA LYS C 351 41.00 -23.14 -22.50
C LYS C 351 41.66 -23.89 -21.34
N VAL C 352 41.13 -23.73 -20.14
CA VAL C 352 41.62 -24.48 -18.99
C VAL C 352 41.30 -25.97 -19.14
N PHE C 353 40.16 -26.31 -19.74
CA PHE C 353 39.78 -27.70 -19.90
C PHE C 353 40.76 -28.44 -20.80
N ALA C 354 41.47 -27.72 -21.67
CA ALA C 354 42.45 -28.36 -22.54
C ALA C 354 43.56 -29.02 -21.72
N ARG C 355 44.06 -28.33 -20.71
CA ARG C 355 45.10 -28.90 -19.86
C ARG C 355 44.51 -29.91 -18.89
N ILE C 356 43.24 -29.75 -18.53
CA ILE C 356 42.63 -30.60 -17.51
C ILE C 356 42.51 -32.05 -17.99
N PHE C 357 42.00 -32.24 -19.21
CA PHE C 357 41.78 -33.57 -19.74
C PHE C 357 42.75 -33.91 -20.87
N GLY C 358 43.02 -32.98 -21.77
CA GLY C 358 43.93 -33.22 -22.87
C GLY C 358 43.24 -33.35 -24.20
N VAL C 359 43.29 -32.30 -25.01
CA VAL C 359 42.66 -32.30 -26.32
C VAL C 359 43.36 -31.33 -27.26
N VAL D 20 20.02 -39.05 13.27
CA VAL D 20 20.32 -37.67 12.90
C VAL D 20 21.62 -37.22 13.57
N VAL D 21 22.75 -37.73 13.07
CA VAL D 21 24.05 -37.39 13.63
C VAL D 21 25.10 -37.70 12.57
N PHE D 22 26.28 -37.07 12.71
CA PHE D 22 27.38 -37.29 11.80
C PHE D 22 28.67 -37.55 12.58
N PRO D 23 29.62 -38.28 12.00
CA PRO D 23 30.87 -38.56 12.72
C PRO D 23 31.80 -37.37 12.70
N PHE D 24 32.12 -36.86 13.89
CA PHE D 24 33.01 -35.70 14.00
C PHE D 24 34.39 -36.01 13.46
N THR D 25 34.93 -37.17 13.79
CA THR D 25 36.26 -37.57 13.35
C THR D 25 36.33 -37.87 11.86
N ALA D 26 35.18 -38.03 11.18
CA ALA D 26 35.19 -38.32 9.76
C ALA D 26 35.83 -37.19 8.96
N ILE D 27 35.50 -35.95 9.31
CA ILE D 27 36.10 -34.81 8.63
C ILE D 27 37.58 -34.72 8.98
N VAL D 28 38.37 -34.18 8.05
CA VAL D 28 39.80 -34.04 8.22
C VAL D 28 40.20 -32.62 7.81
N GLY D 29 41.48 -32.32 7.97
CA GLY D 29 41.97 -31.00 7.62
C GLY D 29 41.75 -30.00 8.75
N GLN D 30 42.81 -29.25 9.05
CA GLN D 30 42.82 -28.30 10.16
C GLN D 30 42.40 -29.00 11.45
N GLU D 31 42.99 -30.17 11.69
CA GLU D 31 42.63 -30.97 12.86
C GLU D 31 42.94 -30.24 14.16
N GLU D 32 43.85 -29.27 14.12
CA GLU D 32 44.13 -28.46 15.31
C GLU D 32 42.91 -27.67 15.74
N MET D 33 42.08 -27.25 14.79
CA MET D 33 40.85 -26.54 15.12
C MET D 33 39.91 -27.43 15.93
N LYS D 34 39.79 -28.70 15.55
CA LYS D 34 38.98 -29.64 16.34
C LYS D 34 39.53 -29.78 17.75
N LEU D 35 40.86 -29.90 17.88
CA LEU D 35 41.47 -29.90 19.19
C LEU D 35 41.23 -28.57 19.91
N ALA D 36 41.34 -27.46 19.18
CA ALA D 36 40.97 -26.17 19.75
C ALA D 36 39.50 -26.15 20.14
N LEU D 37 38.64 -26.73 19.29
CA LEU D 37 37.25 -26.93 19.69
C LEU D 37 37.16 -27.86 20.89
N LEU D 38 37.95 -28.93 20.91
CA LEU D 38 38.01 -29.80 22.06
C LEU D 38 38.61 -29.11 23.28
N LEU D 39 39.47 -28.11 23.07
CA LEU D 39 40.07 -27.40 24.19
C LEU D 39 39.01 -26.69 25.03
N ASN D 40 38.06 -26.05 24.37
CA ASN D 40 36.99 -25.32 25.06
C ASN D 40 35.71 -26.13 25.14
N VAL D 41 35.74 -27.42 24.76
CA VAL D 41 34.55 -28.24 24.77
C VAL D 41 34.00 -28.39 26.20
N ILE D 42 34.89 -28.67 27.15
CA ILE D 42 34.49 -28.87 28.54
C ILE D 42 34.96 -27.72 29.42
N ASP D 43 35.43 -26.64 28.82
CA ASP D 43 35.91 -25.50 29.58
C ASP D 43 34.77 -24.55 29.90
N PRO D 44 34.41 -24.36 31.18
CA PRO D 44 33.35 -23.42 31.53
C PRO D 44 33.81 -21.98 31.73
N LYS D 45 35.12 -21.76 31.88
CA LYS D 45 35.67 -20.42 32.06
C LYS D 45 36.41 -19.93 30.81
N ILE D 46 35.92 -20.28 29.63
CA ILE D 46 36.55 -19.89 28.39
C ILE D 46 35.75 -18.90 27.56
N GLY D 47 34.47 -19.18 27.29
CA GLY D 47 33.69 -18.25 26.51
C GLY D 47 33.92 -18.42 25.01
N GLY D 48 33.36 -17.47 24.26
CA GLY D 48 33.51 -17.46 22.82
C GLY D 48 34.95 -17.31 22.38
N VAL D 49 35.29 -18.05 21.32
CA VAL D 49 36.63 -18.07 20.77
C VAL D 49 36.55 -17.76 19.29
N MET D 50 37.39 -16.83 18.82
CA MET D 50 37.39 -16.45 17.42
C MET D 50 37.79 -17.61 16.54
N ILE D 51 37.03 -17.82 15.45
CA ILE D 51 37.33 -18.94 14.50
C ILE D 51 37.03 -18.46 13.08
N MET D 52 38.07 -18.16 12.29
CA MET D 52 37.88 -17.66 10.90
C MET D 52 37.65 -18.84 9.96
N GLY D 53 37.42 -18.55 8.67
CA GLY D 53 37.19 -19.61 7.68
C GLY D 53 35.70 -19.79 7.41
N ASP D 54 35.13 -18.96 6.53
CA ASP D 54 33.68 -19.05 6.20
C ASP D 54 33.52 -19.53 4.75
N ARG D 55 32.83 -20.67 4.56
CA ARG D 55 32.61 -21.22 3.20
C ARG D 55 31.67 -22.43 3.31
N GLY D 56 31.31 -23.06 2.18
CA GLY D 56 30.49 -24.28 2.27
C GLY D 56 31.07 -25.21 3.33
N THR D 57 32.38 -25.12 3.54
CA THR D 57 33.05 -25.97 4.58
C THR D 57 32.64 -25.49 5.97
N GLY D 58 32.83 -24.21 6.28
CA GLY D 58 32.51 -23.73 7.64
C GLY D 58 31.17 -24.25 8.10
N LYS D 59 30.14 -24.14 7.26
CA LYS D 59 28.79 -24.57 7.67
C LYS D 59 28.83 -26.06 8.02
N SER D 60 29.45 -26.86 7.15
CA SER D 60 29.53 -28.32 7.40
C SER D 60 30.22 -28.57 8.74
N THR D 61 31.37 -27.92 8.98
CA THR D 61 32.14 -28.15 10.23
C THR D 61 31.26 -27.78 11.43
N THR D 62 30.56 -26.66 11.36
CA THR D 62 29.67 -26.23 12.48
C THR D 62 28.62 -27.31 12.75
N ILE D 63 27.93 -27.76 11.70
CA ILE D 63 26.94 -28.88 11.86
C ILE D 63 27.68 -30.08 12.46
N ARG D 64 28.89 -30.36 11.96
CA ARG D 64 29.71 -31.49 12.49
C ARG D 64 30.03 -31.22 13.96
N ALA D 65 30.30 -29.96 14.30
CA ALA D 65 30.59 -29.60 15.72
C ALA D 65 29.39 -29.96 16.58
N LEU D 66 28.18 -29.70 16.10
CA LEU D 66 26.96 -30.08 16.85
C LEU D 66 26.96 -31.60 17.03
N ALA D 67 27.17 -32.36 15.94
CA ALA D 67 27.25 -33.83 16.04
C ALA D 67 28.73 -34.24 16.15
N ASP D 68 29.39 -33.88 17.26
CA ASP D 68 30.84 -34.16 17.41
C ASP D 68 31.09 -35.01 18.65
N LEU D 69 30.14 -35.05 19.59
CA LEU D 69 30.34 -35.80 20.86
C LEU D 69 29.04 -35.74 21.67
N LEU D 70 28.61 -36.89 22.22
CA LEU D 70 27.35 -36.94 23.00
C LEU D 70 27.68 -37.11 24.49
N PRO D 71 27.14 -36.26 25.40
CA PRO D 71 27.39 -36.44 26.83
C PRO D 71 28.85 -36.83 27.12
N VAL D 115 22.96 -22.27 21.33
CA VAL D 115 22.55 -22.76 20.01
C VAL D 115 23.53 -22.26 18.95
N ASP D 116 23.07 -21.33 18.13
CA ASP D 116 23.90 -20.74 17.08
C ASP D 116 23.35 -19.36 16.76
N LEU D 117 23.83 -18.77 15.67
CA LEU D 117 23.40 -17.45 15.25
C LEU D 117 22.02 -17.51 14.60
N LEU D 147 13.98 -17.00 24.53
CA LEU D 147 14.92 -18.08 24.33
C LEU D 147 15.95 -18.14 25.46
N LEU D 148 15.92 -17.13 26.32
CA LEU D 148 16.87 -17.04 27.43
C LEU D 148 16.71 -18.18 28.43
N ALA D 149 15.48 -18.57 28.75
CA ALA D 149 15.27 -19.63 29.75
C ALA D 149 15.89 -20.94 29.29
N LYS D 150 15.71 -21.29 28.02
CA LYS D 150 16.34 -22.47 27.45
C LYS D 150 17.66 -22.11 26.76
N ALA D 151 18.53 -21.42 27.48
CA ALA D 151 19.83 -21.03 26.95
C ALA D 151 20.97 -21.17 27.95
N ASN D 152 20.70 -21.57 29.18
CA ASN D 152 21.74 -21.61 30.21
C ASN D 152 22.78 -22.68 29.86
N ARG D 153 24.05 -22.28 29.94
CA ARG D 153 25.17 -23.18 29.70
C ARG D 153 25.08 -23.82 28.31
N GLY D 154 25.12 -22.99 27.28
CA GLY D 154 25.01 -23.48 25.91
C GLY D 154 25.97 -22.77 24.98
N ILE D 155 26.44 -23.51 23.99
CA ILE D 155 27.34 -22.96 22.99
C ILE D 155 26.54 -22.21 21.94
N LEU D 156 27.22 -21.31 21.24
CA LEU D 156 26.61 -20.50 20.19
C LEU D 156 27.61 -20.31 19.05
N TYR D 157 27.18 -20.70 17.84
CA TYR D 157 28.00 -20.58 16.64
C TYR D 157 27.66 -19.23 16.01
N VAL D 158 28.65 -18.33 16.00
CA VAL D 158 28.47 -17.01 15.41
C VAL D 158 28.45 -17.13 13.89
N ASP D 159 27.94 -16.10 13.23
CA ASP D 159 27.84 -16.06 11.78
C ASP D 159 28.38 -14.74 11.24
N GLU D 160 29.57 -14.36 11.69
CA GLU D 160 30.18 -13.07 11.36
C GLU D 160 29.27 -11.93 11.81
N VAL D 161 29.13 -11.85 13.14
CA VAL D 161 28.19 -10.94 13.79
C VAL D 161 28.45 -9.49 13.44
N ASN D 162 29.58 -9.22 12.77
CA ASN D 162 29.83 -7.88 12.26
C ASN D 162 28.73 -7.44 11.30
N LEU D 163 28.19 -8.39 10.54
CA LEU D 163 27.07 -8.11 9.65
C LEU D 163 25.72 -8.40 10.28
N LEU D 164 25.68 -8.81 11.55
CA LEU D 164 24.43 -9.13 12.21
C LEU D 164 23.85 -7.87 12.86
N ASP D 165 22.80 -8.07 13.66
CA ASP D 165 22.12 -6.98 14.32
C ASP D 165 23.02 -6.31 15.36
N ASP D 166 23.01 -4.98 15.40
CA ASP D 166 23.84 -4.26 16.36
C ASP D 166 23.22 -4.20 17.75
N HIS D 167 21.92 -4.50 17.87
CA HIS D 167 21.27 -4.46 19.18
C HIS D 167 21.91 -5.47 20.13
N LEU D 168 22.11 -6.70 19.67
CA LEU D 168 22.83 -7.67 20.49
C LEU D 168 24.33 -7.40 20.47
N VAL D 169 24.84 -6.87 19.36
CA VAL D 169 26.28 -6.58 19.27
C VAL D 169 26.68 -5.55 20.30
N ASP D 170 25.86 -4.51 20.46
CA ASP D 170 26.12 -3.53 21.51
C ASP D 170 25.86 -4.08 22.90
N VAL D 171 25.24 -5.27 23.00
CA VAL D 171 24.93 -5.85 24.29
C VAL D 171 25.76 -7.10 24.57
N LEU D 172 25.82 -8.06 23.65
CA LEU D 172 26.54 -9.31 23.86
C LEU D 172 28.04 -9.10 24.06
N LEU D 173 28.61 -8.04 23.49
CA LEU D 173 30.03 -7.75 23.66
C LEU D 173 30.36 -7.48 25.13
N ASP D 174 29.50 -6.72 25.79
CA ASP D 174 29.63 -6.51 27.23
C ASP D 174 29.08 -7.71 27.98
N SER D 175 28.05 -8.35 27.42
CA SER D 175 27.50 -9.56 28.04
C SER D 175 28.50 -10.70 27.97
N ALA D 176 29.49 -10.60 27.10
CA ALA D 176 30.58 -11.55 27.09
C ALA D 176 31.31 -11.50 28.44
N ALA D 177 31.38 -12.66 29.10
CA ALA D 177 31.93 -12.80 30.45
C ALA D 177 31.21 -11.92 31.47
N SER D 178 29.90 -11.70 31.30
CA SER D 178 29.16 -10.89 32.25
C SER D 178 29.11 -11.53 33.63
N GLY D 179 28.92 -12.84 33.70
CA GLY D 179 28.89 -13.53 34.97
C GLY D 179 27.64 -14.34 35.21
N TRP D 180 26.48 -13.82 34.78
CA TRP D 180 25.22 -14.51 34.98
C TRP D 180 24.17 -14.06 33.97
N ASN D 181 22.92 -14.45 34.18
CA ASN D 181 21.84 -14.07 33.28
C ASN D 181 21.50 -12.59 33.41
N ARG D 195 23.52 -18.52 31.70
CA ARG D 195 24.87 -18.53 31.15
C ARG D 195 24.88 -19.11 29.74
N PHE D 196 26.08 -19.25 29.17
CA PHE D 196 26.23 -19.80 27.80
C PHE D 196 27.71 -19.76 27.41
N VAL D 197 28.14 -20.66 26.52
CA VAL D 197 29.57 -20.70 26.07
C VAL D 197 29.59 -20.58 24.54
N LEU D 198 29.39 -19.37 24.01
CA LEU D 198 29.33 -19.17 22.53
C LEU D 198 30.69 -19.46 21.89
N VAL D 199 30.79 -19.28 20.57
CA VAL D 199 32.07 -19.52 19.84
C VAL D 199 32.15 -18.54 18.65
N GLY D 200 33.08 -17.58 18.72
CA GLY D 200 33.26 -16.59 17.62
C GLY D 200 33.50 -17.29 16.30
N SER D 201 32.69 -16.96 15.29
CA SER D 201 32.82 -17.60 13.95
C SER D 201 32.54 -16.58 12.85
N GLY D 202 33.37 -16.56 11.80
CA GLY D 202 33.19 -15.60 10.70
C GLY D 202 34.36 -15.64 9.72
N ASN D 203 34.61 -14.54 9.02
CA ASN D 203 35.70 -14.48 8.06
C ASN D 203 36.10 -13.03 7.85
N PRO D 204 37.35 -12.76 7.49
CA PRO D 204 37.74 -11.36 7.22
C PRO D 204 36.94 -10.72 6.10
N GLU D 205 36.56 -11.49 5.09
CA GLU D 205 35.70 -10.95 4.04
C GLU D 205 34.25 -10.85 4.50
N GLU D 206 33.91 -11.52 5.60
CA GLU D 206 32.54 -11.49 6.13
C GLU D 206 32.36 -10.48 7.25
N GLY D 207 33.43 -9.76 7.61
CA GLY D 207 33.35 -8.75 8.67
C GLY D 207 34.50 -8.86 9.66
N GLU D 208 34.72 -7.82 10.47
CA GLU D 208 35.84 -7.82 11.45
C GLU D 208 35.28 -7.54 12.87
N LEU D 209 33.99 -7.76 13.07
CA LEU D 209 33.36 -7.53 14.41
C LEU D 209 33.59 -6.07 14.83
N ARG D 210 33.80 -5.83 16.13
CA ARG D 210 34.04 -4.46 16.64
C ARG D 210 35.44 -4.38 17.25
N PRO D 211 36.03 -3.18 17.44
CA PRO D 211 37.41 -3.10 17.94
C PRO D 211 37.55 -3.60 19.36
N GLN D 212 36.57 -3.33 20.23
CA GLN D 212 36.59 -3.92 21.56
C GLN D 212 36.44 -5.43 21.49
N LEU D 213 35.54 -5.91 20.64
CA LEU D 213 35.45 -7.34 20.39
C LEU D 213 36.72 -7.89 19.76
N LEU D 214 37.33 -7.12 18.84
CA LEU D 214 38.62 -7.51 18.30
C LEU D 214 39.71 -7.53 19.36
N ASP D 215 39.64 -6.59 20.32
CA ASP D 215 40.62 -6.55 21.39
C ASP D 215 40.52 -7.77 22.30
N ARG D 216 39.35 -8.39 22.38
CA ARG D 216 39.13 -9.58 23.20
C ARG D 216 38.44 -10.63 22.35
N PHE D 217 39.24 -11.43 21.62
CA PHE D 217 38.65 -12.47 20.78
C PHE D 217 38.78 -13.86 21.39
N GLY D 218 39.29 -13.98 22.61
CA GLY D 218 39.51 -15.30 23.18
C GLY D 218 40.52 -16.07 22.36
N MET D 219 40.27 -17.37 22.20
CA MET D 219 41.12 -18.17 21.33
C MET D 219 40.85 -17.84 19.87
N HIS D 220 41.91 -17.83 19.07
CA HIS D 220 41.80 -17.48 17.66
C HIS D 220 41.96 -18.75 16.83
N ALA D 221 41.03 -18.93 15.88
CA ALA D 221 41.06 -20.09 15.01
C ALA D 221 40.83 -19.64 13.58
N GLU D 222 41.28 -20.46 12.64
CA GLU D 222 41.14 -20.15 11.22
C GLU D 222 41.10 -21.43 10.41
N ILE D 223 40.56 -21.36 9.19
CA ILE D 223 40.55 -22.51 8.29
C ILE D 223 41.06 -22.08 6.93
N HIS D 224 41.99 -22.85 6.39
CA HIS D 224 42.63 -22.54 5.12
C HIS D 224 42.14 -23.47 4.02
N THR D 225 42.65 -23.25 2.81
CA THR D 225 42.29 -24.06 1.66
C THR D 225 43.50 -24.87 1.20
N VAL D 226 43.27 -26.16 0.92
CA VAL D 226 44.40 -27.05 0.49
C VAL D 226 44.03 -27.70 -0.85
N LYS D 227 45.00 -27.82 -1.76
CA LYS D 227 44.76 -28.47 -3.07
C LYS D 227 44.98 -29.97 -2.94
N GLU D 228 45.09 -30.68 -4.07
CA GLU D 228 45.32 -32.16 -4.05
C GLU D 228 44.34 -32.80 -3.07
N PRO D 229 43.01 -32.71 -3.32
CA PRO D 229 42.03 -33.26 -2.37
C PRO D 229 42.03 -34.80 -2.40
N ALA D 230 43.21 -35.42 -2.30
CA ALA D 230 43.31 -36.89 -2.30
C ALA D 230 42.35 -37.44 -1.24
N LEU D 231 42.44 -36.94 -0.01
CA LEU D 231 41.57 -37.45 1.09
C LEU D 231 40.20 -36.77 1.01
N ARG D 232 40.18 -35.50 0.59
CA ARG D 232 38.91 -34.74 0.49
C ARG D 232 37.97 -35.45 -0.50
N VAL D 233 38.50 -35.86 -1.66
CA VAL D 233 37.69 -36.56 -2.64
C VAL D 233 37.19 -37.87 -2.05
N GLN D 234 38.06 -38.58 -1.33
CA GLN D 234 37.61 -39.75 -0.59
C GLN D 234 36.60 -39.36 0.48
N ILE D 235 36.82 -38.22 1.13
CA ILE D 235 35.82 -37.70 2.07
C ILE D 235 34.54 -37.37 1.34
N VAL D 236 34.64 -36.81 0.13
CA VAL D 236 33.47 -36.61 -0.71
C VAL D 236 32.80 -37.95 -0.99
N GLU D 237 33.60 -38.96 -1.32
CA GLU D 237 33.10 -40.32 -1.40
C GLU D 237 32.60 -40.83 -0.05
N GLN D 238 33.30 -40.52 1.03
CA GLN D 238 32.79 -40.87 2.36
C GLN D 238 31.49 -40.13 2.65
N ARG D 239 31.40 -38.86 2.26
CA ARG D 239 30.13 -38.15 2.35
C ARG D 239 29.07 -38.82 1.49
N SER D 240 29.45 -39.24 0.28
CA SER D 240 28.56 -40.06 -0.53
C SER D 240 28.29 -41.38 0.17
N GLU D 241 29.31 -41.99 0.77
CA GLU D 241 29.08 -43.16 1.61
C GLU D 241 28.21 -42.81 2.80
N PHE D 242 28.44 -41.64 3.39
CA PHE D 242 27.52 -41.15 4.42
C PHE D 242 26.13 -40.93 3.86
N ASP D 243 26.03 -40.45 2.62
CA ASP D 243 24.72 -40.29 1.98
C ASP D 243 24.03 -41.64 1.81
N GLN D 244 24.78 -42.67 1.41
CA GLN D 244 24.22 -44.00 1.21
C GLN D 244 23.94 -44.62 2.57
N ASN D 245 22.65 -44.64 2.93
CA ASN D 245 22.17 -45.18 4.19
C ASN D 245 22.91 -44.55 5.37
N PRO D 246 22.63 -43.28 5.66
CA PRO D 246 23.32 -42.60 6.77
C PRO D 246 23.13 -43.33 8.08
N PRO D 247 21.94 -43.90 8.30
CA PRO D 247 21.75 -44.74 9.50
C PRO D 247 22.71 -45.92 9.53
N THR D 248 23.02 -46.50 8.36
CA THR D 248 23.97 -47.60 8.32
C THR D 248 25.39 -47.09 8.14
N PHE D 249 25.55 -45.95 7.46
CA PHE D 249 26.88 -45.38 7.25
C PHE D 249 27.55 -44.98 8.56
N LEU D 250 26.79 -44.36 9.48
CA LEU D 250 27.36 -44.00 10.78
C LEU D 250 27.71 -45.24 11.58
N GLU D 251 26.96 -46.34 11.38
CA GLU D 251 27.22 -47.56 12.11
C GLU D 251 28.60 -48.12 11.80
N LYS D 252 29.07 -47.93 10.57
CA LYS D 252 30.40 -48.42 10.20
C LYS D 252 31.49 -47.76 11.03
N TYR D 253 31.37 -46.45 11.24
CA TYR D 253 32.30 -45.71 12.09
C TYR D 253 31.80 -45.57 13.52
N ASN D 254 30.66 -46.18 13.84
CA ASN D 254 30.11 -46.06 15.20
C ASN D 254 31.05 -46.63 16.26
N PRO D 255 31.64 -47.81 16.08
CA PRO D 255 32.51 -48.37 17.14
C PRO D 255 33.66 -47.44 17.49
N GLU D 256 34.24 -46.79 16.48
CA GLU D 256 35.22 -45.75 16.76
C GLU D 256 34.57 -44.55 17.44
N GLN D 257 33.39 -44.14 16.96
CA GLN D 257 32.65 -43.07 17.62
C GLN D 257 32.19 -43.50 19.01
N THR D 258 31.79 -44.75 19.17
CA THR D 258 31.38 -45.24 20.47
C THR D 258 32.52 -45.17 21.47
N ALA D 259 33.73 -45.49 21.04
CA ALA D 259 34.91 -45.39 21.90
C ALA D 259 35.48 -43.97 21.94
N LEU D 260 34.63 -42.98 22.21
CA LEU D 260 35.08 -41.60 22.33
C LEU D 260 34.39 -40.85 23.45
N GLN D 261 33.27 -41.36 23.99
CA GLN D 261 32.52 -40.63 25.01
C GLN D 261 33.35 -40.45 26.28
N LYS D 262 34.07 -41.49 26.68
CA LYS D 262 34.88 -41.44 27.90
C LYS D 262 36.32 -41.03 27.63
N LYS D 263 36.62 -40.48 26.45
CA LYS D 263 37.98 -40.07 26.14
C LYS D 263 38.44 -38.94 27.07
N ILE D 264 37.56 -37.97 27.34
CA ILE D 264 37.91 -36.85 28.20
C ILE D 264 36.79 -36.62 29.22
N VAL D 265 35.81 -37.52 29.25
CA VAL D 265 34.67 -37.35 30.16
C VAL D 265 35.10 -37.35 31.61
N GLU D 266 35.94 -38.29 32.02
CA GLU D 266 36.42 -38.38 33.39
C GLU D 266 37.70 -37.58 33.61
N ALA D 267 38.20 -36.91 32.57
CA ALA D 267 39.43 -36.14 32.66
C ALA D 267 39.19 -34.70 33.09
N GLN D 268 37.94 -34.32 33.37
CA GLN D 268 37.62 -32.96 33.80
C GLN D 268 37.17 -32.86 35.25
N LYS D 269 36.69 -33.96 35.85
CA LYS D 269 36.24 -33.93 37.24
C LYS D 269 37.39 -33.60 38.17
N LEU D 270 38.55 -34.21 37.96
CA LEU D 270 39.74 -33.97 38.77
C LEU D 270 40.86 -33.36 37.94
N LEU D 271 40.50 -32.59 36.91
CA LEU D 271 41.51 -31.98 36.04
C LEU D 271 42.44 -31.05 36.80
N PRO D 272 41.98 -30.17 37.69
CA PRO D 272 42.90 -29.21 38.32
C PRO D 272 43.76 -29.81 39.41
N GLU D 273 44.46 -30.90 39.10
CA GLU D 273 45.39 -31.53 40.04
C GLU D 273 46.58 -30.65 40.39
N VAL D 274 47.16 -29.97 39.42
CA VAL D 274 48.31 -29.10 39.64
C VAL D 274 47.97 -27.69 39.17
N LYS D 275 48.95 -26.80 39.29
CA LYS D 275 48.80 -25.41 38.88
C LYS D 275 49.98 -25.00 38.01
N LEU D 276 49.81 -23.89 37.31
CA LEU D 276 50.87 -23.38 36.45
C LEU D 276 52.10 -23.00 37.26
N ASP D 277 53.26 -23.31 36.73
CA ASP D 277 54.52 -23.04 37.42
C ASP D 277 54.73 -21.54 37.56
N TYR D 278 55.14 -21.10 38.76
CA TYR D 278 55.41 -19.69 38.99
C TYR D 278 56.57 -19.20 38.13
N ASP D 279 57.62 -20.00 38.01
CA ASP D 279 58.75 -19.62 37.14
C ASP D 279 58.31 -19.49 35.69
N LEU D 280 57.45 -20.41 35.24
CA LEU D 280 56.94 -20.32 33.88
C LEU D 280 56.12 -19.05 33.68
N ARG D 281 55.34 -18.67 34.70
CA ARG D 281 54.58 -17.43 34.62
C ARG D 281 55.48 -16.21 34.49
N VAL D 282 56.60 -16.18 35.20
CA VAL D 282 57.54 -15.07 35.06
C VAL D 282 58.15 -15.07 33.66
N LYS D 283 58.41 -16.26 33.11
CA LYS D 283 58.96 -16.34 31.76
C LYS D 283 57.99 -15.80 30.72
N ILE D 284 56.68 -15.85 31.00
CA ILE D 284 55.69 -15.31 30.07
C ILE D 284 55.84 -13.80 29.95
N SER D 285 56.29 -13.15 31.02
CA SER D 285 56.44 -11.70 31.00
C SER D 285 57.43 -11.23 29.93
N GLU D 286 58.36 -12.08 29.52
CA GLU D 286 59.33 -11.73 28.50
C GLU D 286 58.69 -11.43 27.15
N VAL D 287 57.60 -12.11 26.78
CA VAL D 287 56.97 -11.91 25.49
C VAL D 287 55.49 -11.57 25.67
N CYS D 288 54.77 -12.38 26.44
CA CYS D 288 53.33 -12.20 26.57
C CYS D 288 53.00 -10.86 27.22
N SER D 289 53.60 -10.58 28.37
CA SER D 289 53.36 -9.29 29.02
C SER D 289 54.07 -8.17 28.28
N GLU D 290 55.22 -8.46 27.69
CA GLU D 290 55.94 -7.45 26.91
C GLU D 290 55.20 -7.10 25.64
N LEU D 291 54.32 -7.99 25.18
CA LEU D 291 53.52 -7.75 23.99
C LEU D 291 52.07 -8.15 24.19
N LEU D 296 48.70 -10.01 29.05
CA LEU D 296 47.56 -9.19 29.42
C LEU D 296 46.42 -10.04 29.98
N ARG D 297 45.20 -9.55 29.80
CA ARG D 297 44.01 -10.26 30.27
C ARG D 297 43.83 -11.61 29.59
N GLY D 298 44.09 -11.70 28.29
CA GLY D 298 44.01 -12.97 27.59
C GLY D 298 45.12 -13.92 27.99
N ASP D 299 46.25 -13.36 28.41
CA ASP D 299 47.36 -14.18 28.86
C ASP D 299 47.04 -14.96 30.12
N ILE D 300 46.11 -14.46 30.95
CA ILE D 300 45.71 -15.18 32.15
C ILE D 300 45.11 -16.53 31.79
N VAL D 301 44.20 -16.56 30.81
CA VAL D 301 43.68 -17.81 30.30
C VAL D 301 44.76 -18.67 29.67
N THR D 302 45.66 -18.08 28.89
CA THR D 302 46.77 -18.83 28.32
C THR D 302 47.66 -19.39 29.41
N ASN D 303 47.78 -18.67 30.53
CA ASN D 303 48.58 -19.15 31.64
C ASN D 303 48.02 -20.46 32.21
N ARG D 304 46.69 -20.55 32.33
CA ARG D 304 46.09 -21.78 32.83
C ARG D 304 45.69 -22.71 31.69
N ALA D 305 45.98 -22.30 30.45
CA ALA D 305 45.57 -23.11 29.31
C ALA D 305 46.27 -24.46 29.30
N ALA D 306 47.56 -24.48 29.65
CA ALA D 306 48.30 -25.74 29.64
C ALA D 306 47.69 -26.76 30.59
N LYS D 307 47.20 -26.30 31.75
CA LYS D 307 46.48 -27.19 32.65
C LYS D 307 45.24 -27.76 31.99
N ALA D 308 44.49 -26.91 31.28
CA ALA D 308 43.34 -27.41 30.53
C ALA D 308 43.76 -28.21 29.30
N LEU D 309 44.84 -27.80 28.64
CA LEU D 309 45.28 -28.49 27.44
C LEU D 309 45.79 -29.89 27.75
N THR D 310 46.65 -30.02 28.74
CA THR D 310 47.22 -31.32 29.11
C THR D 310 46.41 -32.00 30.21
N ALA D 311 45.10 -32.13 29.99
CA ALA D 311 44.24 -32.74 30.99
C ALA D 311 43.41 -33.87 30.39
N TYR D 312 42.98 -33.71 29.15
CA TYR D 312 42.06 -34.66 28.54
C TYR D 312 42.70 -36.05 28.41
N GLU D 313 43.95 -36.10 27.96
CA GLU D 313 44.60 -37.37 27.67
C GLU D 313 44.77 -38.24 28.92
N GLY D 314 45.64 -37.81 29.84
CA GLY D 314 45.92 -38.61 31.00
C GLY D 314 46.19 -37.83 32.28
N ARG D 315 45.98 -36.51 32.23
CA ARG D 315 46.28 -35.68 33.39
C ARG D 315 45.16 -34.66 33.65
N THR D 319 54.55 -31.15 31.39
CA THR D 319 54.85 -30.95 29.98
C THR D 319 54.71 -29.48 29.59
N VAL D 320 55.69 -28.97 28.84
CA VAL D 320 55.66 -27.58 28.43
C VAL D 320 55.59 -27.45 26.91
N ASP D 321 55.68 -28.58 26.20
CA ASP D 321 55.60 -28.54 24.74
C ASP D 321 54.25 -28.05 24.27
N ASP D 322 53.17 -28.50 24.93
CA ASP D 322 51.84 -28.03 24.57
C ASP D 322 51.70 -26.53 24.80
N ILE D 323 52.26 -26.03 25.91
CA ILE D 323 52.22 -24.60 26.18
C ILE D 323 52.96 -23.81 25.10
N ARG D 324 54.14 -24.30 24.69
CA ARG D 324 54.85 -23.65 23.61
C ARG D 324 54.05 -23.70 22.31
N ARG D 325 53.40 -24.83 22.03
CA ARG D 325 52.53 -24.92 20.87
C ARG D 325 51.33 -23.98 21.02
N VAL D 326 50.78 -23.89 22.22
CA VAL D 326 49.60 -23.05 22.42
C VAL D 326 50.00 -21.59 22.60
N ILE D 327 51.30 -21.31 22.61
CA ILE D 327 51.76 -19.93 22.77
C ILE D 327 51.31 -19.08 21.59
N THR D 328 51.42 -19.61 20.38
CA THR D 328 50.99 -18.87 19.20
C THR D 328 49.56 -19.22 18.80
N LEU D 329 48.87 -20.06 19.57
CA LEU D 329 47.51 -20.47 19.25
C LEU D 329 46.55 -19.28 19.24
N CYS D 330 46.62 -18.43 20.26
CA CYS D 330 45.76 -17.25 20.33
C CYS D 330 46.54 -15.94 20.38
N LEU D 331 47.79 -15.94 19.90
CA LEU D 331 48.60 -14.72 19.95
C LEU D 331 47.99 -13.63 19.08
N ARG D 332 47.50 -13.99 17.89
CA ARG D 332 46.93 -12.99 17.00
C ARG D 332 45.68 -12.33 17.58
N HIS D 333 44.94 -13.06 18.43
CA HIS D 333 43.75 -12.48 19.06
C HIS D 333 44.13 -11.33 19.97
N ARG D 334 45.33 -11.36 20.54
CA ARG D 334 45.81 -10.32 21.42
C ARG D 334 46.88 -9.44 20.80
N LEU D 335 47.61 -9.95 19.80
CA LEU D 335 48.64 -9.14 19.16
C LEU D 335 48.04 -7.95 18.43
N ARG D 336 46.90 -8.16 17.77
CA ARG D 336 46.20 -7.11 17.03
C ARG D 336 47.10 -6.42 16.01
N ARG D 355 59.57 -18.82 22.57
CA ARG D 355 60.63 -17.90 22.98
C ARG D 355 60.52 -17.59 24.47
N ILE D 356 59.31 -17.26 24.91
CA ILE D 356 59.09 -16.97 26.33
C ILE D 356 59.37 -18.21 27.18
N PHE D 357 58.96 -19.38 26.69
CA PHE D 357 59.21 -20.64 27.38
C PHE D 357 60.54 -21.26 26.99
N GLY D 358 61.50 -20.46 26.55
CA GLY D 358 62.77 -20.99 26.09
C GLY D 358 62.67 -21.77 24.80
N VAL D 359 61.87 -21.28 23.86
CA VAL D 359 61.70 -21.95 22.57
C VAL D 359 62.26 -21.09 21.45
N ALA E 26 -15.96 27.39 50.82
CA ALA E 26 -15.47 26.92 52.11
C ALA E 26 -14.09 27.50 52.41
N ILE E 27 -13.50 28.16 51.41
CA ILE E 27 -12.19 28.77 51.55
C ILE E 27 -12.34 30.28 51.41
N VAL E 28 -11.84 31.03 52.39
CA VAL E 28 -11.90 32.48 52.36
C VAL E 28 -10.98 33.01 51.26
N GLY E 29 -11.28 34.20 50.76
CA GLY E 29 -10.51 34.78 49.68
C GLY E 29 -10.53 33.94 48.43
N GLN E 30 -9.33 33.72 47.90
CA GLN E 30 -9.14 32.90 46.69
C GLN E 30 -10.00 33.39 45.54
N GLU E 31 -10.00 34.71 45.34
CA GLU E 31 -10.82 35.31 44.30
C GLU E 31 -10.07 35.41 42.98
N GLU E 32 -8.84 34.87 42.92
CA GLU E 32 -8.08 34.90 41.68
C GLU E 32 -8.80 34.13 40.57
N MET E 33 -9.36 32.97 40.91
CA MET E 33 -10.10 32.20 39.91
C MET E 33 -11.60 32.23 40.20
N LYS E 34 -11.98 32.50 41.45
CA LYS E 34 -13.39 32.51 41.80
C LYS E 34 -14.13 33.68 41.16
N LEU E 35 -13.43 34.80 40.95
CA LEU E 35 -14.06 35.97 40.35
C LEU E 35 -14.57 35.67 38.94
N ALA E 36 -13.79 34.94 38.14
CA ALA E 36 -14.26 34.54 36.83
C ALA E 36 -15.49 33.66 36.94
N LEU E 37 -15.48 32.72 37.89
CA LEU E 37 -16.65 31.88 38.15
C LEU E 37 -17.87 32.69 38.57
N LEU E 38 -17.70 33.65 39.48
CA LEU E 38 -18.79 34.52 39.88
C LEU E 38 -19.31 35.39 38.75
N LEU E 39 -18.43 35.97 37.93
CA LEU E 39 -18.87 36.74 36.78
C LEU E 39 -19.60 35.84 35.79
N ASN E 40 -19.09 34.63 35.56
CA ASN E 40 -19.75 33.71 34.65
C ASN E 40 -21.01 33.10 35.28
N VAL E 41 -21.13 33.19 36.60
CA VAL E 41 -22.31 32.65 37.28
C VAL E 41 -23.57 33.38 36.82
N ILE E 42 -23.47 34.70 36.66
CA ILE E 42 -24.61 35.50 36.22
C ILE E 42 -24.55 35.87 34.74
N ASP E 43 -23.81 35.10 33.94
CA ASP E 43 -23.65 35.36 32.51
C ASP E 43 -24.02 34.11 31.73
N PRO E 44 -25.31 33.80 31.61
CA PRO E 44 -25.72 32.63 30.84
C PRO E 44 -25.35 32.70 29.37
N LYS E 45 -25.21 33.92 28.84
CA LYS E 45 -24.77 34.09 27.43
C LYS E 45 -23.29 33.70 27.34
N ILE E 46 -22.48 34.19 28.28
CA ILE E 46 -21.02 33.82 28.31
C ILE E 46 -20.92 32.34 28.65
N GLY E 47 -19.95 31.64 28.06
CA GLY E 47 -19.77 30.20 28.32
C GLY E 47 -18.37 29.74 27.97
N GLY E 48 -18.03 28.48 28.27
CA GLY E 48 -16.72 27.93 27.88
C GLY E 48 -15.72 27.93 29.02
N VAL E 49 -15.86 26.97 29.94
CA VAL E 49 -14.86 26.84 31.06
C VAL E 49 -13.79 25.85 30.61
N MET E 50 -12.55 26.31 30.44
CA MET E 50 -11.47 25.43 29.94
C MET E 50 -10.24 25.53 30.84
N ILE E 51 -10.25 24.82 31.97
CA ILE E 51 -9.11 24.83 32.87
C ILE E 51 -8.07 23.84 32.35
N MET E 52 -6.82 24.03 32.75
CA MET E 52 -5.74 23.16 32.32
C MET E 52 -4.61 23.12 33.35
N ARG E 55 -2.54 23.82 41.61
CA ARG E 55 -3.66 23.49 42.47
C ARG E 55 -4.53 22.39 41.86
N GLY E 56 -5.85 22.55 41.96
CA GLY E 56 -6.78 21.55 41.39
C GLY E 56 -6.88 20.32 42.29
N THR E 57 -6.17 20.33 43.41
CA THR E 57 -6.20 19.18 44.36
C THR E 57 -7.65 18.94 44.80
N GLY E 58 -8.39 20.03 45.06
CA GLY E 58 -9.81 19.89 45.47
C GLY E 58 -10.62 19.20 44.39
N LYS E 59 -10.46 19.62 43.13
CA LYS E 59 -11.18 18.97 42.01
C LYS E 59 -12.67 18.88 42.36
N SER E 60 -13.21 17.67 42.45
CA SER E 60 -14.63 17.49 42.84
C SER E 60 -14.96 18.40 44.02
N THR E 61 -14.03 18.55 44.97
CA THR E 61 -14.24 19.41 46.13
C THR E 61 -14.41 20.86 45.70
N THR E 62 -13.59 21.32 44.76
CA THR E 62 -13.79 22.65 44.19
C THR E 62 -15.12 22.75 43.48
N ILE E 63 -15.49 21.70 42.74
CA ILE E 63 -16.82 21.66 42.12
C ILE E 63 -17.90 21.65 43.20
N ARG E 64 -17.70 20.85 44.25
CA ARG E 64 -18.60 20.88 45.40
C ARG E 64 -18.62 22.24 46.08
N ALA E 65 -17.48 22.92 46.14
CA ALA E 65 -17.47 24.28 46.67
C ALA E 65 -18.30 25.21 45.81
N LEU E 66 -18.23 25.05 44.48
CA LEU E 66 -19.09 25.82 43.59
C LEU E 66 -20.56 25.48 43.77
N ALA E 67 -20.90 24.20 43.95
CA ALA E 67 -22.29 23.84 44.19
C ALA E 67 -22.81 24.41 45.50
N ASP E 68 -21.91 24.65 46.46
CA ASP E 68 -22.32 25.27 47.72
C ASP E 68 -22.88 26.66 47.51
N LEU E 69 -22.25 27.46 46.65
CA LEU E 69 -22.74 28.81 46.33
C LEU E 69 -23.77 28.75 45.22
N LEU E 70 -24.77 27.90 45.43
CA LEU E 70 -25.85 27.68 44.46
C LEU E 70 -27.04 27.03 45.15
N PRO E 71 -28.27 27.36 44.72
CA PRO E 71 -29.49 26.79 45.33
C PRO E 71 -29.83 25.41 44.75
N LEU E 148 -29.00 15.86 32.87
CA LEU E 148 -29.35 15.59 31.49
C LEU E 148 -30.80 15.98 31.21
N ALA E 149 -31.70 14.99 31.30
CA ALA E 149 -33.12 15.27 31.08
C ALA E 149 -33.65 16.24 32.13
N LYS E 150 -33.26 16.05 33.39
CA LYS E 150 -33.66 16.97 34.45
C LYS E 150 -32.88 18.28 34.42
N ALA E 151 -31.90 18.40 33.53
CA ALA E 151 -31.06 19.60 33.42
C ALA E 151 -31.65 20.63 32.48
N ASN E 152 -32.98 20.65 32.34
CA ASN E 152 -33.63 21.65 31.51
C ASN E 152 -33.32 23.06 32.00
N ARG E 153 -33.08 23.21 33.30
CA ARG E 153 -32.64 24.47 33.90
C ARG E 153 -31.63 24.11 34.98
N GLY E 154 -30.35 24.07 34.61
CA GLY E 154 -29.32 23.70 35.55
C GLY E 154 -27.94 23.90 34.97
N ILE E 155 -26.95 23.35 35.66
CA ILE E 155 -25.55 23.43 35.24
C ILE E 155 -24.95 22.04 35.32
N LEU E 156 -23.91 21.80 34.50
CA LEU E 156 -23.23 20.53 34.45
C LEU E 156 -21.71 20.76 34.54
N TYR E 157 -21.01 19.73 35.02
CA TYR E 157 -19.57 19.82 35.22
C TYR E 157 -18.87 18.85 34.27
N VAL E 158 -17.67 19.21 33.83
CA VAL E 158 -16.87 18.41 32.92
C VAL E 158 -15.72 17.78 33.70
N ASP E 159 -15.55 16.47 33.55
CA ASP E 159 -14.48 15.76 34.22
C ASP E 159 -13.12 16.15 33.65
N ASP E 165 -15.52 17.70 21.55
CA ASP E 165 -14.62 16.78 20.87
C ASP E 165 -15.28 15.42 20.67
N ASP E 166 -14.60 14.55 19.91
CA ASP E 166 -15.07 13.20 19.61
C ASP E 166 -16.48 13.31 19.02
N HIS E 167 -17.46 12.59 19.54
CA HIS E 167 -18.84 12.69 19.06
C HIS E 167 -19.78 13.28 20.10
N LEU E 168 -19.83 12.70 21.30
CA LEU E 168 -20.75 13.19 22.32
C LEU E 168 -20.36 14.58 22.82
N VAL E 169 -19.08 14.76 23.15
CA VAL E 169 -18.63 16.06 23.65
C VAL E 169 -18.77 17.14 22.58
N ASP E 170 -18.41 16.81 21.33
CA ASP E 170 -18.56 17.78 20.25
C ASP E 170 -20.00 18.19 20.07
N VAL E 171 -20.92 17.22 20.12
CA VAL E 171 -22.34 17.54 20.06
C VAL E 171 -22.76 18.30 21.31
N LEU E 172 -22.19 17.96 22.46
CA LEU E 172 -22.50 18.69 23.70
C LEU E 172 -22.05 20.14 23.60
N LEU E 173 -20.89 20.39 23.00
CA LEU E 173 -20.38 21.74 22.89
C LEU E 173 -21.32 22.62 22.07
N ASP E 174 -21.80 22.12 20.95
CA ASP E 174 -22.72 22.90 20.11
C ASP E 174 -24.11 22.98 20.73
N SER E 175 -24.40 22.13 21.73
CA SER E 175 -25.71 22.15 22.35
C SER E 175 -25.92 23.37 23.22
N ALA E 176 -24.85 24.12 23.50
CA ALA E 176 -24.99 25.33 24.30
C ALA E 176 -25.87 26.36 23.60
N ALA E 177 -25.43 26.84 22.43
CA ALA E 177 -26.26 27.75 21.67
C ALA E 177 -27.51 27.05 21.15
N SER E 178 -27.38 25.77 20.80
CA SER E 178 -28.51 24.97 20.36
C SER E 178 -29.14 24.30 21.58
N GLY E 179 -29.55 25.13 22.53
CA GLY E 179 -30.16 24.64 23.74
C GLY E 179 -31.64 24.39 23.60
N TRP E 180 -32.03 23.75 22.51
CA TRP E 180 -33.45 23.46 22.25
C TRP E 180 -33.60 22.25 21.34
N HIS E 192 -36.41 19.98 22.45
CA HIS E 192 -35.79 19.56 23.69
C HIS E 192 -34.88 20.66 24.25
N PRO E 193 -35.47 21.61 24.98
CA PRO E 193 -34.67 22.68 25.57
C PRO E 193 -33.62 22.15 26.53
N ALA E 194 -32.46 22.80 26.52
CA ALA E 194 -31.36 22.41 27.39
C ALA E 194 -31.05 23.48 28.43
N ARG E 195 -30.73 24.69 28.00
CA ARG E 195 -30.46 25.84 28.88
C ARG E 195 -29.57 25.44 30.06
N PHE E 196 -28.38 24.95 29.72
CA PHE E 196 -27.45 24.44 30.71
C PHE E 196 -26.20 25.31 30.76
N VAL E 197 -25.58 25.35 31.93
CA VAL E 197 -24.33 26.10 32.12
C VAL E 197 -23.18 25.11 32.23
N LEU E 198 -22.25 25.19 31.29
CA LEU E 198 -21.14 24.25 31.21
C LEU E 198 -20.05 24.64 32.20
N VAL E 199 -19.55 23.65 32.94
CA VAL E 199 -18.45 23.84 33.87
C VAL E 199 -17.37 22.83 33.54
N GLY E 200 -16.13 23.30 33.42
CA GLY E 200 -15.02 22.43 33.09
C GLY E 200 -13.71 23.18 32.95
N ARG E 210 -6.91 20.82 19.88
CA ARG E 210 -6.85 21.52 18.60
C ARG E 210 -7.49 22.89 18.70
N PRO E 211 -7.12 23.78 17.77
CA PRO E 211 -7.72 25.13 17.77
C PRO E 211 -9.24 25.11 17.58
N GLN E 212 -9.76 24.12 16.85
CA GLN E 212 -11.20 24.05 16.62
C GLN E 212 -11.98 23.86 17.93
N LEU E 213 -11.50 22.99 18.83
CA LEU E 213 -12.20 22.77 20.08
C LEU E 213 -12.01 23.94 21.03
N LEU E 214 -10.99 24.78 20.79
CA LEU E 214 -10.73 25.92 21.65
C LEU E 214 -11.82 26.98 21.56
N ASP E 215 -12.53 27.05 20.43
CA ASP E 215 -13.55 28.09 20.25
C ASP E 215 -14.69 27.94 21.25
N ARG E 216 -15.01 26.72 21.65
CA ARG E 216 -16.12 26.49 22.57
C ARG E 216 -15.72 26.73 24.01
N PHE E 217 -15.19 27.93 24.28
CA PHE E 217 -14.76 28.31 25.61
C PHE E 217 -14.55 29.81 25.67
N GLY E 218 -14.91 30.40 26.82
CA GLY E 218 -14.74 31.82 27.03
C GLY E 218 -13.82 32.14 28.19
N MET E 219 -13.78 31.24 29.18
CA MET E 219 -12.91 31.44 30.34
C MET E 219 -12.03 30.22 30.57
N HIS E 220 -10.74 30.43 30.73
CA HIS E 220 -9.80 29.33 30.96
C HIS E 220 -9.24 29.38 32.38
N ILE E 223 -5.81 26.47 39.37
CA ILE E 223 -5.35 27.66 40.07
C ILE E 223 -3.84 27.57 40.31
N HIS E 224 -3.44 27.71 41.57
CA HIS E 224 -2.04 27.63 41.97
C HIS E 224 -1.93 26.99 43.34
N THR E 225 -1.21 25.88 43.41
CA THR E 225 -1.03 25.16 44.66
C THR E 225 -0.11 25.92 45.60
N LYS E 227 3.53 29.91 47.33
CA LYS E 227 4.12 28.78 48.02
C LYS E 227 4.58 29.17 49.43
N GLU E 228 4.09 30.30 49.90
CA GLU E 228 4.43 30.76 51.24
C GLU E 228 3.84 29.81 52.28
N PRO E 229 4.62 29.39 53.28
CA PRO E 229 4.06 28.50 54.30
C PRO E 229 2.93 29.13 55.10
N ALA E 230 2.87 30.47 55.14
CA ALA E 230 1.78 31.13 55.84
C ALA E 230 0.44 30.79 55.22
N LEU E 231 0.37 30.78 53.88
CA LEU E 231 -0.84 30.32 53.21
C LEU E 231 -1.10 28.85 53.53
N ARG E 232 -0.05 28.03 53.52
CA ARG E 232 -0.20 26.63 53.90
C ARG E 232 -0.63 26.45 55.34
N VAL E 233 -0.07 27.22 56.27
CA VAL E 233 -0.48 27.18 57.67
C VAL E 233 -1.94 27.55 57.84
N GLN E 234 -2.38 28.61 57.18
CA GLN E 234 -3.79 28.98 57.21
C GLN E 234 -4.64 27.88 56.59
N ILE E 235 -4.18 27.30 55.48
CA ILE E 235 -4.92 26.20 54.86
C ILE E 235 -4.94 24.99 55.78
N VAL E 236 -3.82 24.68 56.43
CA VAL E 236 -3.76 23.55 57.34
C VAL E 236 -4.73 23.76 58.50
N GLU E 237 -4.73 24.97 59.07
CA GLU E 237 -5.68 25.29 60.12
C GLU E 237 -7.11 25.21 59.61
N GLN E 238 -7.36 25.73 58.41
CA GLN E 238 -8.68 25.58 57.79
C GLN E 238 -9.01 24.12 57.53
N ARG E 239 -8.01 23.34 57.07
CA ARG E 239 -8.21 21.91 56.90
C ARG E 239 -8.56 21.22 58.20
N SER E 240 -7.88 21.57 59.30
CA SER E 240 -8.27 21.07 60.61
C SER E 240 -9.66 21.57 61.00
N GLU E 241 -9.94 22.84 60.71
CA GLU E 241 -11.27 23.39 61.00
C GLU E 241 -12.35 22.69 60.20
N PHE E 242 -12.06 22.33 58.95
CA PHE E 242 -13.07 21.67 58.13
C PHE E 242 -13.21 20.19 58.50
N ASP E 243 -12.10 19.44 58.47
CA ASP E 243 -12.18 18.00 58.68
C ASP E 243 -12.61 17.66 60.09
N GLN E 244 -11.96 18.23 61.11
CA GLN E 244 -12.29 17.88 62.48
C GLN E 244 -13.63 18.50 62.90
N ASN E 245 -13.91 19.71 62.45
CA ASN E 245 -15.13 20.43 62.82
C ASN E 245 -15.97 20.62 61.57
N PRO E 246 -16.41 19.54 60.94
CA PRO E 246 -17.34 19.65 59.82
C PRO E 246 -18.63 20.31 60.26
N PRO E 247 -19.07 20.06 61.48
CA PRO E 247 -20.30 20.70 61.98
C PRO E 247 -19.99 21.97 62.77
N THR E 248 -21.02 22.80 62.90
CA THR E 248 -20.97 24.04 63.68
C THR E 248 -19.97 25.04 63.14
N PHE E 249 -19.33 24.71 62.01
CA PHE E 249 -18.42 25.63 61.35
C PHE E 249 -19.09 26.44 60.25
N LEU E 250 -20.39 26.28 60.04
CA LEU E 250 -21.09 27.04 59.02
C LEU E 250 -21.08 28.52 59.31
N GLU E 251 -21.25 28.88 60.59
CA GLU E 251 -21.34 30.29 60.97
C GLU E 251 -20.06 31.06 60.67
N LYS E 252 -18.94 30.36 60.46
CA LYS E 252 -17.70 31.02 60.10
C LYS E 252 -17.81 31.78 58.78
N TYR E 253 -18.48 31.21 57.78
CA TYR E 253 -18.68 31.88 56.49
C TYR E 253 -20.14 32.10 56.14
N ASN E 254 -21.07 31.69 57.00
CA ASN E 254 -22.49 31.87 56.71
C ASN E 254 -22.87 33.34 56.55
N PRO E 255 -22.44 34.26 57.42
CA PRO E 255 -22.85 35.65 57.27
C PRO E 255 -22.48 36.26 55.93
N GLU E 256 -21.30 35.94 55.40
CA GLU E 256 -20.92 36.42 54.08
C GLU E 256 -21.67 35.67 52.98
N GLN E 257 -21.78 34.35 53.11
CA GLN E 257 -22.45 33.55 52.10
C GLN E 257 -23.93 33.88 52.00
N THR E 258 -24.61 34.03 53.15
CA THR E 258 -26.03 34.37 53.13
C THR E 258 -26.25 35.75 52.53
N ALA E 259 -25.40 36.73 52.91
CA ALA E 259 -25.52 38.06 52.34
C ALA E 259 -25.15 38.08 50.87
N LEU E 260 -24.32 37.11 50.44
CA LEU E 260 -23.91 37.05 49.03
C LEU E 260 -25.11 36.82 48.12
N GLN E 261 -26.13 36.12 48.62
CA GLN E 261 -27.34 35.90 47.83
C GLN E 261 -28.02 37.23 47.50
N LYS E 262 -28.10 38.13 48.47
CA LYS E 262 -28.65 39.45 48.20
C LYS E 262 -27.81 40.21 47.19
N LYS E 263 -26.49 40.12 47.30
CA LYS E 263 -25.61 40.77 46.33
C LYS E 263 -25.83 40.21 44.93
N ILE E 264 -25.96 38.88 44.82
CA ILE E 264 -26.30 38.28 43.53
C ILE E 264 -27.68 38.72 43.07
N VAL E 265 -28.64 38.76 44.00
CA VAL E 265 -30.00 39.20 43.66
C VAL E 265 -29.98 40.66 43.22
N GLU E 266 -29.22 41.50 43.93
CA GLU E 266 -29.15 42.91 43.56
C GLU E 266 -28.56 43.09 42.17
N ALA E 267 -27.51 42.34 41.85
CA ALA E 267 -26.93 42.42 40.52
C ALA E 267 -27.86 41.86 39.45
N GLN E 268 -28.70 40.89 39.82
CA GLN E 268 -29.57 40.26 38.84
C GLN E 268 -30.64 41.22 38.35
N LYS E 269 -31.25 41.98 39.26
CA LYS E 269 -32.34 42.87 38.89
C LYS E 269 -31.88 43.96 37.93
N LEU E 270 -30.70 44.55 38.19
CA LEU E 270 -30.24 45.65 37.36
C LEU E 270 -29.39 45.15 36.21
N LEU E 271 -29.29 43.84 36.03
CA LEU E 271 -28.46 43.30 34.96
C LEU E 271 -28.90 43.77 33.58
N PRO E 272 -30.17 43.71 33.22
CA PRO E 272 -30.58 44.17 31.88
C PRO E 272 -30.91 45.65 31.86
N GLU E 273 -30.05 46.48 32.45
CA GLU E 273 -30.30 47.92 32.50
C GLU E 273 -29.10 48.71 32.00
N VAL E 274 -27.89 48.23 32.28
CA VAL E 274 -26.70 49.00 31.98
C VAL E 274 -26.43 48.99 30.49
N LYS E 275 -25.54 49.87 30.05
CA LYS E 275 -25.15 49.99 28.65
C LYS E 275 -23.67 50.38 28.53
N LEU E 276 -23.12 50.17 27.35
CA LEU E 276 -21.73 50.46 27.07
C LEU E 276 -21.63 51.60 26.07
N ASP E 277 -20.58 52.42 26.21
CA ASP E 277 -20.42 53.59 25.36
C ASP E 277 -19.77 53.20 24.04
N TYR E 278 -20.35 53.69 22.94
CA TYR E 278 -19.77 53.46 21.62
C TYR E 278 -18.40 54.11 21.48
N ASP E 279 -18.23 55.33 22.01
CA ASP E 279 -16.93 55.98 21.96
C ASP E 279 -15.90 55.17 22.74
N LEU E 280 -16.28 54.65 23.91
CA LEU E 280 -15.41 53.73 24.63
C LEU E 280 -15.21 52.44 23.84
N ARG E 281 -16.26 51.95 23.17
CA ARG E 281 -16.14 50.75 22.35
C ARG E 281 -15.13 50.93 21.21
N VAL E 282 -14.92 52.18 20.76
CA VAL E 282 -13.89 52.43 19.77
C VAL E 282 -12.52 52.05 20.33
N LYS E 283 -12.25 52.44 21.58
CA LYS E 283 -11.03 51.99 22.23
C LYS E 283 -11.02 50.47 22.39
N ILE E 284 -12.18 49.90 22.72
CA ILE E 284 -12.30 48.44 22.79
C ILE E 284 -12.08 47.81 21.42
N SER E 285 -12.67 48.38 20.37
CA SER E 285 -12.46 47.85 19.03
C SER E 285 -11.01 48.00 18.59
N GLU E 286 -10.33 49.05 19.08
CA GLU E 286 -8.93 49.25 18.75
C GLU E 286 -8.04 48.15 19.30
N VAL E 287 -8.50 47.41 20.31
CA VAL E 287 -7.71 46.31 20.85
C VAL E 287 -7.50 45.23 19.80
N CYS E 288 -8.53 44.97 19.01
CA CYS E 288 -8.43 43.97 17.94
C CYS E 288 -7.44 44.34 16.85
N SER E 289 -7.13 45.64 16.70
CA SER E 289 -6.20 46.06 15.65
C SER E 289 -4.82 45.44 15.87
N GLU E 290 -4.28 45.57 17.08
CA GLU E 290 -3.00 44.93 17.39
C GLU E 290 -3.19 43.44 17.57
N LEU E 291 -4.39 43.01 17.98
CA LEU E 291 -4.65 41.60 18.18
C LEU E 291 -4.60 40.85 16.87
N ASP E 292 -4.08 39.63 16.90
CA ASP E 292 -3.98 38.78 15.72
C ASP E 292 -4.85 37.53 15.82
N VAL E 293 -5.66 37.41 16.87
CA VAL E 293 -6.52 36.24 17.01
C VAL E 293 -7.75 36.40 16.12
N ASP E 294 -7.99 35.38 15.30
CA ASP E 294 -9.09 35.40 14.33
C ASP E 294 -10.42 35.15 15.02
N GLY E 295 -11.48 35.11 14.21
CA GLY E 295 -12.82 34.90 14.69
C GLY E 295 -13.46 36.11 15.34
N LEU E 296 -12.83 36.67 16.37
CA LEU E 296 -13.30 37.86 17.08
C LEU E 296 -14.65 37.65 17.76
N ARG E 297 -15.17 36.41 17.77
CA ARG E 297 -16.42 36.15 18.49
C ARG E 297 -16.26 36.40 19.98
N GLY E 298 -15.13 35.97 20.55
CA GLY E 298 -14.86 36.26 21.95
C GLY E 298 -14.72 37.74 22.20
N ASP E 299 -14.15 38.48 21.24
CA ASP E 299 -14.07 39.92 21.37
C ASP E 299 -15.46 40.55 21.48
N ILE E 300 -16.41 40.06 20.68
CA ILE E 300 -17.79 40.48 20.83
C ILE E 300 -18.30 40.07 22.21
N VAL E 301 -17.98 38.85 22.63
CA VAL E 301 -18.34 38.43 23.98
C VAL E 301 -17.63 39.27 25.03
N THR E 302 -16.34 39.57 24.80
CA THR E 302 -15.60 40.39 25.74
C THR E 302 -16.22 41.78 25.86
N ASN E 303 -16.67 42.35 24.74
CA ASN E 303 -17.40 43.62 24.80
C ASN E 303 -18.67 43.47 25.62
N ARG E 304 -19.37 42.36 25.46
CA ARG E 304 -20.52 42.07 26.30
C ARG E 304 -20.11 41.64 27.71
N ALA E 305 -18.92 41.07 27.87
CA ALA E 305 -18.49 40.63 29.19
C ALA E 305 -18.34 41.80 30.15
N ALA E 306 -17.75 42.90 29.69
CA ALA E 306 -17.57 44.06 30.56
C ALA E 306 -18.90 44.63 31.02
N LYS E 307 -19.87 44.70 30.10
CA LYS E 307 -21.21 45.16 30.48
C LYS E 307 -21.85 44.21 31.49
N ALA E 308 -21.67 42.91 31.32
CA ALA E 308 -22.21 41.95 32.28
C ALA E 308 -21.57 42.12 33.65
N LEU E 309 -20.28 42.41 33.68
CA LEU E 309 -19.56 42.60 34.94
C LEU E 309 -20.01 43.92 35.59
N THR E 310 -19.45 44.21 36.77
CA THR E 310 -19.71 45.43 37.52
C THR E 310 -21.15 45.51 38.00
N ALA E 311 -21.97 44.51 37.67
CA ALA E 311 -23.33 44.41 38.17
C ALA E 311 -23.38 44.22 39.68
N TYR E 312 -22.51 43.37 40.22
CA TYR E 312 -22.38 43.27 41.68
C TYR E 312 -21.84 44.56 42.27
N GLU E 313 -20.94 45.23 41.53
CA GLU E 313 -20.40 46.52 41.97
C GLU E 313 -21.46 47.60 42.04
N GLY E 314 -22.43 47.60 41.13
CA GLY E 314 -23.50 48.58 41.17
C GLY E 314 -23.19 49.91 40.54
N ARG E 315 -21.99 50.09 40.01
CA ARG E 315 -21.62 51.35 39.37
C ARG E 315 -22.46 51.56 38.10
N THR E 316 -22.78 52.82 37.84
CA THR E 316 -23.56 53.21 36.68
C THR E 316 -22.87 52.86 35.36
N GLU E 317 -21.57 53.11 35.28
CA GLU E 317 -20.79 52.77 34.10
C GLU E 317 -19.64 51.85 34.49
N VAL E 318 -18.84 51.45 33.50
CA VAL E 318 -17.71 50.51 33.77
C VAL E 318 -16.38 51.21 33.44
N THR E 319 -15.49 51.31 34.43
CA THR E 319 -14.16 51.94 34.22
C THR E 319 -13.11 50.85 33.97
N VAL E 320 -11.82 51.23 33.91
CA VAL E 320 -10.72 50.24 33.73
C VAL E 320 -10.99 49.05 34.66
N ASP E 321 -11.56 49.32 35.84
CA ASP E 321 -11.90 48.22 36.79
C ASP E 321 -12.48 47.06 35.99
N ASP E 322 -13.39 47.34 35.06
CA ASP E 322 -14.00 46.32 34.23
C ASP E 322 -13.17 46.06 32.98
N ILE E 323 -12.44 47.08 32.52
CA ILE E 323 -11.68 46.95 31.29
C ILE E 323 -10.38 46.16 31.53
N ARG E 324 -9.52 46.67 32.40
CA ARG E 324 -8.21 46.07 32.60
C ARG E 324 -8.32 44.65 33.16
N ARG E 325 -9.21 44.45 34.14
CA ARG E 325 -9.30 43.14 34.78
C ARG E 325 -9.82 42.08 33.82
N VAL E 326 -10.82 42.42 33.01
CA VAL E 326 -11.46 41.42 32.16
C VAL E 326 -10.77 41.33 30.81
N ILE E 327 -9.75 42.15 30.58
CA ILE E 327 -9.07 42.15 29.29
C ILE E 327 -8.38 40.81 29.05
N THR E 328 -7.43 40.48 29.91
CA THR E 328 -6.70 39.22 29.73
C THR E 328 -7.45 38.05 30.36
N LEU E 329 -8.59 38.31 30.99
CA LEU E 329 -9.35 37.24 31.63
C LEU E 329 -9.82 36.22 30.61
N CYS E 330 -10.31 36.67 29.46
CA CYS E 330 -10.73 35.76 28.41
C CYS E 330 -9.68 35.63 27.32
N LEU E 331 -8.80 36.63 27.22
CA LEU E 331 -7.76 36.67 26.19
C LEU E 331 -6.76 35.54 26.32
N ARG E 332 -6.43 35.08 27.52
CA ARG E 332 -5.49 33.99 27.69
C ARG E 332 -5.97 32.69 27.08
N HIS E 333 -7.28 32.51 26.91
CA HIS E 333 -7.82 31.29 26.32
C HIS E 333 -7.71 31.25 24.81
N ARG E 334 -8.29 32.22 24.11
CA ARG E 334 -8.23 32.27 22.65
C ARG E 334 -7.01 32.99 22.12
N LEU E 335 -5.95 33.09 22.92
CA LEU E 335 -4.73 33.75 22.46
C LEU E 335 -4.12 33.00 21.29
N ARG E 336 -3.62 33.74 20.31
CA ARG E 336 -3.04 33.14 19.12
C ARG E 336 -1.71 32.46 19.42
N ASP E 344 5.59 37.05 26.71
CA ASP E 344 4.62 37.85 27.47
C ASP E 344 3.20 37.54 27.04
N SER E 345 2.59 36.53 27.67
CA SER E 345 1.23 36.15 27.32
C SER E 345 0.24 37.26 27.66
N GLY E 346 0.33 37.80 28.88
CA GLY E 346 -0.58 38.87 29.26
C GLY E 346 0.10 40.22 29.32
N TYR E 347 1.40 40.24 29.62
CA TYR E 347 2.12 41.50 29.74
C TYR E 347 2.13 42.26 28.42
N LYS E 348 2.41 41.57 27.31
CA LYS E 348 2.34 42.21 26.01
C LYS E 348 0.94 42.67 25.70
N VAL E 349 -0.06 41.85 26.02
CA VAL E 349 -1.46 42.25 25.83
C VAL E 349 -1.78 43.45 26.72
N GLU E 350 -1.34 43.40 27.97
CA GLU E 350 -1.54 44.54 28.86
C GLU E 350 -0.82 45.78 28.36
N LYS E 351 0.40 45.61 27.84
CA LYS E 351 1.12 46.73 27.26
C LYS E 351 0.35 47.33 26.08
N VAL E 352 -0.20 46.49 25.20
CA VAL E 352 -1.08 46.99 24.16
C VAL E 352 -2.35 47.57 24.77
N PHE E 353 -2.91 46.90 25.78
CA PHE E 353 -4.09 47.42 26.46
C PHE E 353 -3.80 48.75 27.12
N ALA E 354 -2.62 48.89 27.75
CA ALA E 354 -2.23 50.17 28.31
C ALA E 354 -2.13 51.23 27.23
N ARG E 355 -1.57 50.88 26.08
CA ARG E 355 -1.57 51.80 24.94
C ARG E 355 -2.99 52.06 24.44
N ILE E 356 -3.83 51.02 24.40
CA ILE E 356 -5.20 51.20 23.95
C ILE E 356 -6.00 52.03 24.95
N PHE E 357 -5.89 51.71 26.24
CA PHE E 357 -6.62 52.44 27.27
C PHE E 357 -5.95 53.79 27.53
N GLY E 358 -6.66 54.64 28.25
CA GLY E 358 -6.16 55.97 28.59
C GLY E 358 -5.05 55.92 29.63
#